data_1TBN
# 
_entry.id   1TBN 
# 
_audit_conform.dict_name       mmcif_pdbx.dic 
_audit_conform.dict_version    5.392 
_audit_conform.dict_location   http://mmcif.pdb.org/dictionaries/ascii/mmcif_pdbx.dic 
# 
loop_
_database_2.database_id 
_database_2.database_code 
_database_2.pdbx_database_accession 
_database_2.pdbx_DOI 
PDB   1TBN         pdb_00001tbn 10.2210/pdb1tbn/pdb 
WWPDB D_1000176598 ?            ?                   
# 
loop_
_pdbx_audit_revision_history.ordinal 
_pdbx_audit_revision_history.data_content_type 
_pdbx_audit_revision_history.major_revision 
_pdbx_audit_revision_history.minor_revision 
_pdbx_audit_revision_history.revision_date 
1 'Structure model' 1 0 1998-04-29 
2 'Structure model' 1 1 2008-03-24 
3 'Structure model' 1 2 2011-07-13 
4 'Structure model' 1 3 2022-03-02 
5 'Structure model' 1 4 2024-05-22 
# 
_pdbx_audit_revision_details.ordinal             1 
_pdbx_audit_revision_details.revision_ordinal    1 
_pdbx_audit_revision_details.data_content_type   'Structure model' 
_pdbx_audit_revision_details.provider            repository 
_pdbx_audit_revision_details.type                'Initial release' 
_pdbx_audit_revision_details.description         ? 
_pdbx_audit_revision_details.details             ? 
# 
loop_
_pdbx_audit_revision_group.ordinal 
_pdbx_audit_revision_group.revision_ordinal 
_pdbx_audit_revision_group.data_content_type 
_pdbx_audit_revision_group.group 
1 2 'Structure model' 'Version format compliance' 
2 3 'Structure model' 'Version format compliance' 
3 4 'Structure model' 'Database references'       
4 4 'Structure model' 'Derived calculations'      
5 4 'Structure model' Other                       
6 5 'Structure model' 'Data collection'           
# 
loop_
_pdbx_audit_revision_category.ordinal 
_pdbx_audit_revision_category.revision_ordinal 
_pdbx_audit_revision_category.data_content_type 
_pdbx_audit_revision_category.category 
1 4 'Structure model' database_2            
2 4 'Structure model' pdbx_database_status  
3 4 'Structure model' pdbx_struct_assembly  
4 4 'Structure model' pdbx_struct_oper_list 
5 4 'Structure model' struct_site           
6 5 'Structure model' chem_comp_atom        
7 5 'Structure model' chem_comp_bond        
# 
loop_
_pdbx_audit_revision_item.ordinal 
_pdbx_audit_revision_item.revision_ordinal 
_pdbx_audit_revision_item.data_content_type 
_pdbx_audit_revision_item.item 
1 4 'Structure model' '_database_2.pdbx_DOI'                
2 4 'Structure model' '_database_2.pdbx_database_accession' 
3 4 'Structure model' '_pdbx_database_status.process_site'  
4 4 'Structure model' '_struct_site.pdbx_auth_asym_id'      
5 4 'Structure model' '_struct_site.pdbx_auth_comp_id'      
6 4 'Structure model' '_struct_site.pdbx_auth_seq_id'       
# 
_pdbx_database_status.status_code                     REL 
_pdbx_database_status.entry_id                        1TBN 
_pdbx_database_status.recvd_initial_deposition_date   1997-04-15 
_pdbx_database_status.deposit_site                    ? 
_pdbx_database_status.process_site                    BNL 
_pdbx_database_status.SG_entry                        . 
_pdbx_database_status.pdb_format_compatible           Y 
_pdbx_database_status.status_code_mr                  ? 
_pdbx_database_status.status_code_sf                  ? 
_pdbx_database_status.status_code_cs                  ? 
_pdbx_database_status.status_code_nmr_data            ? 
_pdbx_database_status.methods_development_category    ? 
# 
_pdbx_database_related.db_name        PDB 
_pdbx_database_related.db_id          1TBO 
_pdbx_database_related.details        . 
_pdbx_database_related.content_type   ensemble 
# 
loop_
_audit_author.name 
_audit_author.pdbx_ordinal 
'Xu, R.X.'      1 
'Pawelczyk, T.' 2 
'Xia, T.'       3 
'Brown, S.C.'   4 
# 
loop_
_citation.id 
_citation.title 
_citation.journal_abbrev 
_citation.journal_volume 
_citation.page_first 
_citation.page_last 
_citation.year 
_citation.journal_id_ASTM 
_citation.country 
_citation.journal_id_ISSN 
_citation.journal_id_CSD 
_citation.book_publisher 
_citation.pdbx_database_id_PubMed 
_citation.pdbx_database_id_DOI 
primary 'NMR structure of a protein kinase C-gamma phorbol-binding domain and study of protein-lipid micelle interactions.' 
Biochemistry            36  10709 10717 1997 BICHAW US 0006-2960 0033 ? 9271501 10.1021/bi970833a 
1       'Crystal Structure of the Cys2 Activator-Binding Domain of Protein Kinase C Delta in Complex with Phorbol Ester'    
'Cell(Cambridge,Mass.)' 81  917   ?     1995 CELLB5 US 0092-8674 0998 ? ?       ?                 
2       'Solution Structure of Cysteine-Rich Domain of Protein Kinase C Alpha'                                              
'J.Biochem.(Tokyo)'     117 566   ?     1995 JOBIAO JA 0021-924X 0418 ? ?       ?                 
3       'Solution Structure of a Cysteine Rich Domain of Rat Protein Kinase C'                                              
Nat.Struct.Biol.        1   383   ?     1994 NSBIEW US 1072-8368 2024 ? ?       ?                 
# 
loop_
_citation_author.citation_id 
_citation_author.name 
_citation_author.ordinal 
_citation_author.identifier_ORCID 
primary 'Xu, R.X.'        1  ? 
primary 'Pawelczyk, T.'   2  ? 
primary 'Xia, T.H.'       3  ? 
primary 'Brown, S.C.'     4  ? 
1       'Zhang, G.'       5  ? 
1       'Kazanietz, M.G.' 6  ? 
1       'Blumberg, P.M.'  7  ? 
1       'Hurley, J.H.'    8  ? 
2       'Ichikawa, S.'    9  ? 
2       'Hatanaka, H.'    10 ? 
2       'Takeuchi, Y.'    11 ? 
2       'Ohno, S.'        12 ? 
2       'Inagaki, F.'     13 ? 
3       'Hommel, U.'      14 ? 
3       'Zurini, M.'      15 ? 
3       'Luyten, M.'      16 ? 
# 
loop_
_entity.id 
_entity.type 
_entity.src_method 
_entity.pdbx_description 
_entity.formula_weight 
_entity.pdbx_number_of_molecules 
_entity.pdbx_ec 
_entity.pdbx_mutation 
_entity.pdbx_fragment 
_entity.details 
1 polymer     man 'PROTEIN KINASE C, GAMMA TYPE' 9359.666 1 2.7.1.- ? 'CYS2 DOMAIN' ? 
2 non-polymer syn 'ZINC ION'                     65.409   2 ?       ? ?             ? 
# 
_entity_name_com.entity_id   1 
_entity_name_com.name        'RAT BRAIN PKC-G' 
# 
_entity_poly.entity_id                      1 
_entity_poly.type                           'polypeptide(L)' 
_entity_poly.nstd_linkage                   no 
_entity_poly.nstd_monomer                   no 
_entity_poly.pdbx_seq_one_letter_code       
;GPQTDDPRNKHKFRLHSYSSPTFCDHCGSLLYGLVHQGMKCSCCEMNVHRRCVRSVPSLCGVDHTERRGRLQLEIRAPTS
DE
;
_entity_poly.pdbx_seq_one_letter_code_can   
;GPQTDDPRNKHKFRLHSYSSPTFCDHCGSLLYGLVHQGMKCSCCEMNVHRRCVRSVPSLCGVDHTERRGRLQLEIRAPTS
DE
;
_entity_poly.pdbx_strand_id                 A 
_entity_poly.pdbx_target_identifier         ? 
# 
_pdbx_entity_nonpoly.entity_id   2 
_pdbx_entity_nonpoly.name        'ZINC ION' 
_pdbx_entity_nonpoly.comp_id     ZN 
# 
loop_
_entity_poly_seq.entity_id 
_entity_poly_seq.num 
_entity_poly_seq.mon_id 
_entity_poly_seq.hetero 
1 1  GLY n 
1 2  PRO n 
1 3  GLN n 
1 4  THR n 
1 5  ASP n 
1 6  ASP n 
1 7  PRO n 
1 8  ARG n 
1 9  ASN n 
1 10 LYS n 
1 11 HIS n 
1 12 LYS n 
1 13 PHE n 
1 14 ARG n 
1 15 LEU n 
1 16 HIS n 
1 17 SER n 
1 18 TYR n 
1 19 SER n 
1 20 SER n 
1 21 PRO n 
1 22 THR n 
1 23 PHE n 
1 24 CYS n 
1 25 ASP n 
1 26 HIS n 
1 27 CYS n 
1 28 GLY n 
1 29 SER n 
1 30 LEU n 
1 31 LEU n 
1 32 TYR n 
1 33 GLY n 
1 34 LEU n 
1 35 VAL n 
1 36 HIS n 
1 37 GLN n 
1 38 GLY n 
1 39 MET n 
1 40 LYS n 
1 41 CYS n 
1 42 SER n 
1 43 CYS n 
1 44 CYS n 
1 45 GLU n 
1 46 MET n 
1 47 ASN n 
1 48 VAL n 
1 49 HIS n 
1 50 ARG n 
1 51 ARG n 
1 52 CYS n 
1 53 VAL n 
1 54 ARG n 
1 55 SER n 
1 56 VAL n 
1 57 PRO n 
1 58 SER n 
1 59 LEU n 
1 60 CYS n 
1 61 GLY n 
1 62 VAL n 
1 63 ASP n 
1 64 HIS n 
1 65 THR n 
1 66 GLU n 
1 67 ARG n 
1 68 ARG n 
1 69 GLY n 
1 70 ARG n 
1 71 LEU n 
1 72 GLN n 
1 73 LEU n 
1 74 GLU n 
1 75 ILE n 
1 76 ARG n 
1 77 ALA n 
1 78 PRO n 
1 79 THR n 
1 80 SER n 
1 81 ASP n 
1 82 GLU n 
# 
_entity_src_gen.entity_id                          1 
_entity_src_gen.pdbx_src_id                        1 
_entity_src_gen.pdbx_alt_source_flag               sample 
_entity_src_gen.pdbx_seq_type                      ? 
_entity_src_gen.pdbx_beg_seq_num                   ? 
_entity_src_gen.pdbx_end_seq_num                   ? 
_entity_src_gen.gene_src_common_name               'black rat' 
_entity_src_gen.gene_src_genus                     Rattus 
_entity_src_gen.pdbx_gene_src_gene                 ? 
_entity_src_gen.gene_src_species                   ? 
_entity_src_gen.gene_src_strain                    ? 
_entity_src_gen.gene_src_tissue                    ? 
_entity_src_gen.gene_src_tissue_fraction           ? 
_entity_src_gen.gene_src_details                   ? 
_entity_src_gen.pdbx_gene_src_fragment             ? 
_entity_src_gen.pdbx_gene_src_scientific_name      'Rattus rattus' 
_entity_src_gen.pdbx_gene_src_ncbi_taxonomy_id     10117 
_entity_src_gen.pdbx_gene_src_variant              ? 
_entity_src_gen.pdbx_gene_src_cell_line            ? 
_entity_src_gen.pdbx_gene_src_atcc                 ? 
_entity_src_gen.pdbx_gene_src_organ                BRAIN 
_entity_src_gen.pdbx_gene_src_organelle            ? 
_entity_src_gen.pdbx_gene_src_cell                 ? 
_entity_src_gen.pdbx_gene_src_cellular_location    ? 
_entity_src_gen.host_org_common_name               ? 
_entity_src_gen.pdbx_host_org_scientific_name      'Escherichia coli BL21' 
_entity_src_gen.pdbx_host_org_ncbi_taxonomy_id     511693 
_entity_src_gen.host_org_genus                     Escherichia 
_entity_src_gen.pdbx_host_org_gene                 ? 
_entity_src_gen.pdbx_host_org_organ                ? 
_entity_src_gen.host_org_species                   'Escherichia coli' 
_entity_src_gen.pdbx_host_org_tissue               ? 
_entity_src_gen.pdbx_host_org_tissue_fraction      ? 
_entity_src_gen.pdbx_host_org_strain               BL21 
_entity_src_gen.pdbx_host_org_variant              ? 
_entity_src_gen.pdbx_host_org_cell_line            ? 
_entity_src_gen.pdbx_host_org_atcc                 ? 
_entity_src_gen.pdbx_host_org_culture_collection   ? 
_entity_src_gen.pdbx_host_org_cell                 ? 
_entity_src_gen.pdbx_host_org_organelle            ? 
_entity_src_gen.pdbx_host_org_cellular_location    ? 
_entity_src_gen.pdbx_host_org_vector_type          ? 
_entity_src_gen.pdbx_host_org_vector               ? 
_entity_src_gen.host_org_details                   ? 
_entity_src_gen.expression_system_id               ? 
_entity_src_gen.plasmid_name                       ? 
_entity_src_gen.plasmid_details                    ? 
_entity_src_gen.pdbx_description                   ? 
# 
loop_
_chem_comp.id 
_chem_comp.type 
_chem_comp.mon_nstd_flag 
_chem_comp.name 
_chem_comp.pdbx_synonyms 
_chem_comp.formula 
_chem_comp.formula_weight 
ALA 'L-peptide linking' y ALANINE         ? 'C3 H7 N O2'     89.093  
ARG 'L-peptide linking' y ARGININE        ? 'C6 H15 N4 O2 1' 175.209 
ASN 'L-peptide linking' y ASPARAGINE      ? 'C4 H8 N2 O3'    132.118 
ASP 'L-peptide linking' y 'ASPARTIC ACID' ? 'C4 H7 N O4'     133.103 
CYS 'L-peptide linking' y CYSTEINE        ? 'C3 H7 N O2 S'   121.158 
GLN 'L-peptide linking' y GLUTAMINE       ? 'C5 H10 N2 O3'   146.144 
GLU 'L-peptide linking' y 'GLUTAMIC ACID' ? 'C5 H9 N O4'     147.129 
GLY 'peptide linking'   y GLYCINE         ? 'C2 H5 N O2'     75.067  
HIS 'L-peptide linking' y HISTIDINE       ? 'C6 H10 N3 O2 1' 156.162 
ILE 'L-peptide linking' y ISOLEUCINE      ? 'C6 H13 N O2'    131.173 
LEU 'L-peptide linking' y LEUCINE         ? 'C6 H13 N O2'    131.173 
LYS 'L-peptide linking' y LYSINE          ? 'C6 H15 N2 O2 1' 147.195 
MET 'L-peptide linking' y METHIONINE      ? 'C5 H11 N O2 S'  149.211 
PHE 'L-peptide linking' y PHENYLALANINE   ? 'C9 H11 N O2'    165.189 
PRO 'L-peptide linking' y PROLINE         ? 'C5 H9 N O2'     115.130 
SER 'L-peptide linking' y SERINE          ? 'C3 H7 N O3'     105.093 
THR 'L-peptide linking' y THREONINE       ? 'C4 H9 N O3'     119.119 
TYR 'L-peptide linking' y TYROSINE        ? 'C9 H11 N O3'    181.189 
VAL 'L-peptide linking' y VALINE          ? 'C5 H11 N O2'    117.146 
ZN  non-polymer         . 'ZINC ION'      ? 'Zn 2'           65.409  
# 
loop_
_pdbx_poly_seq_scheme.asym_id 
_pdbx_poly_seq_scheme.entity_id 
_pdbx_poly_seq_scheme.seq_id 
_pdbx_poly_seq_scheme.mon_id 
_pdbx_poly_seq_scheme.ndb_seq_num 
_pdbx_poly_seq_scheme.pdb_seq_num 
_pdbx_poly_seq_scheme.auth_seq_num 
_pdbx_poly_seq_scheme.pdb_mon_id 
_pdbx_poly_seq_scheme.auth_mon_id 
_pdbx_poly_seq_scheme.pdb_strand_id 
_pdbx_poly_seq_scheme.pdb_ins_code 
_pdbx_poly_seq_scheme.hetero 
A 1 1  GLY 1  92  ?   ?   ?   A . n 
A 1 2  PRO 2  93  ?   ?   ?   A . n 
A 1 3  GLN 3  94  94  GLN GLN A . n 
A 1 4  THR 4  95  95  THR THR A . n 
A 1 5  ASP 5  96  96  ASP ASP A . n 
A 1 6  ASP 6  97  97  ASP ASP A . n 
A 1 7  PRO 7  98  98  PRO PRO A . n 
A 1 8  ARG 8  99  99  ARG ARG A . n 
A 1 9  ASN 9  100 100 ASN ASN A . n 
A 1 10 LYS 10 101 101 LYS LYS A . n 
A 1 11 HIS 11 102 102 HIS HIS A . n 
A 1 12 LYS 12 103 103 LYS LYS A . n 
A 1 13 PHE 13 104 104 PHE PHE A . n 
A 1 14 ARG 14 105 105 ARG ARG A . n 
A 1 15 LEU 15 106 106 LEU LEU A . n 
A 1 16 HIS 16 107 107 HIS HIS A . n 
A 1 17 SER 17 108 108 SER SER A . n 
A 1 18 TYR 18 109 109 TYR TYR A . n 
A 1 19 SER 19 110 110 SER SER A . n 
A 1 20 SER 20 111 111 SER SER A . n 
A 1 21 PRO 21 112 112 PRO PRO A . n 
A 1 22 THR 22 113 113 THR THR A . n 
A 1 23 PHE 23 114 114 PHE PHE A . n 
A 1 24 CYS 24 115 115 CYS CYS A . n 
A 1 25 ASP 25 116 116 ASP ASP A . n 
A 1 26 HIS 26 117 117 HIS HIS A . n 
A 1 27 CYS 27 118 118 CYS CYS A . n 
A 1 28 GLY 28 119 119 GLY GLY A . n 
A 1 29 SER 29 120 120 SER SER A . n 
A 1 30 LEU 30 121 121 LEU LEU A . n 
A 1 31 LEU 31 122 122 LEU LEU A . n 
A 1 32 TYR 32 123 123 TYR TYR A . n 
A 1 33 GLY 33 124 124 GLY GLY A . n 
A 1 34 LEU 34 125 125 LEU LEU A . n 
A 1 35 VAL 35 126 126 VAL VAL A . n 
A 1 36 HIS 36 127 127 HIS HIS A . n 
A 1 37 GLN 37 128 128 GLN GLN A . n 
A 1 38 GLY 38 129 129 GLY GLY A . n 
A 1 39 MET 39 130 130 MET MET A . n 
A 1 40 LYS 40 131 131 LYS LYS A . n 
A 1 41 CYS 41 132 132 CYS CYS A . n 
A 1 42 SER 42 133 133 SER SER A . n 
A 1 43 CYS 43 134 134 CYS CYS A . n 
A 1 44 CYS 44 135 135 CYS CYS A . n 
A 1 45 GLU 45 136 136 GLU GLU A . n 
A 1 46 MET 46 137 137 MET MET A . n 
A 1 47 ASN 47 138 138 ASN ASN A . n 
A 1 48 VAL 48 139 139 VAL VAL A . n 
A 1 49 HIS 49 140 140 HIS HIS A . n 
A 1 50 ARG 50 141 141 ARG ARG A . n 
A 1 51 ARG 51 142 142 ARG ARG A . n 
A 1 52 CYS 52 143 143 CYS CYS A . n 
A 1 53 VAL 53 144 144 VAL VAL A . n 
A 1 54 ARG 54 145 145 ARG ARG A . n 
A 1 55 SER 55 146 146 SER SER A . n 
A 1 56 VAL 56 147 147 VAL VAL A . n 
A 1 57 PRO 57 148 148 PRO PRO A . n 
A 1 58 SER 58 149 149 SER SER A . n 
A 1 59 LEU 59 150 150 LEU LEU A . n 
A 1 60 CYS 60 151 151 CYS CYS A . n 
A 1 61 GLY 61 152 152 GLY GLY A . n 
A 1 62 VAL 62 153 153 VAL VAL A . n 
A 1 63 ASP 63 154 154 ASP ASP A . n 
A 1 64 HIS 64 155 155 HIS HIS A . n 
A 1 65 THR 65 156 156 THR THR A . n 
A 1 66 GLU 66 157 157 GLU GLU A . n 
A 1 67 ARG 67 158 158 ARG ARG A . n 
A 1 68 ARG 68 159 159 ARG ARG A . n 
A 1 69 GLY 69 160 ?   ?   ?   A . n 
A 1 70 ARG 70 161 ?   ?   ?   A . n 
A 1 71 LEU 71 162 ?   ?   ?   A . n 
A 1 72 GLN 72 163 ?   ?   ?   A . n 
A 1 73 LEU 73 164 ?   ?   ?   A . n 
A 1 74 GLU 74 165 ?   ?   ?   A . n 
A 1 75 ILE 75 166 ?   ?   ?   A . n 
A 1 76 ARG 76 167 ?   ?   ?   A . n 
A 1 77 ALA 77 168 ?   ?   ?   A . n 
A 1 78 PRO 78 169 ?   ?   ?   A . n 
A 1 79 THR 79 170 ?   ?   ?   A . n 
A 1 80 SER 80 171 ?   ?   ?   A . n 
A 1 81 ASP 81 172 ?   ?   ?   A . n 
A 1 82 GLU 82 173 ?   ?   ?   A . n 
# 
loop_
_pdbx_nonpoly_scheme.asym_id 
_pdbx_nonpoly_scheme.entity_id 
_pdbx_nonpoly_scheme.mon_id 
_pdbx_nonpoly_scheme.ndb_seq_num 
_pdbx_nonpoly_scheme.pdb_seq_num 
_pdbx_nonpoly_scheme.auth_seq_num 
_pdbx_nonpoly_scheme.pdb_mon_id 
_pdbx_nonpoly_scheme.auth_mon_id 
_pdbx_nonpoly_scheme.pdb_strand_id 
_pdbx_nonpoly_scheme.pdb_ins_code 
B 2 ZN 1 1 1 ZN ZN A . 
C 2 ZN 1 2 2 ZN ZN A . 
# 
loop_
_software.name 
_software.classification 
_software.version 
_software.citation_id 
_software.pdbx_ordinal 
X-PLOR 'model building' . ? 1 
X-PLOR refinement       . ? 2 
X-PLOR phasing          . ? 3 
# 
_cell.entry_id           1TBN 
_cell.length_a           1.000 
_cell.length_b           1.000 
_cell.length_c           1.000 
_cell.angle_alpha        90.00 
_cell.angle_beta         90.00 
_cell.angle_gamma        90.00 
_cell.Z_PDB              1 
_cell.pdbx_unique_axis   ? 
# 
_symmetry.entry_id                         1TBN 
_symmetry.space_group_name_H-M             'P 1' 
_symmetry.pdbx_full_space_group_name_H-M   ? 
_symmetry.cell_setting                     ? 
_symmetry.Int_Tables_number                1 
# 
_exptl.entry_id          1TBN 
_exptl.method            'SOLUTION NMR' 
_exptl.crystals_number   ? 
# 
_struct.entry_id                  1TBN 
_struct.title                     'NMR STRUCTURE OF A PROTEIN KINASE C-G PHORBOL-BINDING DOMAIN, MINIMIZED AVERAGE STRUCTURE' 
_struct.pdbx_model_details        ? 
_struct.pdbx_CASP_flag            ? 
_struct.pdbx_model_type_details   ? 
# 
_struct_keywords.entry_id        1TBN 
_struct_keywords.pdbx_keywords   'CALCIUM-BINDING PROTEIN' 
_struct_keywords.text            'CALCIUM-BINDING PROTEIN, PROTEIN KINASE C, PKC, TRANSFERASE' 
# 
loop_
_struct_asym.id 
_struct_asym.pdbx_blank_PDB_chainid_flag 
_struct_asym.pdbx_modified 
_struct_asym.entity_id 
_struct_asym.details 
A Y N 1 ? 
B N N 2 ? 
C N N 2 ? 
# 
_struct_ref.id                         1 
_struct_ref.db_name                    UNP 
_struct_ref.db_code                    KPCG_MOUSE 
_struct_ref.entity_id                  1 
_struct_ref.pdbx_db_accession          P05697 
_struct_ref.pdbx_align_begin           1 
_struct_ref.pdbx_seq_one_letter_code   
;MAGLGPGGGDSEGGPRPLFCRKGALRQKVVHEVKSHKFTARFFKQPTFCSHCTDFIWGIGKQGLQCQVCSFVVHRRCHEF
VTFECPGAGKGPQTDDPRNKHKFRLHSYSSPTFCDHCGSLLYGLVHQGMKCSCCEMNVHRRCVRSVPSLCGVDHTERRGR
LQLEIRAPTSDEIHITVGEARNLIPMDPNGLSDPYVKLKLIPDPRNLTKQKTKTVKATLNPVWNETFVFNLKPGDVERRL
SVEVWDWDRTSRNDFMGAMSFGVSELLKAPVDGWYKLLNQEEGEYYNVPVADADNCSLLQKFEACNYPLELYERVRMGPS
SSPIPSPSPSPTDSKRCFFGASPGRLHISDFSFLMVLGKGSFGKVMLAERRGSDELYAIKILKKDVIVQDDDVDCTLVEK
RVLALGGRGPGGRPHFLTQLHSTFQTPDRLYFVMEYVTGGDLMYHIQQLGKFKEPHAAFYAAEIAIGLFFLHNQGIIYRD
LKLDNVMLDAEGHIKITDFGMCKENVFPGSTTRTFCGTPDYIAPEIIAYQPYGKSVDWWSFGVLLYEMLAGQPPFDGEDE
EELFQAIMEQTVTYPKSLSREAVAICKGFLTKHPGKRLGSGPDGEPTIRAHGFFRWIDWERLERLEIAPPFRPRPCGRSG
ENFDKFFTRAAPALTPPDRLVLASIDQADFQGFTYVNPDFVHPDARSPTSPVPVPVM
;
_struct_ref.pdbx_db_isoform            ? 
# 
_struct_ref_seq.align_id                      1 
_struct_ref_seq.ref_id                        1 
_struct_ref_seq.pdbx_PDB_id_code              1TBN 
_struct_ref_seq.pdbx_strand_id                A 
_struct_ref_seq.seq_align_beg                 1 
_struct_ref_seq.pdbx_seq_align_beg_ins_code   ? 
_struct_ref_seq.seq_align_end                 82 
_struct_ref_seq.pdbx_seq_align_end_ins_code   ? 
_struct_ref_seq.pdbx_db_accession             P05697 
_struct_ref_seq.db_align_beg                  91 
_struct_ref_seq.pdbx_db_align_beg_ins_code    ? 
_struct_ref_seq.db_align_end                  172 
_struct_ref_seq.pdbx_db_align_end_ins_code    ? 
_struct_ref_seq.pdbx_auth_seq_align_beg       92 
_struct_ref_seq.pdbx_auth_seq_align_end       173 
# 
_pdbx_struct_assembly.id                   1 
_pdbx_struct_assembly.details              author_defined_assembly 
_pdbx_struct_assembly.method_details       ? 
_pdbx_struct_assembly.oligomeric_details   monomeric 
_pdbx_struct_assembly.oligomeric_count     1 
# 
_pdbx_struct_assembly_gen.assembly_id       1 
_pdbx_struct_assembly_gen.oper_expression   1 
_pdbx_struct_assembly_gen.asym_id_list      A,B,C 
# 
_pdbx_struct_oper_list.id                   1 
_pdbx_struct_oper_list.type                 'identity operation' 
_pdbx_struct_oper_list.name                 1_555 
_pdbx_struct_oper_list.symmetry_operation   x,y,z 
_pdbx_struct_oper_list.matrix[1][1]         1.0000000000 
_pdbx_struct_oper_list.matrix[1][2]         0.0000000000 
_pdbx_struct_oper_list.matrix[1][3]         0.0000000000 
_pdbx_struct_oper_list.vector[1]            0.0000000000 
_pdbx_struct_oper_list.matrix[2][1]         0.0000000000 
_pdbx_struct_oper_list.matrix[2][2]         1.0000000000 
_pdbx_struct_oper_list.matrix[2][3]         0.0000000000 
_pdbx_struct_oper_list.vector[2]            0.0000000000 
_pdbx_struct_oper_list.matrix[3][1]         0.0000000000 
_pdbx_struct_oper_list.matrix[3][2]         0.0000000000 
_pdbx_struct_oper_list.matrix[3][3]         1.0000000000 
_pdbx_struct_oper_list.vector[3]            0.0000000000 
# 
_struct_biol.id   1 
# 
loop_
_struct_conn.id 
_struct_conn.conn_type_id 
_struct_conn.pdbx_leaving_atom_flag 
_struct_conn.pdbx_PDB_id 
_struct_conn.ptnr1_label_asym_id 
_struct_conn.ptnr1_label_comp_id 
_struct_conn.ptnr1_label_seq_id 
_struct_conn.ptnr1_label_atom_id 
_struct_conn.pdbx_ptnr1_label_alt_id 
_struct_conn.pdbx_ptnr1_PDB_ins_code 
_struct_conn.pdbx_ptnr1_standard_comp_id 
_struct_conn.ptnr1_symmetry 
_struct_conn.ptnr2_label_asym_id 
_struct_conn.ptnr2_label_comp_id 
_struct_conn.ptnr2_label_seq_id 
_struct_conn.ptnr2_label_atom_id 
_struct_conn.pdbx_ptnr2_label_alt_id 
_struct_conn.pdbx_ptnr2_PDB_ins_code 
_struct_conn.ptnr1_auth_asym_id 
_struct_conn.ptnr1_auth_comp_id 
_struct_conn.ptnr1_auth_seq_id 
_struct_conn.ptnr2_auth_asym_id 
_struct_conn.ptnr2_auth_comp_id 
_struct_conn.ptnr2_auth_seq_id 
_struct_conn.ptnr2_symmetry 
_struct_conn.pdbx_ptnr3_label_atom_id 
_struct_conn.pdbx_ptnr3_label_seq_id 
_struct_conn.pdbx_ptnr3_label_comp_id 
_struct_conn.pdbx_ptnr3_label_asym_id 
_struct_conn.pdbx_ptnr3_label_alt_id 
_struct_conn.pdbx_ptnr3_PDB_ins_code 
_struct_conn.details 
_struct_conn.pdbx_dist_value 
_struct_conn.pdbx_value_order 
_struct_conn.pdbx_role 
metalc1 metalc ? ? B ZN . ZN ? ? ? 1_555 A HIS 11 ND1 ? ? A ZN 1 A HIS 102 1_555 ? ? ? ? ? ? ? 2.002 ? ? 
metalc2 metalc ? ? B ZN . ZN ? ? ? 1_555 A CYS 41 SG  ? ? A ZN 1 A CYS 132 1_555 ? ? ? ? ? ? ? 2.303 ? ? 
metalc3 metalc ? ? B ZN . ZN ? ? ? 1_555 A CYS 44 SG  ? ? A ZN 1 A CYS 135 1_555 ? ? ? ? ? ? ? 2.300 ? ? 
metalc4 metalc ? ? B ZN . ZN ? ? ? 1_555 A CYS 60 SG  ? ? A ZN 1 A CYS 151 1_555 ? ? ? ? ? ? ? 2.300 ? ? 
metalc5 metalc ? ? C ZN . ZN ? ? ? 1_555 A CYS 24 SG  ? ? A ZN 2 A CYS 115 1_555 ? ? ? ? ? ? ? 2.298 ? ? 
metalc6 metalc ? ? C ZN . ZN ? ? ? 1_555 A CYS 27 SG  ? ? A ZN 2 A CYS 118 1_555 ? ? ? ? ? ? ? 2.299 ? ? 
metalc7 metalc ? ? C ZN . ZN ? ? ? 1_555 A HIS 49 ND1 ? ? A ZN 2 A HIS 140 1_555 ? ? ? ? ? ? ? 2.004 ? ? 
metalc8 metalc ? ? C ZN . ZN ? ? ? 1_555 A CYS 52 SG  ? ? A ZN 2 A CYS 143 1_555 ? ? ? ? ? ? ? 2.301 ? ? 
# 
_struct_conn_type.id          metalc 
_struct_conn_type.criteria    ? 
_struct_conn_type.reference   ? 
# 
loop_
_pdbx_struct_conn_angle.id 
_pdbx_struct_conn_angle.ptnr1_label_atom_id 
_pdbx_struct_conn_angle.ptnr1_label_alt_id 
_pdbx_struct_conn_angle.ptnr1_label_asym_id 
_pdbx_struct_conn_angle.ptnr1_label_comp_id 
_pdbx_struct_conn_angle.ptnr1_label_seq_id 
_pdbx_struct_conn_angle.ptnr1_auth_atom_id 
_pdbx_struct_conn_angle.ptnr1_auth_asym_id 
_pdbx_struct_conn_angle.ptnr1_auth_comp_id 
_pdbx_struct_conn_angle.ptnr1_auth_seq_id 
_pdbx_struct_conn_angle.ptnr1_PDB_ins_code 
_pdbx_struct_conn_angle.ptnr1_symmetry 
_pdbx_struct_conn_angle.ptnr2_label_atom_id 
_pdbx_struct_conn_angle.ptnr2_label_alt_id 
_pdbx_struct_conn_angle.ptnr2_label_asym_id 
_pdbx_struct_conn_angle.ptnr2_label_comp_id 
_pdbx_struct_conn_angle.ptnr2_label_seq_id 
_pdbx_struct_conn_angle.ptnr2_auth_atom_id 
_pdbx_struct_conn_angle.ptnr2_auth_asym_id 
_pdbx_struct_conn_angle.ptnr2_auth_comp_id 
_pdbx_struct_conn_angle.ptnr2_auth_seq_id 
_pdbx_struct_conn_angle.ptnr2_PDB_ins_code 
_pdbx_struct_conn_angle.ptnr2_symmetry 
_pdbx_struct_conn_angle.ptnr3_label_atom_id 
_pdbx_struct_conn_angle.ptnr3_label_alt_id 
_pdbx_struct_conn_angle.ptnr3_label_asym_id 
_pdbx_struct_conn_angle.ptnr3_label_comp_id 
_pdbx_struct_conn_angle.ptnr3_label_seq_id 
_pdbx_struct_conn_angle.ptnr3_auth_atom_id 
_pdbx_struct_conn_angle.ptnr3_auth_asym_id 
_pdbx_struct_conn_angle.ptnr3_auth_comp_id 
_pdbx_struct_conn_angle.ptnr3_auth_seq_id 
_pdbx_struct_conn_angle.ptnr3_PDB_ins_code 
_pdbx_struct_conn_angle.ptnr3_symmetry 
_pdbx_struct_conn_angle.value 
_pdbx_struct_conn_angle.value_esd 
1  ND1 ? A HIS 11 ? A HIS 102 ? 1_555 ZN ? B ZN . ? A ZN 1 ? 1_555 SG  ? A CYS 41 ? A CYS 132 ? 1_555 117.6 ? 
2  ND1 ? A HIS 11 ? A HIS 102 ? 1_555 ZN ? B ZN . ? A ZN 1 ? 1_555 SG  ? A CYS 44 ? A CYS 135 ? 1_555 112.3 ? 
3  SG  ? A CYS 41 ? A CYS 132 ? 1_555 ZN ? B ZN . ? A ZN 1 ? 1_555 SG  ? A CYS 44 ? A CYS 135 ? 1_555 109.6 ? 
4  ND1 ? A HIS 11 ? A HIS 102 ? 1_555 ZN ? B ZN . ? A ZN 1 ? 1_555 SG  ? A CYS 60 ? A CYS 151 ? 1_555 93.8  ? 
5  SG  ? A CYS 41 ? A CYS 132 ? 1_555 ZN ? B ZN . ? A ZN 1 ? 1_555 SG  ? A CYS 60 ? A CYS 151 ? 1_555 99.9  ? 
6  SG  ? A CYS 44 ? A CYS 135 ? 1_555 ZN ? B ZN . ? A ZN 1 ? 1_555 SG  ? A CYS 60 ? A CYS 151 ? 1_555 123.1 ? 
7  SG  ? A CYS 24 ? A CYS 115 ? 1_555 ZN ? C ZN . ? A ZN 2 ? 1_555 SG  ? A CYS 27 ? A CYS 118 ? 1_555 85.4  ? 
8  SG  ? A CYS 24 ? A CYS 115 ? 1_555 ZN ? C ZN . ? A ZN 2 ? 1_555 ND1 ? A HIS 49 ? A HIS 140 ? 1_555 97.9  ? 
9  SG  ? A CYS 27 ? A CYS 118 ? 1_555 ZN ? C ZN . ? A ZN 2 ? 1_555 ND1 ? A HIS 49 ? A HIS 140 ? 1_555 88.9  ? 
10 SG  ? A CYS 24 ? A CYS 115 ? 1_555 ZN ? C ZN . ? A ZN 2 ? 1_555 SG  ? A CYS 52 ? A CYS 143 ? 1_555 133.8 ? 
11 SG  ? A CYS 27 ? A CYS 118 ? 1_555 ZN ? C ZN . ? A ZN 2 ? 1_555 SG  ? A CYS 52 ? A CYS 143 ? 1_555 124.1 ? 
12 ND1 ? A HIS 49 ? A HIS 140 ? 1_555 ZN ? C ZN . ? A ZN 2 ? 1_555 SG  ? A CYS 52 ? A CYS 143 ? 1_555 115.4 ? 
# 
_struct_sheet.id               A 
_struct_sheet.type             ? 
_struct_sheet.number_strands   2 
_struct_sheet.details          ? 
# 
_struct_sheet_order.sheet_id     A 
_struct_sheet_order.range_id_1   1 
_struct_sheet_order.range_id_2   2 
_struct_sheet_order.offset       ? 
_struct_sheet_order.sense        anti-parallel 
# 
loop_
_struct_sheet_range.sheet_id 
_struct_sheet_range.id 
_struct_sheet_range.beg_label_comp_id 
_struct_sheet_range.beg_label_asym_id 
_struct_sheet_range.beg_label_seq_id 
_struct_sheet_range.pdbx_beg_PDB_ins_code 
_struct_sheet_range.end_label_comp_id 
_struct_sheet_range.end_label_asym_id 
_struct_sheet_range.end_label_seq_id 
_struct_sheet_range.pdbx_end_PDB_ins_code 
_struct_sheet_range.beg_auth_comp_id 
_struct_sheet_range.beg_auth_asym_id 
_struct_sheet_range.beg_auth_seq_id 
_struct_sheet_range.end_auth_comp_id 
_struct_sheet_range.end_auth_asym_id 
_struct_sheet_range.end_auth_seq_id 
A 1 PHE A 13 ? LEU A 15 ? PHE A 104 LEU A 106 
A 2 MET A 39 ? CYS A 41 ? MET A 130 CYS A 132 
# 
_pdbx_struct_sheet_hbond.sheet_id                A 
_pdbx_struct_sheet_hbond.range_id_1              1 
_pdbx_struct_sheet_hbond.range_id_2              2 
_pdbx_struct_sheet_hbond.range_1_label_atom_id   O 
_pdbx_struct_sheet_hbond.range_1_label_comp_id   ARG 
_pdbx_struct_sheet_hbond.range_1_label_asym_id   A 
_pdbx_struct_sheet_hbond.range_1_label_seq_id    14 
_pdbx_struct_sheet_hbond.range_1_PDB_ins_code    ? 
_pdbx_struct_sheet_hbond.range_1_auth_atom_id    O 
_pdbx_struct_sheet_hbond.range_1_auth_comp_id    ARG 
_pdbx_struct_sheet_hbond.range_1_auth_asym_id    A 
_pdbx_struct_sheet_hbond.range_1_auth_seq_id     105 
_pdbx_struct_sheet_hbond.range_2_label_atom_id   N 
_pdbx_struct_sheet_hbond.range_2_label_comp_id   LYS 
_pdbx_struct_sheet_hbond.range_2_label_asym_id   A 
_pdbx_struct_sheet_hbond.range_2_label_seq_id    40 
_pdbx_struct_sheet_hbond.range_2_PDB_ins_code    ? 
_pdbx_struct_sheet_hbond.range_2_auth_atom_id    N 
_pdbx_struct_sheet_hbond.range_2_auth_comp_id    LYS 
_pdbx_struct_sheet_hbond.range_2_auth_asym_id    A 
_pdbx_struct_sheet_hbond.range_2_auth_seq_id     131 
# 
loop_
_struct_site.id 
_struct_site.pdbx_evidence_code 
_struct_site.pdbx_auth_asym_id 
_struct_site.pdbx_auth_comp_id 
_struct_site.pdbx_auth_seq_id 
_struct_site.pdbx_auth_ins_code 
_struct_site.pdbx_num_residues 
_struct_site.details 
AC1 Software A ZN 1 ? 4 'BINDING SITE FOR RESIDUE ZN A 1' 
AC2 Software A ZN 2 ? 4 'BINDING SITE FOR RESIDUE ZN A 2' 
# 
loop_
_struct_site_gen.id 
_struct_site_gen.site_id 
_struct_site_gen.pdbx_num_res 
_struct_site_gen.label_comp_id 
_struct_site_gen.label_asym_id 
_struct_site_gen.label_seq_id 
_struct_site_gen.pdbx_auth_ins_code 
_struct_site_gen.auth_comp_id 
_struct_site_gen.auth_asym_id 
_struct_site_gen.auth_seq_id 
_struct_site_gen.label_atom_id 
_struct_site_gen.label_alt_id 
_struct_site_gen.symmetry 
_struct_site_gen.details 
1 AC1 4 HIS A 11 ? HIS A 102 . ? 1_555 ? 
2 AC1 4 CYS A 41 ? CYS A 132 . ? 1_555 ? 
3 AC1 4 CYS A 44 ? CYS A 135 . ? 1_555 ? 
4 AC1 4 CYS A 60 ? CYS A 151 . ? 1_555 ? 
5 AC2 4 CYS A 24 ? CYS A 115 . ? 1_555 ? 
6 AC2 4 CYS A 27 ? CYS A 118 . ? 1_555 ? 
7 AC2 4 HIS A 49 ? HIS A 140 . ? 1_555 ? 
8 AC2 4 CYS A 52 ? CYS A 143 . ? 1_555 ? 
# 
loop_
_pdbx_validate_torsion.id 
_pdbx_validate_torsion.PDB_model_num 
_pdbx_validate_torsion.auth_comp_id 
_pdbx_validate_torsion.auth_asym_id 
_pdbx_validate_torsion.auth_seq_id 
_pdbx_validate_torsion.PDB_ins_code 
_pdbx_validate_torsion.label_alt_id 
_pdbx_validate_torsion.phi 
_pdbx_validate_torsion.psi 
1  1 ASP A 97  ? ? -157.83 63.29   
2  1 ARG A 99  ? ? -99.71  56.63   
3  1 ASN A 100 ? ? -93.87  39.79   
4  1 SER A 108 ? ? -140.36 53.25   
5  1 SER A 110 ? ? 178.90  -33.33  
6  1 TYR A 123 ? ? -50.20  -178.62 
7  1 HIS A 127 ? ? -44.38  95.49   
8  1 GLN A 128 ? ? 67.39   -144.53 
9  1 SER A 133 ? ? -84.40  44.97   
10 1 CYS A 134 ? ? -148.70 -39.44  
11 1 GLU A 136 ? ? 70.66   80.25   
12 1 PRO A 148 ? ? -80.58  40.81   
13 1 SER A 149 ? ? 44.15   74.65   
14 1 LEU A 150 ? ? -101.71 55.38   
15 1 ASP A 154 ? ? -55.17  -90.27  
16 1 HIS A 155 ? ? 163.62  -170.25 
17 1 GLU A 157 ? ? -45.76  170.97  
18 1 ARG A 158 ? ? -105.98 56.52   
# 
loop_
_pdbx_validate_planes.id 
_pdbx_validate_planes.PDB_model_num 
_pdbx_validate_planes.auth_comp_id 
_pdbx_validate_planes.auth_asym_id 
_pdbx_validate_planes.auth_seq_id 
_pdbx_validate_planes.PDB_ins_code 
_pdbx_validate_planes.label_alt_id 
_pdbx_validate_planes.rmsd 
_pdbx_validate_planes.type 
1 1 ARG A 99  ? ? 0.109 'SIDE CHAIN' 
2 1 ARG A 105 ? ? 0.103 'SIDE CHAIN' 
3 1 ARG A 141 ? ? 0.312 'SIDE CHAIN' 
4 1 ARG A 142 ? ? 0.167 'SIDE CHAIN' 
5 1 ARG A 145 ? ? 0.195 'SIDE CHAIN' 
6 1 ARG A 158 ? ? 0.263 'SIDE CHAIN' 
7 1 ARG A 159 ? ? 0.154 'SIDE CHAIN' 
# 
_pdbx_nmr_ensemble.entry_id                             1TBN 
_pdbx_nmr_ensemble.conformers_calculated_total_number   1 
_pdbx_nmr_ensemble.conformers_submitted_total_number    1 
_pdbx_nmr_ensemble.conformer_selection_criteria         ? 
# 
_pdbx_nmr_exptl_sample_conditions.conditions_id       1 
_pdbx_nmr_exptl_sample_conditions.temperature         ? 
_pdbx_nmr_exptl_sample_conditions.pressure            ? 
_pdbx_nmr_exptl_sample_conditions.pH                  6.5 
_pdbx_nmr_exptl_sample_conditions.ionic_strength      ? 
_pdbx_nmr_exptl_sample_conditions.pressure_units      . 
_pdbx_nmr_exptl_sample_conditions.temperature_units   K 
# 
_pdbx_nmr_refine.entry_id           1TBN 
_pdbx_nmr_refine.method             DG-SA 
_pdbx_nmr_refine.details            ? 
_pdbx_nmr_refine.software_ordinal   1 
# 
loop_
_pdbx_nmr_software.classification 
_pdbx_nmr_software.name 
_pdbx_nmr_software.version 
_pdbx_nmr_software.authors 
_pdbx_nmr_software.ordinal 
'structure solution' X-PLOR ? ? 1 
refinement           X-PLOR ? ? 2 
# 
loop_
_pdbx_unobs_or_zero_occ_residues.id 
_pdbx_unobs_or_zero_occ_residues.PDB_model_num 
_pdbx_unobs_or_zero_occ_residues.polymer_flag 
_pdbx_unobs_or_zero_occ_residues.occupancy_flag 
_pdbx_unobs_or_zero_occ_residues.auth_asym_id 
_pdbx_unobs_or_zero_occ_residues.auth_comp_id 
_pdbx_unobs_or_zero_occ_residues.auth_seq_id 
_pdbx_unobs_or_zero_occ_residues.PDB_ins_code 
_pdbx_unobs_or_zero_occ_residues.label_asym_id 
_pdbx_unobs_or_zero_occ_residues.label_comp_id 
_pdbx_unobs_or_zero_occ_residues.label_seq_id 
1  1 Y 1 A GLY 92  ? A GLY 1  
2  1 Y 1 A PRO 93  ? A PRO 2  
3  1 Y 1 A GLY 160 ? A GLY 69 
4  1 Y 1 A ARG 161 ? A ARG 70 
5  1 Y 1 A LEU 162 ? A LEU 71 
6  1 Y 1 A GLN 163 ? A GLN 72 
7  1 Y 1 A LEU 164 ? A LEU 73 
8  1 Y 1 A GLU 165 ? A GLU 74 
9  1 Y 1 A ILE 166 ? A ILE 75 
10 1 Y 1 A ARG 167 ? A ARG 76 
11 1 Y 1 A ALA 168 ? A ALA 77 
12 1 Y 1 A PRO 169 ? A PRO 78 
13 1 Y 1 A THR 170 ? A THR 79 
14 1 Y 1 A SER 171 ? A SER 80 
15 1 Y 1 A ASP 172 ? A ASP 81 
16 1 Y 1 A GLU 173 ? A GLU 82 
# 
loop_
_chem_comp_atom.comp_id 
_chem_comp_atom.atom_id 
_chem_comp_atom.type_symbol 
_chem_comp_atom.pdbx_aromatic_flag 
_chem_comp_atom.pdbx_stereo_config 
_chem_comp_atom.pdbx_ordinal 
ALA N    N  N N 1   
ALA CA   C  N S 2   
ALA C    C  N N 3   
ALA O    O  N N 4   
ALA CB   C  N N 5   
ALA OXT  O  N N 6   
ALA H    H  N N 7   
ALA H2   H  N N 8   
ALA HA   H  N N 9   
ALA HB1  H  N N 10  
ALA HB2  H  N N 11  
ALA HB3  H  N N 12  
ALA HXT  H  N N 13  
ARG N    N  N N 14  
ARG CA   C  N S 15  
ARG C    C  N N 16  
ARG O    O  N N 17  
ARG CB   C  N N 18  
ARG CG   C  N N 19  
ARG CD   C  N N 20  
ARG NE   N  N N 21  
ARG CZ   C  N N 22  
ARG NH1  N  N N 23  
ARG NH2  N  N N 24  
ARG OXT  O  N N 25  
ARG H    H  N N 26  
ARG H2   H  N N 27  
ARG HA   H  N N 28  
ARG HB2  H  N N 29  
ARG HB3  H  N N 30  
ARG HG2  H  N N 31  
ARG HG3  H  N N 32  
ARG HD2  H  N N 33  
ARG HD3  H  N N 34  
ARG HE   H  N N 35  
ARG HH11 H  N N 36  
ARG HH12 H  N N 37  
ARG HH21 H  N N 38  
ARG HH22 H  N N 39  
ARG HXT  H  N N 40  
ASN N    N  N N 41  
ASN CA   C  N S 42  
ASN C    C  N N 43  
ASN O    O  N N 44  
ASN CB   C  N N 45  
ASN CG   C  N N 46  
ASN OD1  O  N N 47  
ASN ND2  N  N N 48  
ASN OXT  O  N N 49  
ASN H    H  N N 50  
ASN H2   H  N N 51  
ASN HA   H  N N 52  
ASN HB2  H  N N 53  
ASN HB3  H  N N 54  
ASN HD21 H  N N 55  
ASN HD22 H  N N 56  
ASN HXT  H  N N 57  
ASP N    N  N N 58  
ASP CA   C  N S 59  
ASP C    C  N N 60  
ASP O    O  N N 61  
ASP CB   C  N N 62  
ASP CG   C  N N 63  
ASP OD1  O  N N 64  
ASP OD2  O  N N 65  
ASP OXT  O  N N 66  
ASP H    H  N N 67  
ASP H2   H  N N 68  
ASP HA   H  N N 69  
ASP HB2  H  N N 70  
ASP HB3  H  N N 71  
ASP HD2  H  N N 72  
ASP HXT  H  N N 73  
CYS N    N  N N 74  
CYS CA   C  N R 75  
CYS C    C  N N 76  
CYS O    O  N N 77  
CYS CB   C  N N 78  
CYS SG   S  N N 79  
CYS OXT  O  N N 80  
CYS H    H  N N 81  
CYS H2   H  N N 82  
CYS HA   H  N N 83  
CYS HB2  H  N N 84  
CYS HB3  H  N N 85  
CYS HG   H  N N 86  
CYS HXT  H  N N 87  
GLN N    N  N N 88  
GLN CA   C  N S 89  
GLN C    C  N N 90  
GLN O    O  N N 91  
GLN CB   C  N N 92  
GLN CG   C  N N 93  
GLN CD   C  N N 94  
GLN OE1  O  N N 95  
GLN NE2  N  N N 96  
GLN OXT  O  N N 97  
GLN H    H  N N 98  
GLN H2   H  N N 99  
GLN HA   H  N N 100 
GLN HB2  H  N N 101 
GLN HB3  H  N N 102 
GLN HG2  H  N N 103 
GLN HG3  H  N N 104 
GLN HE21 H  N N 105 
GLN HE22 H  N N 106 
GLN HXT  H  N N 107 
GLU N    N  N N 108 
GLU CA   C  N S 109 
GLU C    C  N N 110 
GLU O    O  N N 111 
GLU CB   C  N N 112 
GLU CG   C  N N 113 
GLU CD   C  N N 114 
GLU OE1  O  N N 115 
GLU OE2  O  N N 116 
GLU OXT  O  N N 117 
GLU H    H  N N 118 
GLU H2   H  N N 119 
GLU HA   H  N N 120 
GLU HB2  H  N N 121 
GLU HB3  H  N N 122 
GLU HG2  H  N N 123 
GLU HG3  H  N N 124 
GLU HE2  H  N N 125 
GLU HXT  H  N N 126 
GLY N    N  N N 127 
GLY CA   C  N N 128 
GLY C    C  N N 129 
GLY O    O  N N 130 
GLY OXT  O  N N 131 
GLY H    H  N N 132 
GLY H2   H  N N 133 
GLY HA2  H  N N 134 
GLY HA3  H  N N 135 
GLY HXT  H  N N 136 
HIS N    N  N N 137 
HIS CA   C  N S 138 
HIS C    C  N N 139 
HIS O    O  N N 140 
HIS CB   C  N N 141 
HIS CG   C  Y N 142 
HIS ND1  N  Y N 143 
HIS CD2  C  Y N 144 
HIS CE1  C  Y N 145 
HIS NE2  N  Y N 146 
HIS OXT  O  N N 147 
HIS H    H  N N 148 
HIS H2   H  N N 149 
HIS HA   H  N N 150 
HIS HB2  H  N N 151 
HIS HB3  H  N N 152 
HIS HD1  H  N N 153 
HIS HD2  H  N N 154 
HIS HE1  H  N N 155 
HIS HE2  H  N N 156 
HIS HXT  H  N N 157 
ILE N    N  N N 158 
ILE CA   C  N S 159 
ILE C    C  N N 160 
ILE O    O  N N 161 
ILE CB   C  N S 162 
ILE CG1  C  N N 163 
ILE CG2  C  N N 164 
ILE CD1  C  N N 165 
ILE OXT  O  N N 166 
ILE H    H  N N 167 
ILE H2   H  N N 168 
ILE HA   H  N N 169 
ILE HB   H  N N 170 
ILE HG12 H  N N 171 
ILE HG13 H  N N 172 
ILE HG21 H  N N 173 
ILE HG22 H  N N 174 
ILE HG23 H  N N 175 
ILE HD11 H  N N 176 
ILE HD12 H  N N 177 
ILE HD13 H  N N 178 
ILE HXT  H  N N 179 
LEU N    N  N N 180 
LEU CA   C  N S 181 
LEU C    C  N N 182 
LEU O    O  N N 183 
LEU CB   C  N N 184 
LEU CG   C  N N 185 
LEU CD1  C  N N 186 
LEU CD2  C  N N 187 
LEU OXT  O  N N 188 
LEU H    H  N N 189 
LEU H2   H  N N 190 
LEU HA   H  N N 191 
LEU HB2  H  N N 192 
LEU HB3  H  N N 193 
LEU HG   H  N N 194 
LEU HD11 H  N N 195 
LEU HD12 H  N N 196 
LEU HD13 H  N N 197 
LEU HD21 H  N N 198 
LEU HD22 H  N N 199 
LEU HD23 H  N N 200 
LEU HXT  H  N N 201 
LYS N    N  N N 202 
LYS CA   C  N S 203 
LYS C    C  N N 204 
LYS O    O  N N 205 
LYS CB   C  N N 206 
LYS CG   C  N N 207 
LYS CD   C  N N 208 
LYS CE   C  N N 209 
LYS NZ   N  N N 210 
LYS OXT  O  N N 211 
LYS H    H  N N 212 
LYS H2   H  N N 213 
LYS HA   H  N N 214 
LYS HB2  H  N N 215 
LYS HB3  H  N N 216 
LYS HG2  H  N N 217 
LYS HG3  H  N N 218 
LYS HD2  H  N N 219 
LYS HD3  H  N N 220 
LYS HE2  H  N N 221 
LYS HE3  H  N N 222 
LYS HZ1  H  N N 223 
LYS HZ2  H  N N 224 
LYS HZ3  H  N N 225 
LYS HXT  H  N N 226 
MET N    N  N N 227 
MET CA   C  N S 228 
MET C    C  N N 229 
MET O    O  N N 230 
MET CB   C  N N 231 
MET CG   C  N N 232 
MET SD   S  N N 233 
MET CE   C  N N 234 
MET OXT  O  N N 235 
MET H    H  N N 236 
MET H2   H  N N 237 
MET HA   H  N N 238 
MET HB2  H  N N 239 
MET HB3  H  N N 240 
MET HG2  H  N N 241 
MET HG3  H  N N 242 
MET HE1  H  N N 243 
MET HE2  H  N N 244 
MET HE3  H  N N 245 
MET HXT  H  N N 246 
PHE N    N  N N 247 
PHE CA   C  N S 248 
PHE C    C  N N 249 
PHE O    O  N N 250 
PHE CB   C  N N 251 
PHE CG   C  Y N 252 
PHE CD1  C  Y N 253 
PHE CD2  C  Y N 254 
PHE CE1  C  Y N 255 
PHE CE2  C  Y N 256 
PHE CZ   C  Y N 257 
PHE OXT  O  N N 258 
PHE H    H  N N 259 
PHE H2   H  N N 260 
PHE HA   H  N N 261 
PHE HB2  H  N N 262 
PHE HB3  H  N N 263 
PHE HD1  H  N N 264 
PHE HD2  H  N N 265 
PHE HE1  H  N N 266 
PHE HE2  H  N N 267 
PHE HZ   H  N N 268 
PHE HXT  H  N N 269 
PRO N    N  N N 270 
PRO CA   C  N S 271 
PRO C    C  N N 272 
PRO O    O  N N 273 
PRO CB   C  N N 274 
PRO CG   C  N N 275 
PRO CD   C  N N 276 
PRO OXT  O  N N 277 
PRO H    H  N N 278 
PRO HA   H  N N 279 
PRO HB2  H  N N 280 
PRO HB3  H  N N 281 
PRO HG2  H  N N 282 
PRO HG3  H  N N 283 
PRO HD2  H  N N 284 
PRO HD3  H  N N 285 
PRO HXT  H  N N 286 
SER N    N  N N 287 
SER CA   C  N S 288 
SER C    C  N N 289 
SER O    O  N N 290 
SER CB   C  N N 291 
SER OG   O  N N 292 
SER OXT  O  N N 293 
SER H    H  N N 294 
SER H2   H  N N 295 
SER HA   H  N N 296 
SER HB2  H  N N 297 
SER HB3  H  N N 298 
SER HG   H  N N 299 
SER HXT  H  N N 300 
THR N    N  N N 301 
THR CA   C  N S 302 
THR C    C  N N 303 
THR O    O  N N 304 
THR CB   C  N R 305 
THR OG1  O  N N 306 
THR CG2  C  N N 307 
THR OXT  O  N N 308 
THR H    H  N N 309 
THR H2   H  N N 310 
THR HA   H  N N 311 
THR HB   H  N N 312 
THR HG1  H  N N 313 
THR HG21 H  N N 314 
THR HG22 H  N N 315 
THR HG23 H  N N 316 
THR HXT  H  N N 317 
TYR N    N  N N 318 
TYR CA   C  N S 319 
TYR C    C  N N 320 
TYR O    O  N N 321 
TYR CB   C  N N 322 
TYR CG   C  Y N 323 
TYR CD1  C  Y N 324 
TYR CD2  C  Y N 325 
TYR CE1  C  Y N 326 
TYR CE2  C  Y N 327 
TYR CZ   C  Y N 328 
TYR OH   O  N N 329 
TYR OXT  O  N N 330 
TYR H    H  N N 331 
TYR H2   H  N N 332 
TYR HA   H  N N 333 
TYR HB2  H  N N 334 
TYR HB3  H  N N 335 
TYR HD1  H  N N 336 
TYR HD2  H  N N 337 
TYR HE1  H  N N 338 
TYR HE2  H  N N 339 
TYR HH   H  N N 340 
TYR HXT  H  N N 341 
VAL N    N  N N 342 
VAL CA   C  N S 343 
VAL C    C  N N 344 
VAL O    O  N N 345 
VAL CB   C  N N 346 
VAL CG1  C  N N 347 
VAL CG2  C  N N 348 
VAL OXT  O  N N 349 
VAL H    H  N N 350 
VAL H2   H  N N 351 
VAL HA   H  N N 352 
VAL HB   H  N N 353 
VAL HG11 H  N N 354 
VAL HG12 H  N N 355 
VAL HG13 H  N N 356 
VAL HG21 H  N N 357 
VAL HG22 H  N N 358 
VAL HG23 H  N N 359 
VAL HXT  H  N N 360 
ZN  ZN   ZN N N 361 
# 
loop_
_chem_comp_bond.comp_id 
_chem_comp_bond.atom_id_1 
_chem_comp_bond.atom_id_2 
_chem_comp_bond.value_order 
_chem_comp_bond.pdbx_aromatic_flag 
_chem_comp_bond.pdbx_stereo_config 
_chem_comp_bond.pdbx_ordinal 
ALA N   CA   sing N N 1   
ALA N   H    sing N N 2   
ALA N   H2   sing N N 3   
ALA CA  C    sing N N 4   
ALA CA  CB   sing N N 5   
ALA CA  HA   sing N N 6   
ALA C   O    doub N N 7   
ALA C   OXT  sing N N 8   
ALA CB  HB1  sing N N 9   
ALA CB  HB2  sing N N 10  
ALA CB  HB3  sing N N 11  
ALA OXT HXT  sing N N 12  
ARG N   CA   sing N N 13  
ARG N   H    sing N N 14  
ARG N   H2   sing N N 15  
ARG CA  C    sing N N 16  
ARG CA  CB   sing N N 17  
ARG CA  HA   sing N N 18  
ARG C   O    doub N N 19  
ARG C   OXT  sing N N 20  
ARG CB  CG   sing N N 21  
ARG CB  HB2  sing N N 22  
ARG CB  HB3  sing N N 23  
ARG CG  CD   sing N N 24  
ARG CG  HG2  sing N N 25  
ARG CG  HG3  sing N N 26  
ARG CD  NE   sing N N 27  
ARG CD  HD2  sing N N 28  
ARG CD  HD3  sing N N 29  
ARG NE  CZ   sing N N 30  
ARG NE  HE   sing N N 31  
ARG CZ  NH1  sing N N 32  
ARG CZ  NH2  doub N N 33  
ARG NH1 HH11 sing N N 34  
ARG NH1 HH12 sing N N 35  
ARG NH2 HH21 sing N N 36  
ARG NH2 HH22 sing N N 37  
ARG OXT HXT  sing N N 38  
ASN N   CA   sing N N 39  
ASN N   H    sing N N 40  
ASN N   H2   sing N N 41  
ASN CA  C    sing N N 42  
ASN CA  CB   sing N N 43  
ASN CA  HA   sing N N 44  
ASN C   O    doub N N 45  
ASN C   OXT  sing N N 46  
ASN CB  CG   sing N N 47  
ASN CB  HB2  sing N N 48  
ASN CB  HB3  sing N N 49  
ASN CG  OD1  doub N N 50  
ASN CG  ND2  sing N N 51  
ASN ND2 HD21 sing N N 52  
ASN ND2 HD22 sing N N 53  
ASN OXT HXT  sing N N 54  
ASP N   CA   sing N N 55  
ASP N   H    sing N N 56  
ASP N   H2   sing N N 57  
ASP CA  C    sing N N 58  
ASP CA  CB   sing N N 59  
ASP CA  HA   sing N N 60  
ASP C   O    doub N N 61  
ASP C   OXT  sing N N 62  
ASP CB  CG   sing N N 63  
ASP CB  HB2  sing N N 64  
ASP CB  HB3  sing N N 65  
ASP CG  OD1  doub N N 66  
ASP CG  OD2  sing N N 67  
ASP OD2 HD2  sing N N 68  
ASP OXT HXT  sing N N 69  
CYS N   CA   sing N N 70  
CYS N   H    sing N N 71  
CYS N   H2   sing N N 72  
CYS CA  C    sing N N 73  
CYS CA  CB   sing N N 74  
CYS CA  HA   sing N N 75  
CYS C   O    doub N N 76  
CYS C   OXT  sing N N 77  
CYS CB  SG   sing N N 78  
CYS CB  HB2  sing N N 79  
CYS CB  HB3  sing N N 80  
CYS SG  HG   sing N N 81  
CYS OXT HXT  sing N N 82  
GLN N   CA   sing N N 83  
GLN N   H    sing N N 84  
GLN N   H2   sing N N 85  
GLN CA  C    sing N N 86  
GLN CA  CB   sing N N 87  
GLN CA  HA   sing N N 88  
GLN C   O    doub N N 89  
GLN C   OXT  sing N N 90  
GLN CB  CG   sing N N 91  
GLN CB  HB2  sing N N 92  
GLN CB  HB3  sing N N 93  
GLN CG  CD   sing N N 94  
GLN CG  HG2  sing N N 95  
GLN CG  HG3  sing N N 96  
GLN CD  OE1  doub N N 97  
GLN CD  NE2  sing N N 98  
GLN NE2 HE21 sing N N 99  
GLN NE2 HE22 sing N N 100 
GLN OXT HXT  sing N N 101 
GLU N   CA   sing N N 102 
GLU N   H    sing N N 103 
GLU N   H2   sing N N 104 
GLU CA  C    sing N N 105 
GLU CA  CB   sing N N 106 
GLU CA  HA   sing N N 107 
GLU C   O    doub N N 108 
GLU C   OXT  sing N N 109 
GLU CB  CG   sing N N 110 
GLU CB  HB2  sing N N 111 
GLU CB  HB3  sing N N 112 
GLU CG  CD   sing N N 113 
GLU CG  HG2  sing N N 114 
GLU CG  HG3  sing N N 115 
GLU CD  OE1  doub N N 116 
GLU CD  OE2  sing N N 117 
GLU OE2 HE2  sing N N 118 
GLU OXT HXT  sing N N 119 
GLY N   CA   sing N N 120 
GLY N   H    sing N N 121 
GLY N   H2   sing N N 122 
GLY CA  C    sing N N 123 
GLY CA  HA2  sing N N 124 
GLY CA  HA3  sing N N 125 
GLY C   O    doub N N 126 
GLY C   OXT  sing N N 127 
GLY OXT HXT  sing N N 128 
HIS N   CA   sing N N 129 
HIS N   H    sing N N 130 
HIS N   H2   sing N N 131 
HIS CA  C    sing N N 132 
HIS CA  CB   sing N N 133 
HIS CA  HA   sing N N 134 
HIS C   O    doub N N 135 
HIS C   OXT  sing N N 136 
HIS CB  CG   sing N N 137 
HIS CB  HB2  sing N N 138 
HIS CB  HB3  sing N N 139 
HIS CG  ND1  sing Y N 140 
HIS CG  CD2  doub Y N 141 
HIS ND1 CE1  doub Y N 142 
HIS ND1 HD1  sing N N 143 
HIS CD2 NE2  sing Y N 144 
HIS CD2 HD2  sing N N 145 
HIS CE1 NE2  sing Y N 146 
HIS CE1 HE1  sing N N 147 
HIS NE2 HE2  sing N N 148 
HIS OXT HXT  sing N N 149 
ILE N   CA   sing N N 150 
ILE N   H    sing N N 151 
ILE N   H2   sing N N 152 
ILE CA  C    sing N N 153 
ILE CA  CB   sing N N 154 
ILE CA  HA   sing N N 155 
ILE C   O    doub N N 156 
ILE C   OXT  sing N N 157 
ILE CB  CG1  sing N N 158 
ILE CB  CG2  sing N N 159 
ILE CB  HB   sing N N 160 
ILE CG1 CD1  sing N N 161 
ILE CG1 HG12 sing N N 162 
ILE CG1 HG13 sing N N 163 
ILE CG2 HG21 sing N N 164 
ILE CG2 HG22 sing N N 165 
ILE CG2 HG23 sing N N 166 
ILE CD1 HD11 sing N N 167 
ILE CD1 HD12 sing N N 168 
ILE CD1 HD13 sing N N 169 
ILE OXT HXT  sing N N 170 
LEU N   CA   sing N N 171 
LEU N   H    sing N N 172 
LEU N   H2   sing N N 173 
LEU CA  C    sing N N 174 
LEU CA  CB   sing N N 175 
LEU CA  HA   sing N N 176 
LEU C   O    doub N N 177 
LEU C   OXT  sing N N 178 
LEU CB  CG   sing N N 179 
LEU CB  HB2  sing N N 180 
LEU CB  HB3  sing N N 181 
LEU CG  CD1  sing N N 182 
LEU CG  CD2  sing N N 183 
LEU CG  HG   sing N N 184 
LEU CD1 HD11 sing N N 185 
LEU CD1 HD12 sing N N 186 
LEU CD1 HD13 sing N N 187 
LEU CD2 HD21 sing N N 188 
LEU CD2 HD22 sing N N 189 
LEU CD2 HD23 sing N N 190 
LEU OXT HXT  sing N N 191 
LYS N   CA   sing N N 192 
LYS N   H    sing N N 193 
LYS N   H2   sing N N 194 
LYS CA  C    sing N N 195 
LYS CA  CB   sing N N 196 
LYS CA  HA   sing N N 197 
LYS C   O    doub N N 198 
LYS C   OXT  sing N N 199 
LYS CB  CG   sing N N 200 
LYS CB  HB2  sing N N 201 
LYS CB  HB3  sing N N 202 
LYS CG  CD   sing N N 203 
LYS CG  HG2  sing N N 204 
LYS CG  HG3  sing N N 205 
LYS CD  CE   sing N N 206 
LYS CD  HD2  sing N N 207 
LYS CD  HD3  sing N N 208 
LYS CE  NZ   sing N N 209 
LYS CE  HE2  sing N N 210 
LYS CE  HE3  sing N N 211 
LYS NZ  HZ1  sing N N 212 
LYS NZ  HZ2  sing N N 213 
LYS NZ  HZ3  sing N N 214 
LYS OXT HXT  sing N N 215 
MET N   CA   sing N N 216 
MET N   H    sing N N 217 
MET N   H2   sing N N 218 
MET CA  C    sing N N 219 
MET CA  CB   sing N N 220 
MET CA  HA   sing N N 221 
MET C   O    doub N N 222 
MET C   OXT  sing N N 223 
MET CB  CG   sing N N 224 
MET CB  HB2  sing N N 225 
MET CB  HB3  sing N N 226 
MET CG  SD   sing N N 227 
MET CG  HG2  sing N N 228 
MET CG  HG3  sing N N 229 
MET SD  CE   sing N N 230 
MET CE  HE1  sing N N 231 
MET CE  HE2  sing N N 232 
MET CE  HE3  sing N N 233 
MET OXT HXT  sing N N 234 
PHE N   CA   sing N N 235 
PHE N   H    sing N N 236 
PHE N   H2   sing N N 237 
PHE CA  C    sing N N 238 
PHE CA  CB   sing N N 239 
PHE CA  HA   sing N N 240 
PHE C   O    doub N N 241 
PHE C   OXT  sing N N 242 
PHE CB  CG   sing N N 243 
PHE CB  HB2  sing N N 244 
PHE CB  HB3  sing N N 245 
PHE CG  CD1  doub Y N 246 
PHE CG  CD2  sing Y N 247 
PHE CD1 CE1  sing Y N 248 
PHE CD1 HD1  sing N N 249 
PHE CD2 CE2  doub Y N 250 
PHE CD2 HD2  sing N N 251 
PHE CE1 CZ   doub Y N 252 
PHE CE1 HE1  sing N N 253 
PHE CE2 CZ   sing Y N 254 
PHE CE2 HE2  sing N N 255 
PHE CZ  HZ   sing N N 256 
PHE OXT HXT  sing N N 257 
PRO N   CA   sing N N 258 
PRO N   CD   sing N N 259 
PRO N   H    sing N N 260 
PRO CA  C    sing N N 261 
PRO CA  CB   sing N N 262 
PRO CA  HA   sing N N 263 
PRO C   O    doub N N 264 
PRO C   OXT  sing N N 265 
PRO CB  CG   sing N N 266 
PRO CB  HB2  sing N N 267 
PRO CB  HB3  sing N N 268 
PRO CG  CD   sing N N 269 
PRO CG  HG2  sing N N 270 
PRO CG  HG3  sing N N 271 
PRO CD  HD2  sing N N 272 
PRO CD  HD3  sing N N 273 
PRO OXT HXT  sing N N 274 
SER N   CA   sing N N 275 
SER N   H    sing N N 276 
SER N   H2   sing N N 277 
SER CA  C    sing N N 278 
SER CA  CB   sing N N 279 
SER CA  HA   sing N N 280 
SER C   O    doub N N 281 
SER C   OXT  sing N N 282 
SER CB  OG   sing N N 283 
SER CB  HB2  sing N N 284 
SER CB  HB3  sing N N 285 
SER OG  HG   sing N N 286 
SER OXT HXT  sing N N 287 
THR N   CA   sing N N 288 
THR N   H    sing N N 289 
THR N   H2   sing N N 290 
THR CA  C    sing N N 291 
THR CA  CB   sing N N 292 
THR CA  HA   sing N N 293 
THR C   O    doub N N 294 
THR C   OXT  sing N N 295 
THR CB  OG1  sing N N 296 
THR CB  CG2  sing N N 297 
THR CB  HB   sing N N 298 
THR OG1 HG1  sing N N 299 
THR CG2 HG21 sing N N 300 
THR CG2 HG22 sing N N 301 
THR CG2 HG23 sing N N 302 
THR OXT HXT  sing N N 303 
TYR N   CA   sing N N 304 
TYR N   H    sing N N 305 
TYR N   H2   sing N N 306 
TYR CA  C    sing N N 307 
TYR CA  CB   sing N N 308 
TYR CA  HA   sing N N 309 
TYR C   O    doub N N 310 
TYR C   OXT  sing N N 311 
TYR CB  CG   sing N N 312 
TYR CB  HB2  sing N N 313 
TYR CB  HB3  sing N N 314 
TYR CG  CD1  doub Y N 315 
TYR CG  CD2  sing Y N 316 
TYR CD1 CE1  sing Y N 317 
TYR CD1 HD1  sing N N 318 
TYR CD2 CE2  doub Y N 319 
TYR CD2 HD2  sing N N 320 
TYR CE1 CZ   doub Y N 321 
TYR CE1 HE1  sing N N 322 
TYR CE2 CZ   sing Y N 323 
TYR CE2 HE2  sing N N 324 
TYR CZ  OH   sing N N 325 
TYR OH  HH   sing N N 326 
TYR OXT HXT  sing N N 327 
VAL N   CA   sing N N 328 
VAL N   H    sing N N 329 
VAL N   H2   sing N N 330 
VAL CA  C    sing N N 331 
VAL CA  CB   sing N N 332 
VAL CA  HA   sing N N 333 
VAL C   O    doub N N 334 
VAL C   OXT  sing N N 335 
VAL CB  CG1  sing N N 336 
VAL CB  CG2  sing N N 337 
VAL CB  HB   sing N N 338 
VAL CG1 HG11 sing N N 339 
VAL CG1 HG12 sing N N 340 
VAL CG1 HG13 sing N N 341 
VAL CG2 HG21 sing N N 342 
VAL CG2 HG22 sing N N 343 
VAL CG2 HG23 sing N N 344 
VAL OXT HXT  sing N N 345 
# 
_pdbx_nmr_spectrometer.spectrometer_id   1 
_pdbx_nmr_spectrometer.model             UNITYPLUS 
_pdbx_nmr_spectrometer.manufacturer      Varian 
_pdbx_nmr_spectrometer.field_strength    600 
# 
_atom_sites.entry_id                    1TBN 
_atom_sites.fract_transf_matrix[1][1]   1.000000 
_atom_sites.fract_transf_matrix[1][2]   0.000000 
_atom_sites.fract_transf_matrix[1][3]   0.000000 
_atom_sites.fract_transf_matrix[2][1]   0.000000 
_atom_sites.fract_transf_matrix[2][2]   1.000000 
_atom_sites.fract_transf_matrix[2][3]   0.000000 
_atom_sites.fract_transf_matrix[3][1]   0.000000 
_atom_sites.fract_transf_matrix[3][2]   0.000000 
_atom_sites.fract_transf_matrix[3][3]   1.000000 
_atom_sites.fract_transf_vector[1]      0.00000 
_atom_sites.fract_transf_vector[2]      0.00000 
_atom_sites.fract_transf_vector[3]      0.00000 
# 
loop_
_atom_type.symbol 
C  
H  
N  
O  
S  
ZN 
# 
loop_
_atom_site.group_PDB 
_atom_site.id 
_atom_site.type_symbol 
_atom_site.label_atom_id 
_atom_site.label_alt_id 
_atom_site.label_comp_id 
_atom_site.label_asym_id 
_atom_site.label_entity_id 
_atom_site.label_seq_id 
_atom_site.pdbx_PDB_ins_code 
_atom_site.Cartn_x 
_atom_site.Cartn_y 
_atom_site.Cartn_z 
_atom_site.occupancy 
_atom_site.B_iso_or_equiv 
_atom_site.pdbx_formal_charge 
_atom_site.auth_seq_id 
_atom_site.auth_comp_id 
_atom_site.auth_asym_id 
_atom_site.auth_atom_id 
_atom_site.pdbx_PDB_model_num 
ATOM   1    N  N    . GLN A 1 3  ? 23.514  -10.843 -7.691  1.00 8.34  ? 94  GLN A N    1 
ATOM   2    C  CA   . GLN A 1 3  ? 22.643  -9.917  -6.915  1.00 7.93  ? 94  GLN A CA   1 
ATOM   3    C  C    . GLN A 1 3  ? 21.690  -10.728 -6.034  1.00 7.43  ? 94  GLN A C    1 
ATOM   4    O  O    . GLN A 1 3  ? 20.486  -10.576 -6.101  1.00 7.73  ? 94  GLN A O    1 
ATOM   5    C  CB   . GLN A 1 3  ? 21.831  -9.051  -7.881  1.00 8.35  ? 94  GLN A CB   1 
ATOM   6    C  CG   . GLN A 1 3  ? 22.707  -8.657  -9.072  1.00 9.01  ? 94  GLN A CG   1 
ATOM   7    C  CD   . GLN A 1 3  ? 22.323  -9.499  -10.290 1.00 9.65  ? 94  GLN A CD   1 
ATOM   8    O  OE1  . GLN A 1 3  ? 21.238  -9.363  -10.820 1.00 10.03 ? 94  GLN A OE1  1 
ATOM   9    N  NE2  . GLN A 1 3  ? 23.174  -10.369 -10.761 1.00 10.02 ? 94  GLN A NE2  1 
ATOM   10   H  HA   . GLN A 1 3  ? 23.257  -9.283  -6.292  1.00 8.02  ? 94  GLN A HA   1 
ATOM   11   H  HB2  . GLN A 1 3  ? 20.976  -9.609  -8.232  1.00 8.54  ? 94  GLN A HB2  1 
ATOM   12   H  HB3  . GLN A 1 3  ? 21.496  -8.160  -7.372  1.00 8.28  ? 94  GLN A HB3  1 
ATOM   13   H  HG2  . GLN A 1 3  ? 22.560  -7.610  -9.295  1.00 8.95  ? 94  GLN A HG2  1 
ATOM   14   H  HG3  . GLN A 1 3  ? 23.745  -8.831  -8.829  1.00 9.33  ? 94  GLN A HG3  1 
ATOM   15   H  HE21 . GLN A 1 3  ? 24.049  -10.479 -10.334 1.00 9.89  ? 94  GLN A HE21 1 
ATOM   16   H  HE22 . GLN A 1 3  ? 22.937  -10.913 -11.540 1.00 10.57 ? 94  GLN A HE22 1 
ATOM   17   N  N    . THR A 1 4  ? 22.219  -11.590 -5.210  1.00 6.96  ? 95  THR A N    1 
ATOM   18   C  CA   . THR A 1 4  ? 21.343  -12.410 -4.326  1.00 6.80  ? 95  THR A CA   1 
ATOM   19   C  C    . THR A 1 4  ? 20.554  -11.490 -3.395  1.00 6.32  ? 95  THR A C    1 
ATOM   20   O  O    . THR A 1 4  ? 19.347  -11.584 -3.289  1.00 6.42  ? 95  THR A O    1 
ATOM   21   C  CB   . THR A 1 4  ? 22.206  -13.362 -3.494  1.00 6.98  ? 95  THR A CB   1 
ATOM   22   O  OG1  . THR A 1 4  ? 22.772  -12.651 -2.401  1.00 6.72  ? 95  THR A OG1  1 
ATOM   23   C  CG2  . THR A 1 4  ? 23.323  -13.937 -4.366  1.00 7.62  ? 95  THR A CG2  1 
ATOM   24   H  H    . THR A 1 4  ? 23.192  -11.698 -5.172  1.00 6.95  ? 95  THR A H    1 
ATOM   25   H  HA   . THR A 1 4  ? 20.657  -12.985 -4.933  1.00 7.23  ? 95  THR A HA   1 
ATOM   26   H  HB   . THR A 1 4  ? 21.595  -14.169 -3.121  1.00 7.18  ? 95  THR A HB   1 
ATOM   27   H  HG1  . THR A 1 4  ? 23.412  -12.028 -2.753  1.00 6.98  ? 95  THR A HG1  1 
ATOM   28   H  HG21 . THR A 1 4  ? 22.938  -14.151 -5.351  1.00 7.61  ? 95  THR A HG21 1 
ATOM   29   H  HG22 . THR A 1 4  ? 24.127  -13.218 -4.441  1.00 7.98  ? 95  THR A HG22 1 
ATOM   30   H  HG23 . THR A 1 4  ? 23.696  -14.848 -3.919  1.00 7.96  ? 95  THR A HG23 1 
ATOM   31   N  N    . ASP A 1 5  ? 21.226  -10.600 -2.715  1.00 6.09  ? 96  ASP A N    1 
ATOM   32   C  CA   . ASP A 1 5  ? 20.513  -9.674  -1.790  1.00 5.85  ? 96  ASP A CA   1 
ATOM   33   C  C    . ASP A 1 5  ? 19.280  -9.100  -2.491  1.00 5.36  ? 96  ASP A C    1 
ATOM   34   O  O    . ASP A 1 5  ? 19.387  -8.344  -3.436  1.00 5.69  ? 96  ASP A O    1 
ATOM   35   C  CB   . ASP A 1 5  ? 21.449  -8.533  -1.390  1.00 6.36  ? 96  ASP A CB   1 
ATOM   36   C  CG   . ASP A 1 5  ? 20.666  -7.481  -0.602  1.00 6.77  ? 96  ASP A CG   1 
ATOM   37   O  OD1  . ASP A 1 5  ? 20.379  -7.729  0.557   1.00 7.18  ? 96  ASP A OD1  1 
ATOM   38   O  OD2  . ASP A 1 5  ? 20.366  -6.446  -1.173  1.00 6.97  ? 96  ASP A OD2  1 
ATOM   39   H  H    . ASP A 1 5  ? 22.198  -10.541 -2.814  1.00 6.29  ? 96  ASP A H    1 
ATOM   40   H  HA   . ASP A 1 5  ? 20.205  -10.215 -0.907  1.00 5.99  ? 96  ASP A HA   1 
ATOM   41   H  HB2  . ASP A 1 5  ? 22.249  -8.923  -0.775  1.00 6.60  ? 96  ASP A HB2  1 
ATOM   42   H  HB3  . ASP A 1 5  ? 21.866  -8.080  -2.277  1.00 6.58  ? 96  ASP A HB3  1 
ATOM   43   N  N    . ASP A 1 6  ? 18.109  -9.453  -2.036  1.00 4.87  ? 97  ASP A N    1 
ATOM   44   C  CA   . ASP A 1 6  ? 16.872  -8.926  -2.677  1.00 4.59  ? 97  ASP A CA   1 
ATOM   45   C  C    . ASP A 1 6  ? 15.708  -9.011  -1.684  1.00 4.03  ? 97  ASP A C    1 
ATOM   46   O  O    . ASP A 1 6  ? 14.747  -9.717  -1.918  1.00 4.00  ? 97  ASP A O    1 
ATOM   47   C  CB   . ASP A 1 6  ? 16.545  -9.760  -3.918  1.00 4.94  ? 97  ASP A CB   1 
ATOM   48   C  CG   . ASP A 1 6  ? 16.688  -8.890  -5.169  1.00 5.41  ? 97  ASP A CG   1 
ATOM   49   O  OD1  . ASP A 1 6  ? 16.509  -7.689  -5.054  1.00 5.79  ? 97  ASP A OD1  1 
ATOM   50   O  OD2  . ASP A 1 6  ? 16.972  -9.441  -6.219  1.00 5.78  ? 97  ASP A OD2  1 
ATOM   51   H  H    . ASP A 1 6  ? 18.044  -10.064 -1.273  1.00 4.92  ? 97  ASP A H    1 
ATOM   52   H  HA   . ASP A 1 6  ? 17.025  -7.897  -2.964  1.00 4.95  ? 97  ASP A HA   1 
ATOM   53   H  HB2  . ASP A 1 6  ? 17.227  -10.595 -3.980  1.00 5.17  ? 97  ASP A HB2  1 
ATOM   54   H  HB3  . ASP A 1 6  ? 15.532  -10.126 -3.850  1.00 5.15  ? 97  ASP A HB3  1 
ATOM   55   N  N    . PRO A 1 7  ? 15.832  -8.285  -0.603  1.00 4.02  ? 98  PRO A N    1 
ATOM   56   C  CA   . PRO A 1 7  ? 14.807  -8.249  0.454   1.00 3.77  ? 98  PRO A CA   1 
ATOM   57   C  C    . PRO A 1 7  ? 13.639  -7.353  0.034   1.00 3.19  ? 98  PRO A C    1 
ATOM   58   O  O    . PRO A 1 7  ? 13.471  -6.260  0.537   1.00 3.53  ? 98  PRO A O    1 
ATOM   59   C  CB   . PRO A 1 7  ? 15.549  -7.656  1.654   1.00 4.53  ? 98  PRO A CB   1 
ATOM   60   C  CG   . PRO A 1 7  ? 16.754  -6.872  1.078   1.00 5.06  ? 98  PRO A CG   1 
ATOM   61   C  CD   . PRO A 1 7  ? 17.009  -7.432  -0.334  1.00 4.74  ? 98  PRO A CD   1 
ATOM   62   H  HA   . PRO A 1 7  ? 14.464  -9.244  0.687   1.00 3.99  ? 98  PRO A HA   1 
ATOM   63   H  HB2  . PRO A 1 7  ? 14.895  -6.989  2.201   1.00 4.47  ? 98  PRO A HB2  1 
ATOM   64   H  HB3  . PRO A 1 7  ? 15.904  -8.443  2.299   1.00 5.12  ? 98  PRO A HB3  1 
ATOM   65   H  HG2  . PRO A 1 7  ? 16.516  -5.817  1.024   1.00 5.15  ? 98  PRO A HG2  1 
ATOM   66   H  HG3  . PRO A 1 7  ? 17.625  -7.025  1.694   1.00 5.85  ? 98  PRO A HG3  1 
ATOM   67   H  HD2  . PRO A 1 7  ? 17.069  -6.626  -1.054  1.00 4.86  ? 98  PRO A HD2  1 
ATOM   68   H  HD3  . PRO A 1 7  ? 17.910  -8.024  -0.349  1.00 5.24  ? 98  PRO A HD3  1 
ATOM   69   N  N    . ARG A 1 8  ? 12.831  -7.807  -0.885  1.00 2.86  ? 99  ARG A N    1 
ATOM   70   C  CA   . ARG A 1 8  ? 11.675  -6.982  -1.335  1.00 2.77  ? 99  ARG A CA   1 
ATOM   71   C  C    . ARG A 1 8  ? 10.402  -7.463  -0.639  1.00 2.28  ? 99  ARG A C    1 
ATOM   72   O  O    . ARG A 1 8  ? 9.430   -7.818  -1.276  1.00 2.65  ? 99  ARG A O    1 
ATOM   73   C  CB   . ARG A 1 8  ? 11.512  -7.117  -2.851  1.00 3.61  ? 99  ARG A CB   1 
ATOM   74   C  CG   . ARG A 1 8  ? 11.224  -8.578  -3.205  1.00 4.31  ? 99  ARG A CG   1 
ATOM   75   C  CD   . ARG A 1 8  ? 12.396  -9.149  -4.005  1.00 5.35  ? 99  ARG A CD   1 
ATOM   76   N  NE   . ARG A 1 8  ? 12.020  -10.482 -4.552  1.00 6.16  ? 99  ARG A NE   1 
ATOM   77   C  CZ   . ARG A 1 8  ? 12.236  -11.561 -3.850  1.00 7.03  ? 99  ARG A CZ   1 
ATOM   78   N  NH1  . ARG A 1 8  ? 12.391  -11.478 -2.557  1.00 7.62  ? 99  ARG A NH1  1 
ATOM   79   N  NH2  . ARG A 1 8  ? 12.298  -12.723 -4.441  1.00 7.56  ? 99  ARG A NH2  1 
ATOM   80   H  H    . ARG A 1 8  ? 12.984  -8.692  -1.278  1.00 3.10  ? 99  ARG A H    1 
ATOM   81   H  HA   . ARG A 1 8  ? 11.854  -5.946  -1.083  1.00 3.14  ? 99  ARG A HA   1 
ATOM   82   H  HB2  . ARG A 1 8  ? 10.690  -6.497  -3.179  1.00 3.91  ? 99  ARG A HB2  1 
ATOM   83   H  HB3  . ARG A 1 8  ? 12.420  -6.801  -3.341  1.00 3.98  ? 99  ARG A HB3  1 
ATOM   84   H  HG2  . ARG A 1 8  ? 11.094  -9.149  -2.297  1.00 4.50  ? 99  ARG A HG2  1 
ATOM   85   H  HG3  . ARG A 1 8  ? 10.325  -8.634  -3.799  1.00 4.37  ? 99  ARG A HG3  1 
ATOM   86   H  HD2  . ARG A 1 8  ? 12.638  -8.481  -4.818  1.00 5.66  ? 99  ARG A HD2  1 
ATOM   87   H  HD3  . ARG A 1 8  ? 13.256  -9.254  -3.358  1.00 5.54  ? 99  ARG A HD3  1 
ATOM   88   H  HE   . ARG A 1 8  ? 11.611  -10.549 -5.440  1.00 6.26  ? 99  ARG A HE   1 
ATOM   89   H  HH11 . ARG A 1 8  ? 12.345  -10.587 -2.105  1.00 7.45  ? 99  ARG A HH11 1 
ATOM   90   H  HH12 . ARG A 1 8  ? 12.556  -12.304 -2.019  1.00 8.39  ? 99  ARG A HH12 1 
ATOM   91   H  HH21 . ARG A 1 8  ? 12.179  -12.787 -5.432  1.00 7.36  ? 99  ARG A HH21 1 
ATOM   92   H  HH22 . ARG A 1 8  ? 12.463  -13.549 -3.903  1.00 8.33  ? 99  ARG A HH22 1 
ATOM   93   N  N    . ASN A 1 9  ? 10.397  -7.477  0.666   1.00 1.98  ? 100 ASN A N    1 
ATOM   94   C  CA   . ASN A 1 9  ? 9.185   -7.937  1.403   1.00 2.01  ? 100 ASN A CA   1 
ATOM   95   C  C    . ASN A 1 9  ? 8.313   -6.728  1.752   1.00 1.55  ? 100 ASN A C    1 
ATOM   96   O  O    . ASN A 1 9  ? 7.752   -6.646  2.826   1.00 1.61  ? 100 ASN A O    1 
ATOM   97   C  CB   . ASN A 1 9  ? 9.610   -8.649  2.689   1.00 2.77  ? 100 ASN A CB   1 
ATOM   98   C  CG   . ASN A 1 9  ? 9.895   -10.121 2.388   1.00 3.27  ? 100 ASN A CG   1 
ATOM   99   O  OD1  . ASN A 1 9  ? 10.137  -10.487 1.255   1.00 3.66  ? 100 ASN A OD1  1 
ATOM   100  N  ND2  . ASN A 1 9  ? 9.876   -10.989 3.362   1.00 3.68  ? 100 ASN A ND2  1 
ATOM   101  H  H    . ASN A 1 9  ? 11.191  -7.187  1.162   1.00 2.21  ? 100 ASN A H    1 
ATOM   102  H  HA   . ASN A 1 9  ? 8.624   -8.619  0.782   1.00 2.32  ? 100 ASN A HA   1 
ATOM   103  H  HB2  . ASN A 1 9  ? 10.502  -8.181  3.081   1.00 2.96  ? 100 ASN A HB2  1 
ATOM   104  H  HB3  . ASN A 1 9  ? 8.816   -8.580  3.418   1.00 3.12  ? 100 ASN A HB3  1 
ATOM   105  H  HD21 . ASN A 1 9  ? 9.681   -10.695 4.277   1.00 3.87  ? 100 ASN A HD21 1 
ATOM   106  H  HD22 . ASN A 1 9  ? 10.058  -11.934 3.180   1.00 4.03  ? 100 ASN A HD22 1 
ATOM   107  N  N    . LYS A 1 10 ? 8.196   -5.789  0.853   1.00 1.39  ? 101 LYS A N    1 
ATOM   108  C  CA   . LYS A 1 10 ? 7.359   -4.588  1.136   1.00 1.05  ? 101 LYS A CA   1 
ATOM   109  C  C    . LYS A 1 10 ? 6.073   -4.656  0.313   1.00 0.80  ? 101 LYS A C    1 
ATOM   110  O  O    . LYS A 1 10 ? 5.856   -5.582  -0.444  1.00 0.90  ? 101 LYS A O    1 
ATOM   111  C  CB   . LYS A 1 10 ? 8.140   -3.325  0.763   1.00 1.32  ? 101 LYS A CB   1 
ATOM   112  C  CG   . LYS A 1 10 ? 9.576   -3.441  1.279   1.00 1.66  ? 101 LYS A CG   1 
ATOM   113  C  CD   . LYS A 1 10 ? 10.392  -2.242  0.794   1.00 2.12  ? 101 LYS A CD   1 
ATOM   114  C  CE   . LYS A 1 10 ? 11.884  -2.550  0.932   1.00 2.83  ? 101 LYS A CE   1 
ATOM   115  N  NZ   . LYS A 1 10 ? 12.524  -1.524  1.804   1.00 3.31  ? 101 LYS A NZ   1 
ATOM   116  H  H    . LYS A 1 10 ? 8.656   -5.874  -0.007  1.00 1.68  ? 101 LYS A H    1 
ATOM   117  H  HA   . LYS A 1 10 ? 7.114   -4.560  2.187   1.00 1.02  ? 101 LYS A HA   1 
ATOM   118  H  HB2  . LYS A 1 10 ? 8.150   -3.214  -0.312  1.00 1.49  ? 101 LYS A HB2  1 
ATOM   119  H  HB3  . LYS A 1 10 ? 7.667   -2.465  1.210   1.00 1.34  ? 101 LYS A HB3  1 
ATOM   120  H  HG2  . LYS A 1 10 ? 9.569   -3.460  2.359   1.00 2.10  ? 101 LYS A HG2  1 
ATOM   121  H  HG3  . LYS A 1 10 ? 10.020  -4.351  0.905   1.00 1.89  ? 101 LYS A HG3  1 
ATOM   122  H  HD2  . LYS A 1 10 ? 10.159  -2.043  -0.243  1.00 2.36  ? 101 LYS A HD2  1 
ATOM   123  H  HD3  . LYS A 1 10 ? 10.149  -1.375  1.390   1.00 2.54  ? 101 LYS A HD3  1 
ATOM   124  H  HE2  . LYS A 1 10 ? 12.010  -3.527  1.373   1.00 3.30  ? 101 LYS A HE2  1 
ATOM   125  H  HE3  . LYS A 1 10 ? 12.347  -2.533  -0.044  1.00 3.18  ? 101 LYS A HE3  1 
ATOM   126  H  HZ1  . LYS A 1 10 ? 11.842  -0.765  2.003   1.00 3.72  ? 101 LYS A HZ1  1 
ATOM   127  H  HZ2  . LYS A 1 10 ? 12.823  -1.967  2.696   1.00 3.64  ? 101 LYS A HZ2  1 
ATOM   128  H  HZ3  . LYS A 1 10 ? 13.351  -1.124  1.319   1.00 3.50  ? 101 LYS A HZ3  1 
ATOM   129  N  N    . HIS A 1 11 ? 5.214   -3.683  0.453   1.00 0.64  ? 102 HIS A N    1 
ATOM   130  C  CA   . HIS A 1 11 ? 3.941   -3.694  -0.321  1.00 0.44  ? 102 HIS A CA   1 
ATOM   131  C  C    . HIS A 1 11 ? 4.222   -3.318  -1.777  1.00 0.44  ? 102 HIS A C    1 
ATOM   132  O  O    . HIS A 1 11 ? 4.994   -2.423  -2.060  1.00 0.71  ? 102 HIS A O    1 
ATOM   133  C  CB   . HIS A 1 11 ? 2.966   -2.675  0.275   1.00 0.56  ? 102 HIS A CB   1 
ATOM   134  C  CG   . HIS A 1 11 ? 2.725   -2.988  1.725   1.00 0.47  ? 102 HIS A CG   1 
ATOM   135  N  ND1  . HIS A 1 11 ? 1.918   -4.037  2.132   1.00 0.44  ? 102 HIS A ND1  1 
ATOM   136  C  CD2  . HIS A 1 11 ? 3.173   -2.391  2.877   1.00 0.51  ? 102 HIS A CD2  1 
ATOM   137  C  CE1  . HIS A 1 11 ? 1.903   -4.040  3.478   1.00 0.47  ? 102 HIS A CE1  1 
ATOM   138  N  NE2  . HIS A 1 11 ? 2.652   -3.056  3.983   1.00 0.52  ? 102 HIS A NE2  1 
ATOM   139  H  H    . HIS A 1 11 ? 5.406   -2.945  1.070   1.00 0.79  ? 102 HIS A H    1 
ATOM   140  H  HA   . HIS A 1 11 ? 3.502   -4.679  -0.281  1.00 0.39  ? 102 HIS A HA   1 
ATOM   141  H  HB2  . HIS A 1 11 ? 3.384   -1.683  0.187   1.00 0.79  ? 102 HIS A HB2  1 
ATOM   142  H  HB3  . HIS A 1 11 ? 2.030   -2.719  -0.261  1.00 0.65  ? 102 HIS A HB3  1 
ATOM   143  H  HD2  . HIS A 1 11 ? 3.826   -1.530  2.918   1.00 0.59  ? 102 HIS A HD2  1 
ATOM   144  H  HE1  . HIS A 1 11 ? 1.349   -4.748  4.076   1.00 0.52  ? 102 HIS A HE1  1 
ATOM   145  N  N    . LYS A 1 12 ? 3.592   -3.987  -2.703  1.00 0.36  ? 103 LYS A N    1 
ATOM   146  C  CA   . LYS A 1 12 ? 3.812   -3.658  -4.139  1.00 0.37  ? 103 LYS A CA   1 
ATOM   147  C  C    . LYS A 1 12 ? 2.802   -2.588  -4.558  1.00 0.33  ? 103 LYS A C    1 
ATOM   148  O  O    . LYS A 1 12 ? 2.104   -2.729  -5.541  1.00 0.32  ? 103 LYS A O    1 
ATOM   149  C  CB   . LYS A 1 12 ? 3.610   -4.914  -4.989  1.00 0.43  ? 103 LYS A CB   1 
ATOM   150  C  CG   . LYS A 1 12 ? 4.955   -5.612  -5.199  1.00 0.90  ? 103 LYS A CG   1 
ATOM   151  C  CD   . LYS A 1 12 ? 4.809   -6.688  -6.277  1.00 1.17  ? 103 LYS A CD   1 
ATOM   152  C  CE   . LYS A 1 12 ? 6.141   -7.419  -6.454  1.00 1.79  ? 103 LYS A CE   1 
ATOM   153  N  NZ   . LYS A 1 12 ? 6.429   -7.583  -7.906  1.00 2.49  ? 103 LYS A NZ   1 
ATOM   154  H  H    . LYS A 1 12 ? 2.967   -4.698  -2.455  1.00 0.51  ? 103 LYS A H    1 
ATOM   155  H  HA   . LYS A 1 12 ? 4.816   -3.283  -4.276  1.00 0.42  ? 103 LYS A HA   1 
ATOM   156  H  HB2  . LYS A 1 12 ? 2.930   -5.585  -4.484  1.00 0.77  ? 103 LYS A HB2  1 
ATOM   157  H  HB3  . LYS A 1 12 ? 3.196   -4.637  -5.948  1.00 0.70  ? 103 LYS A HB3  1 
ATOM   158  H  HG2  . LYS A 1 12 ? 5.692   -4.886  -5.512  1.00 1.56  ? 103 LYS A HG2  1 
ATOM   159  H  HG3  . LYS A 1 12 ? 5.271   -6.071  -4.275  1.00 1.57  ? 103 LYS A HG3  1 
ATOM   160  H  HD2  . LYS A 1 12 ? 4.047   -7.394  -5.979  1.00 1.61  ? 103 LYS A HD2  1 
ATOM   161  H  HD3  . LYS A 1 12 ? 4.528   -6.227  -7.211  1.00 1.83  ? 103 LYS A HD3  1 
ATOM   162  H  HE2  . LYS A 1 12 ? 6.930   -6.845  -5.992  1.00 2.22  ? 103 LYS A HE2  1 
ATOM   163  H  HE3  . LYS A 1 12 ? 6.083   -8.392  -5.986  1.00 2.27  ? 103 LYS A HE3  1 
ATOM   164  H  HZ1  . LYS A 1 12 ? 6.407   -6.654  -8.372  1.00 2.80  ? 103 LYS A HZ1  1 
ATOM   165  H  HZ2  . LYS A 1 12 ? 7.371   -8.007  -8.028  1.00 2.93  ? 103 LYS A HZ2  1 
ATOM   166  H  HZ3  . LYS A 1 12 ? 5.711   -8.203  -8.334  1.00 2.88  ? 103 LYS A HZ3  1 
ATOM   167  N  N    . PHE A 1 13 ? 2.718   -1.523  -3.806  1.00 0.34  ? 104 PHE A N    1 
ATOM   168  C  CA   . PHE A 1 13 ? 1.752   -0.438  -4.137  1.00 0.35  ? 104 PHE A CA   1 
ATOM   169  C  C    . PHE A 1 13 ? 1.731   -0.202  -5.648  1.00 0.35  ? 104 PHE A C    1 
ATOM   170  O  O    . PHE A 1 13 ? 2.757   -0.170  -6.298  1.00 0.52  ? 104 PHE A O    1 
ATOM   171  C  CB   . PHE A 1 13 ? 2.173   0.851   -3.429  1.00 0.54  ? 104 PHE A CB   1 
ATOM   172  C  CG   . PHE A 1 13 ? 2.152   0.637   -1.934  1.00 0.35  ? 104 PHE A CG   1 
ATOM   173  C  CD1  . PHE A 1 13 ? 0.974   0.214   -1.303  1.00 1.25  ? 104 PHE A CD1  1 
ATOM   174  C  CD2  . PHE A 1 13 ? 3.309   0.864   -1.176  1.00 1.25  ? 104 PHE A CD2  1 
ATOM   175  C  CE1  . PHE A 1 13 ? 0.953   0.018   0.085   1.00 1.21  ? 104 PHE A CE1  1 
ATOM   176  C  CE2  . PHE A 1 13 ? 3.288   0.669   0.210   1.00 1.35  ? 104 PHE A CE2  1 
ATOM   177  C  CZ   . PHE A 1 13 ? 2.111   0.245   0.841   1.00 0.55  ? 104 PHE A CZ   1 
ATOM   178  H  H    . PHE A 1 13 ? 3.289   -1.441  -3.013  1.00 0.37  ? 104 PHE A H    1 
ATOM   179  H  HA   . PHE A 1 13 ? 0.765   -0.723  -3.805  1.00 0.32  ? 104 PHE A HA   1 
ATOM   180  H  HB2  . PHE A 1 13 ? 3.171   1.122   -3.739  1.00 0.74  ? 104 PHE A HB2  1 
ATOM   181  H  HB3  . PHE A 1 13 ? 1.488   1.645   -3.687  1.00 0.78  ? 104 PHE A HB3  1 
ATOM   182  H  HD1  . PHE A 1 13 ? 0.082   0.038   -1.886  1.00 2.18  ? 104 PHE A HD1  1 
ATOM   183  H  HD2  . PHE A 1 13 ? 4.217   1.189   -1.662  1.00 2.13  ? 104 PHE A HD2  1 
ATOM   184  H  HE1  . PHE A 1 13 ? 0.046   -0.308  0.569   1.00 2.10  ? 104 PHE A HE1  1 
ATOM   185  H  HE2  . PHE A 1 13 ? 4.180   0.844   0.793   1.00 2.29  ? 104 PHE A HE2  1 
ATOM   186  H  HZ   . PHE A 1 13 ? 2.095   0.094   1.910   1.00 0.75  ? 104 PHE A HZ   1 
ATOM   187  N  N    . ARG A 1 14 ? 0.565   -0.036  -6.211  1.00 0.27  ? 105 ARG A N    1 
ATOM   188  C  CA   . ARG A 1 14 ? 0.469   0.199   -7.678  1.00 0.36  ? 105 ARG A CA   1 
ATOM   189  C  C    . ARG A 1 14 ? -0.717  1.121   -7.962  1.00 0.30  ? 105 ARG A C    1 
ATOM   190  O  O    . ARG A 1 14 ? -1.862  0.737   -7.821  1.00 0.29  ? 105 ARG A O    1 
ATOM   191  C  CB   . ARG A 1 14 ? 0.265   -1.135  -8.397  1.00 0.47  ? 105 ARG A CB   1 
ATOM   192  C  CG   . ARG A 1 14 ? 0.923   -1.081  -9.777  1.00 1.11  ? 105 ARG A CG   1 
ATOM   193  C  CD   . ARG A 1 14 ? 0.908   -2.476  -10.405 1.00 1.45  ? 105 ARG A CD   1 
ATOM   194  N  NE   . ARG A 1 14 ? 2.008   -2.581  -11.406 1.00 2.05  ? 105 ARG A NE   1 
ATOM   195  C  CZ   . ARG A 1 14 ? 2.031   -3.578  -12.248 1.00 2.69  ? 105 ARG A CZ   1 
ATOM   196  N  NH1  . ARG A 1 14 ? 1.350   -4.662  -11.994 1.00 3.42  ? 105 ARG A NH1  1 
ATOM   197  N  NH2  . ARG A 1 14 ? 2.734   -3.491  -13.344 1.00 3.17  ? 105 ARG A NH2  1 
ATOM   198  H  H    . ARG A 1 14 ? -0.250  -0.065  -5.667  1.00 0.24  ? 105 ARG A H    1 
ATOM   199  H  HA   . ARG A 1 14 ? 1.379   0.663   -8.029  1.00 0.47  ? 105 ARG A HA   1 
ATOM   200  H  HB2  . ARG A 1 14 ? 0.711   -1.930  -7.816  1.00 0.74  ? 105 ARG A HB2  1 
ATOM   201  H  HB3  . ARG A 1 14 ? -0.792  -1.324  -8.512  1.00 0.90  ? 105 ARG A HB3  1 
ATOM   202  H  HG2  . ARG A 1 14 ? 0.377   -0.394  -10.409 1.00 1.78  ? 105 ARG A HG2  1 
ATOM   203  H  HG3  . ARG A 1 14 ? 1.943   -0.743  -9.676  1.00 1.67  ? 105 ARG A HG3  1 
ATOM   204  H  HD2  . ARG A 1 14 ? 1.051   -3.219  -9.634  1.00 1.96  ? 105 ARG A HD2  1 
ATOM   205  H  HD3  . ARG A 1 14 ? -0.040  -2.641  -10.894 1.00 1.90  ? 105 ARG A HD3  1 
ATOM   206  H  HE   . ARG A 1 14 ? 2.714   -1.902  -11.432 1.00 2.48  ? 105 ARG A HE   1 
ATOM   207  H  HH11 . ARG A 1 14 ? 0.811   -4.729  -11.155 1.00 3.57  ? 105 ARG A HH11 1 
ATOM   208  H  HH12 . ARG A 1 14 ? 1.368   -5.425  -12.640 1.00 4.09  ? 105 ARG A HH12 1 
ATOM   209  H  HH21 . ARG A 1 14 ? 3.256   -2.660  -13.538 1.00 3.17  ? 105 ARG A HH21 1 
ATOM   210  H  HH22 . ARG A 1 14 ? 2.752   -4.255  -13.988 1.00 3.85  ? 105 ARG A HH22 1 
ATOM   211  N  N    . LEU A 1 15 ? -0.457  2.336   -8.358  1.00 0.32  ? 106 LEU A N    1 
ATOM   212  C  CA   . LEU A 1 15 ? -1.571  3.278   -8.648  1.00 0.34  ? 106 LEU A CA   1 
ATOM   213  C  C    . LEU A 1 15 ? -2.562  2.609   -9.602  1.00 0.30  ? 106 LEU A C    1 
ATOM   214  O  O    . LEU A 1 15 ? -2.192  2.096   -10.640 1.00 0.36  ? 106 LEU A O    1 
ATOM   215  C  CB   . LEU A 1 15 ? -1.011  4.551   -9.287  1.00 0.45  ? 106 LEU A CB   1 
ATOM   216  C  CG   . LEU A 1 15 ? -0.591  4.261   -10.728 1.00 0.49  ? 106 LEU A CG   1 
ATOM   217  C  CD1  . LEU A 1 15 ? -0.004  5.526   -11.355 1.00 0.63  ? 106 LEU A CD1  1 
ATOM   218  C  CD2  . LEU A 1 15 ? 0.460   3.150   -10.741 1.00 0.47  ? 106 LEU A CD2  1 
ATOM   219  H  H    . LEU A 1 15 ? 0.470   2.630   -8.466  1.00 0.38  ? 106 LEU A H    1 
ATOM   220  H  HA   . LEU A 1 15 ? -2.076  3.530   -7.726  1.00 0.36  ? 106 LEU A HA   1 
ATOM   221  H  HB2  . LEU A 1 15 ? -1.767  5.320   -9.280  1.00 0.50  ? 106 LEU A HB2  1 
ATOM   222  H  HB3  . LEU A 1 15 ? -0.151  4.886   -8.727  1.00 0.50  ? 106 LEU A HB3  1 
ATOM   223  H  HG   . LEU A 1 15 ? -1.453  3.946   -11.291 1.00 0.47  ? 106 LEU A HG   1 
ATOM   224  H  HD11 . LEU A 1 15 ? 0.784   5.907   -10.724 1.00 1.23  ? 106 LEU A HD11 1 
ATOM   225  H  HD12 . LEU A 1 15 ? 0.397   5.290   -12.331 1.00 1.17  ? 106 LEU A HD12 1 
ATOM   226  H  HD13 . LEU A 1 15 ? -0.779  6.271   -11.455 1.00 1.22  ? 106 LEU A HD13 1 
ATOM   227  H  HD21 . LEU A 1 15 ? 1.222   3.368   -10.007 1.00 1.16  ? 106 LEU A HD21 1 
ATOM   228  H  HD22 . LEU A 1 15 ? -0.010  2.207   -10.503 1.00 1.09  ? 106 LEU A HD22 1 
ATOM   229  H  HD23 . LEU A 1 15 ? 0.909   3.091   -11.721 1.00 1.06  ? 106 LEU A HD23 1 
ATOM   230  N  N    . HIS A 1 16 ? -3.818  2.607   -9.258  1.00 0.34  ? 107 HIS A N    1 
ATOM   231  C  CA   . HIS A 1 16 ? -4.833  1.967   -10.141 1.00 0.39  ? 107 HIS A CA   1 
ATOM   232  C  C    . HIS A 1 16 ? -5.587  3.046   -10.920 1.00 0.40  ? 107 HIS A C    1 
ATOM   233  O  O    . HIS A 1 16 ? -5.310  4.223   -10.798 1.00 0.46  ? 107 HIS A O    1 
ATOM   234  C  CB   . HIS A 1 16 ? -5.820  1.170   -9.288  1.00 0.49  ? 107 HIS A CB   1 
ATOM   235  C  CG   . HIS A 1 16 ? -5.769  -0.281  -9.685  1.00 1.47  ? 107 HIS A CG   1 
ATOM   236  N  ND1  . HIS A 1 16 ? -5.519  -1.289  -8.768  1.00 2.22  ? 107 HIS A ND1  1 
ATOM   237  C  CD2  . HIS A 1 16 ? -5.935  -0.907  -10.896 1.00 2.53  ? 107 HIS A CD2  1 
ATOM   238  C  CE1  . HIS A 1 16 ? -5.541  -2.458  -9.435  1.00 3.13  ? 107 HIS A CE1  1 
ATOM   239  N  NE2  . HIS A 1 16 ? -5.791  -2.282  -10.734 1.00 3.36  ? 107 HIS A NE2  1 
ATOM   240  H  H    . HIS A 1 16 ? -4.094  3.023   -8.414  1.00 0.41  ? 107 HIS A H    1 
ATOM   241  H  HA   . HIS A 1 16 ? -4.340  1.304   -10.835 1.00 0.46  ? 107 HIS A HA   1 
ATOM   242  H  HB2  . HIS A 1 16 ? -5.555  1.268   -8.245  1.00 1.00  ? 107 HIS A HB2  1 
ATOM   243  H  HB3  . HIS A 1 16 ? -6.819  1.549   -9.443  1.00 0.92  ? 107 HIS A HB3  1 
ATOM   244  H  HD1  . HIS A 1 16 ? -5.354  -1.172  -7.808  1.00 2.49  ? 107 HIS A HD1  1 
ATOM   245  H  HD2  . HIS A 1 16 ? -6.146  -0.408  -11.829 1.00 3.02  ? 107 HIS A HD2  1 
ATOM   246  H  HE1  . HIS A 1 16 ? -5.377  -3.421  -8.974  1.00 3.90  ? 107 HIS A HE1  1 
ATOM   247  N  N    . SER A 1 17 ? -6.537  2.654   -11.724 1.00 0.49  ? 108 SER A N    1 
ATOM   248  C  CA   . SER A 1 17 ? -7.303  3.658   -12.514 1.00 0.59  ? 108 SER A CA   1 
ATOM   249  C  C    . SER A 1 17 ? -8.783  3.269   -12.556 1.00 0.63  ? 108 SER A C    1 
ATOM   250  O  O    . SER A 1 17 ? -9.378  3.178   -13.612 1.00 0.94  ? 108 SER A O    1 
ATOM   251  C  CB   . SER A 1 17 ? -6.752  3.710   -13.938 1.00 0.71  ? 108 SER A CB   1 
ATOM   252  O  OG   . SER A 1 17 ? -5.331  3.702   -13.893 1.00 0.78  ? 108 SER A OG   1 
ATOM   253  H  H    . SER A 1 17 ? -6.742  1.700   -11.811 1.00 0.57  ? 108 SER A H    1 
ATOM   254  H  HA   . SER A 1 17 ? -7.200  4.630   -12.055 1.00 0.68  ? 108 SER A HA   1 
ATOM   255  H  HB2  . SER A 1 17 ? -7.094  2.851   -14.491 1.00 0.72  ? 108 SER A HB2  1 
ATOM   256  H  HB3  . SER A 1 17 ? -7.102  4.610   -14.426 1.00 0.83  ? 108 SER A HB3  1 
ATOM   257  H  HG   . SER A 1 17 ? -5.006  3.568   -14.786 1.00 1.19  ? 108 SER A HG   1 
ATOM   258  N  N    . TYR A 1 18 ? -9.389  3.046   -11.420 1.00 0.67  ? 109 TYR A N    1 
ATOM   259  C  CA   . TYR A 1 18 ? -10.832 2.672   -11.415 1.00 0.79  ? 109 TYR A CA   1 
ATOM   260  C  C    . TYR A 1 18 ? -11.655 3.851   -11.935 1.00 0.91  ? 109 TYR A C    1 
ATOM   261  O  O    . TYR A 1 18 ? -12.251 3.792   -12.993 1.00 1.82  ? 109 TYR A O    1 
ATOM   262  C  CB   . TYR A 1 18 ? -11.284 2.340   -9.989  1.00 0.90  ? 109 TYR A CB   1 
ATOM   263  C  CG   . TYR A 1 18 ? -10.160 1.681   -9.228  1.00 0.68  ? 109 TYR A CG   1 
ATOM   264  C  CD1  . TYR A 1 18 ? -9.665  0.437   -9.642  1.00 1.35  ? 109 TYR A CD1  1 
ATOM   265  C  CD2  . TYR A 1 18 ? -9.618  2.310   -8.099  1.00 1.27  ? 109 TYR A CD2  1 
ATOM   266  C  CE1  . TYR A 1 18 ? -8.627  -0.177  -8.929  1.00 1.32  ? 109 TYR A CE1  1 
ATOM   267  C  CE2  . TYR A 1 18 ? -8.582  1.695   -7.385  1.00 1.33  ? 109 TYR A CE2  1 
ATOM   268  C  CZ   . TYR A 1 18 ? -8.086  0.453   -7.799  1.00 0.74  ? 109 TYR A CZ   1 
ATOM   269  O  OH   . TYR A 1 18 ? -7.064  -0.153  -7.096  1.00 0.97  ? 109 TYR A OH   1 
ATOM   270  H  H    . TYR A 1 18 ? -8.898  3.128   -10.575 1.00 0.86  ? 109 TYR A H    1 
ATOM   271  H  HA   . TYR A 1 18 ? -10.985 1.814   -12.052 1.00 0.81  ? 109 TYR A HA   1 
ATOM   272  H  HB2  . TYR A 1 18 ? -11.572 3.251   -9.485  1.00 1.07  ? 109 TYR A HB2  1 
ATOM   273  H  HB3  . TYR A 1 18 ? -12.131 1.671   -10.030 1.00 1.13  ? 109 TYR A HB3  1 
ATOM   274  H  HD1  . TYR A 1 18 ? -10.083 -0.047  -10.513 1.00 2.21  ? 109 TYR A HD1  1 
ATOM   275  H  HD2  . TYR A 1 18 ? -10.000 3.268   -7.780  1.00 2.08  ? 109 TYR A HD2  1 
ATOM   276  H  HE1  . TYR A 1 18 ? -8.245  -1.134  -9.248  1.00 2.14  ? 109 TYR A HE1  1 
ATOM   277  H  HE2  . TYR A 1 18 ? -8.164  2.180   -6.515  1.00 2.19  ? 109 TYR A HE2  1 
ATOM   278  H  HH   . TYR A 1 18 ? -7.459  -0.692  -6.406  1.00 1.42  ? 109 TYR A HH   1 
ATOM   279  N  N    . SER A 1 19 ? -11.690 4.924   -11.194 1.00 0.77  ? 110 SER A N    1 
ATOM   280  C  CA   . SER A 1 19 ? -12.469 6.116   -11.630 1.00 0.77  ? 110 SER A CA   1 
ATOM   281  C  C    . SER A 1 19 ? -12.352 7.204   -10.561 1.00 0.67  ? 110 SER A C    1 
ATOM   282  O  O    . SER A 1 19 ? -12.337 8.383   -10.855 1.00 0.79  ? 110 SER A O    1 
ATOM   283  C  CB   . SER A 1 19 ? -13.939 5.731   -11.808 1.00 0.90  ? 110 SER A CB   1 
ATOM   284  O  OG   . SER A 1 19 ? -14.754 6.871   -11.574 1.00 1.60  ? 110 SER A OG   1 
ATOM   285  H  H    . SER A 1 19 ? -11.200 4.946   -10.346 1.00 1.39  ? 110 SER A H    1 
ATOM   286  H  HA   . SER A 1 19 ? -12.075 6.485   -12.565 1.00 0.82  ? 110 SER A HA   1 
ATOM   287  H  HB2  . SER A 1 19 ? -14.101 5.378   -12.813 1.00 1.36  ? 110 SER A HB2  1 
ATOM   288  H  HB3  . SER A 1 19 ? -14.190 4.945   -11.108 1.00 1.41  ? 110 SER A HB3  1 
ATOM   289  H  HG   . SER A 1 19 ? -15.655 6.570   -11.438 1.00 1.98  ? 110 SER A HG   1 
ATOM   290  N  N    . SER A 1 20 ? -12.262 6.812   -9.320  1.00 0.59  ? 111 SER A N    1 
ATOM   291  C  CA   . SER A 1 20 ? -12.136 7.812   -8.223  1.00 0.54  ? 111 SER A CA   1 
ATOM   292  C  C    . SER A 1 20 ? -11.087 7.327   -7.221  1.00 0.50  ? 111 SER A C    1 
ATOM   293  O  O    . SER A 1 20 ? -10.740 6.163   -7.207  1.00 0.51  ? 111 SER A O    1 
ATOM   294  C  CB   . SER A 1 20 ? -13.484 7.966   -7.516  1.00 0.62  ? 111 SER A CB   1 
ATOM   295  O  OG   . SER A 1 20 ? -14.313 8.840   -8.270  1.00 0.71  ? 111 SER A OG   1 
ATOM   296  H  H    . SER A 1 20 ? -12.271 5.855   -9.108  1.00 0.69  ? 111 SER A H    1 
ATOM   297  H  HA   . SER A 1 20 ? -11.832 8.764   -8.634  1.00 0.56  ? 111 SER A HA   1 
ATOM   298  H  HB2  . SER A 1 20 ? -13.963 7.005   -7.437  1.00 0.85  ? 111 SER A HB2  1 
ATOM   299  H  HB3  . SER A 1 20 ? -13.325 8.369   -6.525  1.00 0.87  ? 111 SER A HB3  1 
ATOM   300  H  HG   . SER A 1 20 ? -15.210 8.759   -7.938  1.00 1.05  ? 111 SER A HG   1 
ATOM   301  N  N    . PRO A 1 21 ? -10.613 8.234   -6.409  1.00 0.49  ? 112 PRO A N    1 
ATOM   302  C  CA   . PRO A 1 21 ? -9.598  7.929   -5.388  1.00 0.48  ? 112 PRO A CA   1 
ATOM   303  C  C    . PRO A 1 21 ? -10.237 7.222   -4.191  1.00 0.48  ? 112 PRO A C    1 
ATOM   304  O  O    . PRO A 1 21 ? -11.279 7.616   -3.705  1.00 0.53  ? 112 PRO A O    1 
ATOM   305  C  CB   . PRO A 1 21 ? -9.056  9.306   -4.995  1.00 0.51  ? 112 PRO A CB   1 
ATOM   306  C  CG   . PRO A 1 21 ? -10.148 10.332  -5.380  1.00 0.54  ? 112 PRO A CG   1 
ATOM   307  C  CD   . PRO A 1 21 ? -11.044 9.648   -6.432  1.00 0.52  ? 112 PRO A CD   1 
ATOM   308  H  HA   . PRO A 1 21 ? -8.808  7.329   -5.805  1.00 0.49  ? 112 PRO A HA   1 
ATOM   309  H  HB2  . PRO A 1 21 ? -8.869  9.339   -3.930  1.00 0.52  ? 112 PRO A HB2  1 
ATOM   310  H  HB3  . PRO A 1 21 ? -8.150  9.518   -5.540  1.00 0.52  ? 112 PRO A HB3  1 
ATOM   311  H  HG2  . PRO A 1 21 ? -10.729 10.597  -4.509  1.00 0.57  ? 112 PRO A HG2  1 
ATOM   312  H  HG3  . PRO A 1 21 ? -9.694  11.213  -5.807  1.00 0.57  ? 112 PRO A HG3  1 
ATOM   313  H  HD2  . PRO A 1 21 ? -12.085 9.733   -6.154  1.00 0.55  ? 112 PRO A HD2  1 
ATOM   314  H  HD3  . PRO A 1 21 ? -10.874 10.073  -7.408  1.00 0.54  ? 112 PRO A HD3  1 
ATOM   315  N  N    . THR A 1 22 ? -9.617  6.177   -3.712  1.00 0.44  ? 113 THR A N    1 
ATOM   316  C  CA   . THR A 1 22 ? -10.182 5.440   -2.548  1.00 0.47  ? 113 THR A CA   1 
ATOM   317  C  C    . THR A 1 22 ? -9.642  6.054   -1.259  1.00 0.39  ? 113 THR A C    1 
ATOM   318  O  O    . THR A 1 22 ? -8.827  6.952   -1.285  1.00 0.36  ? 113 THR A O    1 
ATOM   319  C  CB   . THR A 1 22 ? -9.769  3.968   -2.628  1.00 0.50  ? 113 THR A CB   1 
ATOM   320  O  OG1  . THR A 1 22 ? -9.611  3.595   -3.989  1.00 0.55  ? 113 THR A OG1  1 
ATOM   321  C  CG2  . THR A 1 22 ? -10.848 3.099   -1.980  1.00 0.59  ? 113 THR A CG2  1 
ATOM   322  H  H    . THR A 1 22 ? -8.778  5.878   -4.121  1.00 0.42  ? 113 THR A H    1 
ATOM   323  H  HA   . THR A 1 22 ? -11.259 5.514   -2.556  1.00 0.53  ? 113 THR A HA   1 
ATOM   324  H  HB   . THR A 1 22 ? -8.836  3.826   -2.104  1.00 0.46  ? 113 THR A HB   1 
ATOM   325  H  HG1  . THR A 1 22 ? -9.270  2.698   -4.013  1.00 1.02  ? 113 THR A HG1  1 
ATOM   326  H  HG21 . THR A 1 22 ? -11.576 3.731   -1.493  1.00 1.17  ? 113 THR A HG21 1 
ATOM   327  H  HG22 . THR A 1 22 ? -11.336 2.508   -2.741  1.00 1.24  ? 113 THR A HG22 1 
ATOM   328  H  HG23 . THR A 1 22 ? -10.393 2.444   -1.252  1.00 1.13  ? 113 THR A HG23 1 
ATOM   329  N  N    . PHE A 1 23 ? -10.092 5.583   -0.133  1.00 0.39  ? 114 PHE A N    1 
ATOM   330  C  CA   . PHE A 1 23 ? -9.605  6.154   1.154   1.00 0.34  ? 114 PHE A CA   1 
ATOM   331  C  C    . PHE A 1 23 ? -8.227  5.576   1.484   1.00 0.32  ? 114 PHE A C    1 
ATOM   332  O  O    . PHE A 1 23 ? -7.829  4.553   0.963   1.00 0.56  ? 114 PHE A O    1 
ATOM   333  C  CB   . PHE A 1 23 ? -10.585 5.801   2.275   1.00 0.37  ? 114 PHE A CB   1 
ATOM   334  C  CG   . PHE A 1 23 ? -11.908 6.485   2.022   1.00 0.46  ? 114 PHE A CG   1 
ATOM   335  C  CD1  . PHE A 1 23 ? -12.806 5.950   1.088   1.00 1.32  ? 114 PHE A CD1  1 
ATOM   336  C  CD2  . PHE A 1 23 ? -12.238 7.653   2.722   1.00 1.35  ? 114 PHE A CD2  1 
ATOM   337  C  CE1  . PHE A 1 23 ? -14.033 6.584   0.855   1.00 1.48  ? 114 PHE A CE1  1 
ATOM   338  C  CE2  . PHE A 1 23 ? -13.465 8.287   2.488   1.00 1.43  ? 114 PHE A CE2  1 
ATOM   339  C  CZ   . PHE A 1 23 ? -14.363 7.752   1.554   1.00 0.95  ? 114 PHE A CZ   1 
ATOM   340  H  H    . PHE A 1 23 ? -10.755 4.861   -0.134  1.00 0.43  ? 114 PHE A H    1 
ATOM   341  H  HA   . PHE A 1 23 ? -9.531  7.228   1.065   1.00 0.33  ? 114 PHE A HA   1 
ATOM   342  H  HB2  . PHE A 1 23 ? -10.732 4.731   2.301   1.00 0.48  ? 114 PHE A HB2  1 
ATOM   343  H  HB3  . PHE A 1 23 ? -10.185 6.133   3.221   1.00 0.45  ? 114 PHE A HB3  1 
ATOM   344  H  HD1  . PHE A 1 23 ? -12.551 5.050   0.549   1.00 2.16  ? 114 PHE A HD1  1 
ATOM   345  H  HD2  . PHE A 1 23 ? -11.546 8.066   3.441   1.00 2.23  ? 114 PHE A HD2  1 
ATOM   346  H  HE1  . PHE A 1 23 ? -14.726 6.172   0.135   1.00 2.37  ? 114 PHE A HE1  1 
ATOM   347  H  HE2  . PHE A 1 23 ? -13.720 9.187   3.027   1.00 2.29  ? 114 PHE A HE2  1 
ATOM   348  H  HZ   . PHE A 1 23 ? -15.309 8.241   1.374   1.00 1.16  ? 114 PHE A HZ   1 
ATOM   349  N  N    . CYS A 1 24 ? -7.496  6.231   2.344   1.00 0.22  ? 115 CYS A N    1 
ATOM   350  C  CA   . CYS A 1 24 ? -6.141  5.732   2.711   1.00 0.22  ? 115 CYS A CA   1 
ATOM   351  C  C    . CYS A 1 24 ? -6.224  4.971   4.037   1.00 0.23  ? 115 CYS A C    1 
ATOM   352  O  O    . CYS A 1 24 ? -6.965  5.334   4.929   1.00 0.25  ? 115 CYS A O    1 
ATOM   353  C  CB   . CYS A 1 24 ? -5.194  6.923   2.844   1.00 0.20  ? 115 CYS A CB   1 
ATOM   354  S  SG   . CYS A 1 24 ? -3.551  6.361   3.347   1.00 0.25  ? 115 CYS A SG   1 
ATOM   355  H  H    . CYS A 1 24 ? -7.838  7.055   2.748   1.00 0.37  ? 115 CYS A H    1 
ATOM   356  H  HA   . CYS A 1 24 ? -5.781  5.070   1.938   1.00 0.26  ? 115 CYS A HA   1 
ATOM   357  H  HB2  . CYS A 1 24 ? -5.120  7.422   1.893   1.00 0.25  ? 115 CYS A HB2  1 
ATOM   358  H  HB3  . CYS A 1 24 ? -5.581  7.609   3.580   1.00 0.21  ? 115 CYS A HB3  1 
ATOM   359  N  N    . ASP A 1 25 ? -5.478  3.909   4.162   1.00 0.30  ? 116 ASP A N    1 
ATOM   360  C  CA   . ASP A 1 25 ? -5.522  3.106   5.422   1.00 0.33  ? 116 ASP A CA   1 
ATOM   361  C  C    . ASP A 1 25 ? -4.423  3.563   6.383   1.00 0.35  ? 116 ASP A C    1 
ATOM   362  O  O    . ASP A 1 25 ? -4.459  3.272   7.562   1.00 0.62  ? 116 ASP A O    1 
ATOM   363  C  CB   . ASP A 1 25 ? -5.313  1.628   5.085   1.00 0.43  ? 116 ASP A CB   1 
ATOM   364  C  CG   . ASP A 1 25 ? -4.059  1.473   4.221   1.00 0.62  ? 116 ASP A CG   1 
ATOM   365  O  OD1  . ASP A 1 25 ? -3.026  1.989   4.615   1.00 1.27  ? 116 ASP A OD1  1 
ATOM   366  O  OD2  . ASP A 1 25 ? -4.155  0.843   3.182   1.00 1.27  ? 116 ASP A OD2  1 
ATOM   367  H  H    . ASP A 1 25 ? -4.897  3.635   3.423   1.00 0.37  ? 116 ASP A H    1 
ATOM   368  H  HA   . ASP A 1 25 ? -6.485  3.231   5.892   1.00 0.31  ? 116 ASP A HA   1 
ATOM   369  H  HB2  . ASP A 1 25 ? -5.192  1.065   5.999   1.00 0.43  ? 116 ASP A HB2  1 
ATOM   370  H  HB3  . ASP A 1 25 ? -6.169  1.258   4.543   1.00 0.51  ? 116 ASP A HB3  1 
ATOM   371  N  N    . HIS A 1 26 ? -3.446  4.269   5.893   1.00 0.39  ? 117 HIS A N    1 
ATOM   372  C  CA   . HIS A 1 26 ? -2.345  4.734   6.781   1.00 0.39  ? 117 HIS A CA   1 
ATOM   373  C  C    . HIS A 1 26 ? -2.711  6.090   7.389   1.00 0.35  ? 117 HIS A C    1 
ATOM   374  O  O    . HIS A 1 26 ? -2.272  6.432   8.469   1.00 0.41  ? 117 HIS A O    1 
ATOM   375  C  CB   . HIS A 1 26 ? -1.058  4.871   5.965   1.00 0.45  ? 117 HIS A CB   1 
ATOM   376  C  CG   . HIS A 1 26 ? 0.021   5.472   6.825   1.00 0.52  ? 117 HIS A CG   1 
ATOM   377  N  ND1  . HIS A 1 26 ? 0.932   4.691   7.520   1.00 0.71  ? 117 HIS A ND1  1 
ATOM   378  C  CD2  . HIS A 1 26 ? 0.349   6.774   7.112   1.00 0.54  ? 117 HIS A CD2  1 
ATOM   379  C  CE1  . HIS A 1 26 ? 1.755   5.522   8.184   1.00 0.76  ? 117 HIS A CE1  1 
ATOM   380  N  NE2  . HIS A 1 26 ? 1.444   6.803   7.971   1.00 0.66  ? 117 HIS A NE2  1 
ATOM   381  H  H    . HIS A 1 26 ? -3.430  4.485   4.941   1.00 0.60  ? 117 HIS A H    1 
ATOM   382  H  HA   . HIS A 1 26 ? -2.193  4.015   7.573   1.00 0.42  ? 117 HIS A HA   1 
ATOM   383  H  HB2  . HIS A 1 26 ? -0.744  3.898   5.622   1.00 0.52  ? 117 HIS A HB2  1 
ATOM   384  H  HB3  . HIS A 1 26 ? -1.237  5.513   5.115   1.00 0.42  ? 117 HIS A HB3  1 
ATOM   385  H  HD1  . HIS A 1 26 ? 0.968   3.712   7.527   1.00 0.84  ? 117 HIS A HD1  1 
ATOM   386  H  HD2  . HIS A 1 26 ? -0.165  7.643   6.729   1.00 0.58  ? 117 HIS A HD2  1 
ATOM   387  H  HE1  . HIS A 1 26 ? 2.569   5.194   8.813   1.00 0.93  ? 117 HIS A HE1  1 
ATOM   388  N  N    . CYS A 1 27 ? -3.512  6.868   6.711   1.00 0.30  ? 118 CYS A N    1 
ATOM   389  C  CA   . CYS A 1 27 ? -3.897  8.196   7.270   1.00 0.32  ? 118 CYS A CA   1 
ATOM   390  C  C    . CYS A 1 27 ? -5.423  8.314   7.318   1.00 0.31  ? 118 CYS A C    1 
ATOM   391  O  O    . CYS A 1 27 ? -5.962  9.284   7.811   1.00 0.41  ? 118 CYS A O    1 
ATOM   392  C  CB   . CYS A 1 27 ? -3.322  9.309   6.391   1.00 0.32  ? 118 CYS A CB   1 
ATOM   393  S  SG   . CYS A 1 27 ? -3.954  9.138   4.705   1.00 0.26  ? 118 CYS A SG   1 
ATOM   394  H  H    . CYS A 1 27 ? -3.862  6.580   5.841   1.00 0.29  ? 118 CYS A H    1 
ATOM   395  H  HA   . CYS A 1 27 ? -3.500  8.291   8.270   1.00 0.37  ? 118 CYS A HA   1 
ATOM   396  H  HB2  . CYS A 1 27 ? -3.616  10.269  6.788   1.00 0.36  ? 118 CYS A HB2  1 
ATOM   397  H  HB3  . CYS A 1 27 ? -2.245  9.240   6.380   1.00 0.37  ? 118 CYS A HB3  1 
ATOM   398  N  N    . GLY A 1 28 ? -6.123  7.332   6.818   1.00 0.29  ? 119 GLY A N    1 
ATOM   399  C  CA   . GLY A 1 28 ? -7.613  7.391   6.844   1.00 0.33  ? 119 GLY A CA   1 
ATOM   400  C  C    . GLY A 1 28 ? -8.092  8.669   6.154   1.00 0.32  ? 119 GLY A C    1 
ATOM   401  O  O    . GLY A 1 28 ? -8.864  9.431   6.702   1.00 0.47  ? 119 GLY A O    1 
ATOM   402  H  H    . GLY A 1 28 ? -5.671  6.555   6.428   1.00 0.33  ? 119 GLY A H    1 
ATOM   403  H  HA2  . GLY A 1 28 ? -8.015  6.530   6.329   1.00 0.34  ? 119 GLY A HA2  1 
ATOM   404  H  HA3  . GLY A 1 28 ? -7.954  7.390   7.868   1.00 0.40  ? 119 GLY A HA3  1 
ATOM   405  N  N    . SER A 1 29 ? -7.641  8.910   4.954   1.00 0.30  ? 120 SER A N    1 
ATOM   406  C  CA   . SER A 1 29 ? -8.072  10.138  4.227   1.00 0.30  ? 120 SER A CA   1 
ATOM   407  C  C    . SER A 1 29 ? -8.220  9.822   2.738   1.00 0.25  ? 120 SER A C    1 
ATOM   408  O  O    . SER A 1 29 ? -7.444  9.078   2.172   1.00 0.33  ? 120 SER A O    1 
ATOM   409  C  CB   . SER A 1 29 ? -7.024  11.235  4.414   1.00 0.33  ? 120 SER A CB   1 
ATOM   410  O  OG   . SER A 1 29 ? -6.679  11.326  5.790   1.00 0.47  ? 120 SER A OG   1 
ATOM   411  H  H    . SER A 1 29 ? -7.020  8.282   4.530   1.00 0.40  ? 120 SER A H    1 
ATOM   412  H  HA   . SER A 1 29 ? -9.020  10.474  4.620   1.00 0.34  ? 120 SER A HA   1 
ATOM   413  H  HB2  . SER A 1 29 ? -6.142  10.994  3.844   1.00 0.38  ? 120 SER A HB2  1 
ATOM   414  H  HB3  . SER A 1 29 ? -7.426  12.179  4.069   1.00 0.43  ? 120 SER A HB3  1 
ATOM   415  H  HG   . SER A 1 29 ? -6.911  12.207  6.096   1.00 1.06  ? 120 SER A HG   1 
ATOM   416  N  N    . LEU A 1 30 ? -9.211  10.381  2.096   1.00 0.37  ? 121 LEU A N    1 
ATOM   417  C  CA   . LEU A 1 30 ? -9.404  10.108  0.643   1.00 0.36  ? 121 LEU A CA   1 
ATOM   418  C  C    . LEU A 1 30 ? -8.182  10.587  -0.141  1.00 0.35  ? 121 LEU A C    1 
ATOM   419  O  O    . LEU A 1 30 ? -7.694  11.682  0.054   1.00 0.46  ? 121 LEU A O    1 
ATOM   420  C  CB   . LEU A 1 30 ? -10.649 10.843  0.140   1.00 0.44  ? 121 LEU A CB   1 
ATOM   421  C  CG   . LEU A 1 30 ? -11.867 9.930   0.269   1.00 0.49  ? 121 LEU A CG   1 
ATOM   422  C  CD1  . LEU A 1 30 ? -13.141 10.776  0.293   1.00 0.59  ? 121 LEU A CD1  1 
ATOM   423  C  CD2  . LEU A 1 30 ? -11.910 8.974   -0.926  1.00 0.51  ? 121 LEU A CD2  1 
ATOM   424  H  H    . LEU A 1 30 ? -9.828  10.978  2.569   1.00 0.55  ? 121 LEU A H    1 
ATOM   425  H  HA   . LEU A 1 30 ? -9.531  9.047   0.493   1.00 0.35  ? 121 LEU A HA   1 
ATOM   426  H  HB2  . LEU A 1 30 ? -10.802 11.735  0.729   1.00 0.48  ? 121 LEU A HB2  1 
ATOM   427  H  HB3  . LEU A 1 30 ? -10.512 11.114  -0.896  1.00 0.45  ? 121 LEU A HB3  1 
ATOM   428  H  HG   . LEU A 1 30 ? -11.795 9.361   1.185   1.00 0.47  ? 121 LEU A HG   1 
ATOM   429  H  HD11 . LEU A 1 30 ? -12.941 11.715  0.789   1.00 1.21  ? 121 LEU A HD11 1 
ATOM   430  H  HD12 . LEU A 1 30 ? -13.465 10.966  -0.720  1.00 1.01  ? 121 LEU A HD12 1 
ATOM   431  H  HD13 . LEU A 1 30 ? -13.916 10.245  0.825   1.00 1.31  ? 121 LEU A HD13 1 
ATOM   432  H  HD21 . LEU A 1 30 ? -11.571 9.490   -1.812  1.00 1.09  ? 121 LEU A HD21 1 
ATOM   433  H  HD22 . LEU A 1 30 ? -11.266 8.127   -0.735  1.00 1.11  ? 121 LEU A HD22 1 
ATOM   434  H  HD23 . LEU A 1 30 ? -12.923 8.628   -1.076  1.00 1.21  ? 121 LEU A HD23 1 
ATOM   435  N  N    . LEU A 1 31 ? -7.691  9.772   -1.030  1.00 0.32  ? 122 LEU A N    1 
ATOM   436  C  CA   . LEU A 1 31 ? -6.505  10.171  -1.837  1.00 0.34  ? 122 LEU A CA   1 
ATOM   437  C  C    . LEU A 1 31 ? -6.922  11.237  -2.852  1.00 0.45  ? 122 LEU A C    1 
ATOM   438  O  O    . LEU A 1 31 ? -7.336  10.931  -3.953  1.00 0.65  ? 122 LEU A O    1 
ATOM   439  C  CB   . LEU A 1 31 ? -5.958  8.948   -2.578  1.00 0.39  ? 122 LEU A CB   1 
ATOM   440  C  CG   . LEU A 1 31 ? -5.834  7.773   -1.607  1.00 0.39  ? 122 LEU A CG   1 
ATOM   441  C  CD1  . LEU A 1 31 ? -6.036  6.460   -2.365  1.00 0.50  ? 122 LEU A CD1  1 
ATOM   442  C  CD2  . LEU A 1 31 ? -4.443  7.782   -0.971  1.00 0.45  ? 122 LEU A CD2  1 
ATOM   443  H  H    . LEU A 1 31 ? -8.106  8.896   -1.170  1.00 0.38  ? 122 LEU A H    1 
ATOM   444  H  HA   . LEU A 1 31 ? -5.742  10.570  -1.186  1.00 0.34  ? 122 LEU A HA   1 
ATOM   445  H  HB2  . LEU A 1 31 ? -6.632  8.683   -3.380  1.00 0.47  ? 122 LEU A HB2  1 
ATOM   446  H  HB3  . LEU A 1 31 ? -4.985  9.179   -2.985  1.00 0.45  ? 122 LEU A HB3  1 
ATOM   447  H  HG   . LEU A 1 31 ? -6.586  7.863   -0.836  1.00 0.35  ? 122 LEU A HG   1 
ATOM   448  H  HD11 . LEU A 1 31 ? -6.407  6.670   -3.357  1.00 1.16  ? 122 LEU A HD11 1 
ATOM   449  H  HD12 . LEU A 1 31 ? -5.094  5.937   -2.436  1.00 1.10  ? 122 LEU A HD12 1 
ATOM   450  H  HD13 . LEU A 1 31 ? -6.750  5.845   -1.837  1.00 1.19  ? 122 LEU A HD13 1 
ATOM   451  H  HD21 . LEU A 1 31 ? -3.781  8.397   -1.562  1.00 1.11  ? 122 LEU A HD21 1 
ATOM   452  H  HD22 . LEU A 1 31 ? -4.507  8.181   0.030   1.00 1.14  ? 122 LEU A HD22 1 
ATOM   453  H  HD23 . LEU A 1 31 ? -4.058  6.773   -0.932  1.00 1.10  ? 122 LEU A HD23 1 
ATOM   454  N  N    . TYR A 1 32 ? -6.821  12.487  -2.490  1.00 0.74  ? 123 TYR A N    1 
ATOM   455  C  CA   . TYR A 1 32 ? -7.215  13.570  -3.433  1.00 0.87  ? 123 TYR A CA   1 
ATOM   456  C  C    . TYR A 1 32 ? -6.540  13.341  -4.786  1.00 1.03  ? 123 TYR A C    1 
ATOM   457  O  O    . TYR A 1 32 ? -5.826  12.378  -4.980  1.00 1.46  ? 123 TYR A O    1 
ATOM   458  C  CB   . TYR A 1 32 ? -6.775  14.923  -2.866  1.00 1.28  ? 123 TYR A CB   1 
ATOM   459  C  CG   . TYR A 1 32 ? -7.651  15.285  -1.691  1.00 1.71  ? 123 TYR A CG   1 
ATOM   460  C  CD1  . TYR A 1 32 ? -9.023  15.496  -1.877  1.00 2.39  ? 123 TYR A CD1  1 
ATOM   461  C  CD2  . TYR A 1 32 ? -7.090  15.410  -0.413  1.00 2.24  ? 123 TYR A CD2  1 
ATOM   462  C  CE1  . TYR A 1 32 ? -9.836  15.833  -0.786  1.00 3.01  ? 123 TYR A CE1  1 
ATOM   463  C  CE2  . TYR A 1 32 ? -7.901  15.747  0.679   1.00 2.74  ? 123 TYR A CE2  1 
ATOM   464  C  CZ   . TYR A 1 32 ? -9.275  15.957  0.492   1.00 2.96  ? 123 TYR A CZ   1 
ATOM   465  O  OH   . TYR A 1 32 ? -10.073 16.289  1.568   1.00 3.65  ? 123 TYR A OH   1 
ATOM   466  H  H    . TYR A 1 32 ? -6.487  12.712  -1.596  1.00 1.01  ? 123 TYR A H    1 
ATOM   467  H  HA   . TYR A 1 32 ? -8.287  13.565  -3.559  1.00 0.96  ? 123 TYR A HA   1 
ATOM   468  H  HB2  . TYR A 1 32 ? -5.746  14.861  -2.545  1.00 1.56  ? 123 TYR A HB2  1 
ATOM   469  H  HB3  . TYR A 1 32 ? -6.869  15.680  -3.630  1.00 1.33  ? 123 TYR A HB3  1 
ATOM   470  H  HD1  . TYR A 1 32 ? -9.455  15.400  -2.862  1.00 2.79  ? 123 TYR A HD1  1 
ATOM   471  H  HD2  . TYR A 1 32 ? -6.032  15.248  -0.269  1.00 2.69  ? 123 TYR A HD2  1 
ATOM   472  H  HE1  . TYR A 1 32 ? -10.893 15.996  -0.929  1.00 3.79  ? 123 TYR A HE1  1 
ATOM   473  H  HE2  . TYR A 1 32 ? -7.470  15.843  1.664   1.00 3.32  ? 123 TYR A HE2  1 
ATOM   474  H  HH   . TYR A 1 32 ? -10.342 17.205  1.467   1.00 3.91  ? 123 TYR A HH   1 
ATOM   475  N  N    . GLY A 1 33 ? -6.759  14.221  -5.724  1.00 1.15  ? 124 GLY A N    1 
ATOM   476  C  CA   . GLY A 1 33 ? -6.129  14.054  -7.064  1.00 1.55  ? 124 GLY A CA   1 
ATOM   477  C  C    . GLY A 1 33 ? -4.607  14.028  -6.914  1.00 1.51  ? 124 GLY A C    1 
ATOM   478  O  O    . GLY A 1 33 ? -3.892  13.639  -7.815  1.00 2.22  ? 124 GLY A O    1 
ATOM   479  H  H    . GLY A 1 33 ? -7.338  14.992  -5.548  1.00 1.25  ? 124 GLY A H    1 
ATOM   480  H  HA2  . GLY A 1 33 ? -6.465  13.127  -7.507  1.00 1.73  ? 124 GLY A HA2  1 
ATOM   481  H  HA3  . GLY A 1 33 ? -6.411  14.880  -7.701  1.00 1.99  ? 124 GLY A HA3  1 
ATOM   482  N  N    . LEU A 1 34 ? -4.107  14.441  -5.781  1.00 1.21  ? 125 LEU A N    1 
ATOM   483  C  CA   . LEU A 1 34 ? -2.632  14.441  -5.571  1.00 1.48  ? 125 LEU A CA   1 
ATOM   484  C  C    . LEU A 1 34 ? -2.038  13.137  -6.110  1.00 1.22  ? 125 LEU A C    1 
ATOM   485  O  O    . LEU A 1 34 ? -0.888  13.081  -6.500  1.00 1.40  ? 125 LEU A O    1 
ATOM   486  C  CB   . LEU A 1 34 ? -2.330  14.557  -4.075  1.00 1.84  ? 125 LEU A CB   1 
ATOM   487  C  CG   . LEU A 1 34 ? -2.476  16.015  -3.637  1.00 2.30  ? 125 LEU A CG   1 
ATOM   488  C  CD1  . LEU A 1 34 ? -2.381  16.101  -2.113  1.00 2.72  ? 125 LEU A CD1  1 
ATOM   489  C  CD2  . LEU A 1 34 ? -1.356  16.848  -4.265  1.00 2.74  ? 125 LEU A CD2  1 
ATOM   490  H  H    . LEU A 1 34 ? -4.701  14.752  -5.068  1.00 1.38  ? 125 LEU A H    1 
ATOM   491  H  HA   . LEU A 1 34 ? -2.193  15.278  -6.093  1.00 1.81  ? 125 LEU A HA   1 
ATOM   492  H  HB2  . LEU A 1 34 ? -3.024  13.942  -3.521  1.00 1.71  ? 125 LEU A HB2  1 
ATOM   493  H  HB3  . LEU A 1 34 ? -1.321  14.224  -3.884  1.00 2.08  ? 125 LEU A HB3  1 
ATOM   494  H  HG   . LEU A 1 34 ? -3.435  16.394  -3.960  1.00 2.17  ? 125 LEU A HG   1 
ATOM   495  H  HD11 . LEU A 1 34 ? -1.774  15.288  -1.743  1.00 3.11  ? 125 LEU A HD11 1 
ATOM   496  H  HD12 . LEU A 1 34 ? -1.931  17.042  -1.832  1.00 2.86  ? 125 LEU A HD12 1 
ATOM   497  H  HD13 . LEU A 1 34 ? -3.371  16.035  -1.686  1.00 3.04  ? 125 LEU A HD13 1 
ATOM   498  H  HD21 . LEU A 1 34 ? -0.703  16.204  -4.834  1.00 2.87  ? 125 LEU A HD21 1 
ATOM   499  H  HD22 . LEU A 1 34 ? -1.786  17.593  -4.918  1.00 3.08  ? 125 LEU A HD22 1 
ATOM   500  H  HD23 . LEU A 1 34 ? -0.792  17.338  -3.486  1.00 3.14  ? 125 LEU A HD23 1 
ATOM   501  N  N    . VAL A 1 35 ? -2.812  12.086  -6.134  1.00 0.93  ? 126 VAL A N    1 
ATOM   502  C  CA   . VAL A 1 35 ? -2.289  10.789  -6.647  1.00 0.92  ? 126 VAL A CA   1 
ATOM   503  C  C    . VAL A 1 35 ? -3.343  10.134  -7.539  1.00 0.84  ? 126 VAL A C    1 
ATOM   504  O  O    . VAL A 1 35 ? -4.453  9.878   -7.116  1.00 1.36  ? 126 VAL A O    1 
ATOM   505  C  CB   . VAL A 1 35 ? -1.975  9.865   -5.469  1.00 1.15  ? 126 VAL A CB   1 
ATOM   506  C  CG1  . VAL A 1 35 ? -0.834  10.459  -4.642  1.00 1.50  ? 126 VAL A CG1  1 
ATOM   507  C  CG2  . VAL A 1 35 ? -3.219  9.720   -4.590  1.00 1.20  ? 126 VAL A CG2  1 
ATOM   508  H  H    . VAL A 1 35 ? -3.738  12.151  -5.815  1.00 0.87  ? 126 VAL A H    1 
ATOM   509  H  HA   . VAL A 1 35 ? -1.389  10.962  -7.218  1.00 1.02  ? 126 VAL A HA   1 
ATOM   510  H  HB   . VAL A 1 35 ? -1.680  8.895   -5.842  1.00 1.25  ? 126 VAL A HB   1 
ATOM   511  H  HG11 . VAL A 1 35 ? -1.072  11.480  -4.381  1.00 1.96  ? 126 VAL A HG11 1 
ATOM   512  H  HG12 . VAL A 1 35 ? -0.702  9.879   -3.741  1.00 1.96  ? 126 VAL A HG12 1 
ATOM   513  H  HG13 . VAL A 1 35 ? 0.078   10.440  -5.220  1.00 1.75  ? 126 VAL A HG13 1 
ATOM   514  H  HG21 . VAL A 1 35 ? -3.972  10.425  -4.913  1.00 1.70  ? 126 VAL A HG21 1 
ATOM   515  H  HG22 . VAL A 1 35 ? -3.607  8.716   -4.675  1.00 1.67  ? 126 VAL A HG22 1 
ATOM   516  H  HG23 . VAL A 1 35 ? -2.958  9.920   -3.561  1.00 1.39  ? 126 VAL A HG23 1 
ATOM   517  N  N    . HIS A 1 36 ? -3.008  9.859   -8.770  1.00 0.87  ? 127 HIS A N    1 
ATOM   518  C  CA   . HIS A 1 36 ? -3.996  9.218   -9.684  1.00 0.84  ? 127 HIS A CA   1 
ATOM   519  C  C    . HIS A 1 36 ? -4.707  8.086   -8.942  1.00 0.93  ? 127 HIS A C    1 
ATOM   520  O  O    . HIS A 1 36 ? -4.220  6.976   -8.869  1.00 1.89  ? 127 HIS A O    1 
ATOM   521  C  CB   . HIS A 1 36 ? -3.272  8.654   -10.908 1.00 0.97  ? 127 HIS A CB   1 
ATOM   522  C  CG   . HIS A 1 36 ? -4.267  8.410   -12.009 1.00 0.98  ? 127 HIS A CG   1 
ATOM   523  N  ND1  . HIS A 1 36 ? -4.246  7.259   -12.782 1.00 1.10  ? 127 HIS A ND1  1 
ATOM   524  C  CD2  . HIS A 1 36 ? -5.318  9.158   -12.478 1.00 1.10  ? 127 HIS A CD2  1 
ATOM   525  C  CE1  . HIS A 1 36 ? -5.256  7.349   -13.667 1.00 1.18  ? 127 HIS A CE1  1 
ATOM   526  N  NE2  . HIS A 1 36 ? -5.942  8.486   -13.525 1.00 1.22  ? 127 HIS A NE2  1 
ATOM   527  H  H    . HIS A 1 36 ? -2.108  10.072  -9.093  1.00 1.33  ? 127 HIS A H    1 
ATOM   528  H  HA   . HIS A 1 36 ? -4.721  9.953   -10.001 1.00 0.89  ? 127 HIS A HA   1 
ATOM   529  H  HB2  . HIS A 1 36 ? -2.528  9.361   -11.244 1.00 1.09  ? 127 HIS A HB2  1 
ATOM   530  H  HB3  . HIS A 1 36 ? -2.792  7.724   -10.644 1.00 1.08  ? 127 HIS A HB3  1 
ATOM   531  H  HD1  . HIS A 1 36 ? -3.612  6.517   -12.699 1.00 1.23  ? 127 HIS A HD1  1 
ATOM   532  H  HD2  . HIS A 1 36 ? -5.616  10.122  -12.093 1.00 1.23  ? 127 HIS A HD2  1 
ATOM   533  H  HE1  . HIS A 1 36 ? -5.485  6.592   -14.403 1.00 1.32  ? 127 HIS A HE1  1 
ATOM   534  N  N    . GLN A 1 37 ? -5.856  8.360   -8.385  1.00 0.69  ? 128 GLN A N    1 
ATOM   535  C  CA   . GLN A 1 37 ? -6.594  7.302   -7.643  1.00 0.65  ? 128 GLN A CA   1 
ATOM   536  C  C    . GLN A 1 37 ? -5.811  6.931   -6.381  1.00 0.61  ? 128 GLN A C    1 
ATOM   537  O  O    . GLN A 1 37 ? -5.193  7.770   -5.758  1.00 1.17  ? 128 GLN A O    1 
ATOM   538  C  CB   . GLN A 1 37 ? -6.754  6.069   -8.537  1.00 0.75  ? 128 GLN A CB   1 
ATOM   539  C  CG   . GLN A 1 37 ? -7.089  6.510   -9.964  1.00 1.53  ? 128 GLN A CG   1 
ATOM   540  C  CD   . GLN A 1 37 ? -8.185  7.577   -9.930  1.00 2.63  ? 128 GLN A CD   1 
ATOM   541  O  OE1  . GLN A 1 37 ? -8.222  8.454   -10.770 1.00 3.28  ? 128 GLN A OE1  1 
ATOM   542  N  NE2  . GLN A 1 37 ? -9.087  7.539   -8.987  1.00 3.45  ? 128 GLN A NE2  1 
ATOM   543  H  H    . GLN A 1 37 ? -6.230  9.264   -8.453  1.00 1.35  ? 128 GLN A H    1 
ATOM   544  H  HA   . GLN A 1 37 ? -7.570  7.673   -7.364  1.00 0.76  ? 128 GLN A HA   1 
ATOM   545  H  HB2  . GLN A 1 37 ? -5.831  5.506   -8.540  1.00 1.31  ? 128 GLN A HB2  1 
ATOM   546  H  HB3  . GLN A 1 37 ? -7.553  5.451   -8.156  1.00 1.15  ? 128 GLN A HB3  1 
ATOM   547  H  HG2  . GLN A 1 37 ? -6.204  6.917   -10.432 1.00 2.01  ? 128 GLN A HG2  1 
ATOM   548  H  HG3  . GLN A 1 37 ? -7.436  5.659   -10.529 1.00 1.93  ? 128 GLN A HG3  1 
ATOM   549  H  HE21 . GLN A 1 37 ? -9.057  6.832   -8.309  1.00 3.49  ? 128 GLN A HE21 1 
ATOM   550  H  HE22 . GLN A 1 37 ? -9.792  8.217   -8.957  1.00 4.31  ? 128 GLN A HE22 1 
ATOM   551  N  N    . GLY A 1 38 ? -5.830  5.684   -5.995  1.00 0.47  ? 129 GLY A N    1 
ATOM   552  C  CA   . GLY A 1 38 ? -5.086  5.276   -4.770  1.00 0.43  ? 129 GLY A CA   1 
ATOM   553  C  C    . GLY A 1 38 ? -4.035  4.225   -5.129  1.00 0.33  ? 129 GLY A C    1 
ATOM   554  O  O    . GLY A 1 38 ? -4.116  3.572   -6.153  1.00 0.33  ? 129 GLY A O    1 
ATOM   555  H  H    . GLY A 1 38 ? -6.336  5.018   -6.506  1.00 0.88  ? 129 GLY A H    1 
ATOM   556  H  HA2  . GLY A 1 38 ? -4.599  6.141   -4.343  1.00 0.48  ? 129 GLY A HA2  1 
ATOM   557  H  HA3  . GLY A 1 38 ? -5.775  4.860   -4.051  1.00 0.57  ? 129 GLY A HA3  1 
ATOM   558  N  N    . MET A 1 39 ? -3.049  4.052   -4.291  1.00 0.31  ? 130 MET A N    1 
ATOM   559  C  CA   . MET A 1 39 ? -1.994  3.039   -4.576  1.00 0.27  ? 130 MET A CA   1 
ATOM   560  C  C    . MET A 1 39 ? -2.413  1.698   -3.973  1.00 0.24  ? 130 MET A C    1 
ATOM   561  O  O    . MET A 1 39 ? -2.369  1.506   -2.774  1.00 0.36  ? 130 MET A O    1 
ATOM   562  C  CB   . MET A 1 39 ? -0.668  3.486   -3.953  1.00 0.34  ? 130 MET A CB   1 
ATOM   563  C  CG   . MET A 1 39 ? -0.593  5.014   -3.942  1.00 0.59  ? 130 MET A CG   1 
ATOM   564  S  SD   . MET A 1 39 ? 1.083   5.540   -4.379  1.00 1.23  ? 130 MET A SD   1 
ATOM   565  C  CE   . MET A 1 39 ? 0.864   5.524   -6.174  1.00 0.66  ? 130 MET A CE   1 
ATOM   566  H  H    . MET A 1 39 ? -3.004  4.586   -3.471  1.00 0.36  ? 130 MET A H    1 
ATOM   567  H  HA   . MET A 1 39 ? -1.874  2.933   -5.645  1.00 0.28  ? 130 MET A HA   1 
ATOM   568  H  HB2  . MET A 1 39 ? -0.604  3.115   -2.940  1.00 0.49  ? 130 MET A HB2  1 
ATOM   569  H  HB3  . MET A 1 39 ? 0.153   3.092   -4.532  1.00 0.54  ? 130 MET A HB3  1 
ATOM   570  H  HG2  . MET A 1 39 ? -1.294  5.415   -4.659  1.00 1.13  ? 130 MET A HG2  1 
ATOM   571  H  HG3  . MET A 1 39 ? -0.839  5.380   -2.956  1.00 1.25  ? 130 MET A HG3  1 
ATOM   572  H  HE1  . MET A 1 39 ? -0.086  5.977   -6.424  1.00 1.33  ? 130 MET A HE1  1 
ATOM   573  H  HE2  . MET A 1 39 ? 1.667   6.077   -6.640  1.00 1.06  ? 130 MET A HE2  1 
ATOM   574  H  HE3  . MET A 1 39 ? 0.878   4.507   -6.531  1.00 1.33  ? 130 MET A HE3  1 
ATOM   575  N  N    . LYS A 1 40 ? -2.829  0.771   -4.791  1.00 0.20  ? 131 LYS A N    1 
ATOM   576  C  CA   . LYS A 1 40 ? -3.259  -0.552  -4.257  1.00 0.20  ? 131 LYS A CA   1 
ATOM   577  C  C    . LYS A 1 40 ? -2.065  -1.503  -4.194  1.00 0.18  ? 131 LYS A C    1 
ATOM   578  O  O    . LYS A 1 40 ? -1.399  -1.748  -5.181  1.00 0.24  ? 131 LYS A O    1 
ATOM   579  C  CB   . LYS A 1 40 ? -4.329  -1.145  -5.173  1.00 0.27  ? 131 LYS A CB   1 
ATOM   580  C  CG   . LYS A 1 40 ? -4.843  -2.457  -4.575  1.00 0.37  ? 131 LYS A CG   1 
ATOM   581  C  CD   . LYS A 1 40 ? -5.299  -3.386  -5.701  1.00 0.91  ? 131 LYS A CD   1 
ATOM   582  C  CE   . LYS A 1 40 ? -6.320  -4.386  -5.154  1.00 1.24  ? 131 LYS A CE   1 
ATOM   583  N  NZ   . LYS A 1 40 ? -7.322  -4.703  -6.211  1.00 1.94  ? 131 LYS A NZ   1 
ATOM   584  H  H    . LYS A 1 40 ? -2.862  0.945   -5.755  1.00 0.26  ? 131 LYS A H    1 
ATOM   585  H  HA   . LYS A 1 40 ? -3.668  -0.423  -3.266  1.00 0.21  ? 131 LYS A HA   1 
ATOM   586  H  HB2  . LYS A 1 40 ? -5.145  -0.447  -5.266  1.00 0.32  ? 131 LYS A HB2  1 
ATOM   587  H  HB3  . LYS A 1 40 ? -3.904  -1.337  -6.146  1.00 0.33  ? 131 LYS A HB3  1 
ATOM   588  H  HG2  . LYS A 1 40 ? -4.050  -2.931  -4.014  1.00 0.81  ? 131 LYS A HG2  1 
ATOM   589  H  HG3  . LYS A 1 40 ? -5.676  -2.251  -3.920  1.00 0.74  ? 131 LYS A HG3  1 
ATOM   590  H  HD2  . LYS A 1 40 ? -5.753  -2.801  -6.488  1.00 1.64  ? 131 LYS A HD2  1 
ATOM   591  H  HD3  . LYS A 1 40 ? -4.449  -3.921  -6.094  1.00 1.60  ? 131 LYS A HD3  1 
ATOM   592  H  HE2  . LYS A 1 40 ? -5.812  -5.292  -4.856  1.00 1.74  ? 131 LYS A HE2  1 
ATOM   593  H  HE3  . LYS A 1 40 ? -6.822  -3.958  -4.299  1.00 1.79  ? 131 LYS A HE3  1 
ATOM   594  H  HZ1  . LYS A 1 40 ? -7.525  -3.847  -6.765  1.00 2.51  ? 131 LYS A HZ1  1 
ATOM   595  H  HZ2  . LYS A 1 40 ? -6.941  -5.441  -6.839  1.00 2.31  ? 131 LYS A HZ2  1 
ATOM   596  H  HZ3  . LYS A 1 40 ? -8.198  -5.041  -5.769  1.00 2.24  ? 131 LYS A HZ3  1 
ATOM   597  N  N    . CYS A 1 41 ? -1.797  -2.048  -3.042  1.00 0.18  ? 132 CYS A N    1 
ATOM   598  C  CA   . CYS A 1 41 ? -0.652  -2.992  -2.914  1.00 0.21  ? 132 CYS A CA   1 
ATOM   599  C  C    . CYS A 1 41 ? -0.965  -4.269  -3.695  1.00 0.25  ? 132 CYS A C    1 
ATOM   600  O  O    . CYS A 1 41 ? -1.961  -4.924  -3.459  1.00 0.29  ? 132 CYS A O    1 
ATOM   601  C  CB   . CYS A 1 41 ? -0.432  -3.334  -1.437  1.00 0.23  ? 132 CYS A CB   1 
ATOM   602  S  SG   . CYS A 1 41 ? 0.744   -4.703  -1.298  1.00 0.27  ? 132 CYS A SG   1 
ATOM   603  H  H    . CYS A 1 41 ? -2.353  -1.841  -2.263  1.00 0.22  ? 132 CYS A H    1 
ATOM   604  H  HA   . CYS A 1 41 ? 0.240   -2.533  -3.315  1.00 0.23  ? 132 CYS A HA   1 
ATOM   605  H  HB2  . CYS A 1 41 ? -0.038  -2.469  -0.924  1.00 0.27  ? 132 CYS A HB2  1 
ATOM   606  H  HB3  . CYS A 1 41 ? -1.371  -3.621  -0.991  1.00 0.26  ? 132 CYS A HB3  1 
ATOM   607  N  N    . SER A 1 42 ? -0.125  -4.626  -4.629  1.00 0.30  ? 133 SER A N    1 
ATOM   608  C  CA   . SER A 1 42 ? -0.378  -5.858  -5.428  1.00 0.37  ? 133 SER A CA   1 
ATOM   609  C  C    . SER A 1 42 ? 0.153   -7.079  -4.672  1.00 0.41  ? 133 SER A C    1 
ATOM   610  O  O    . SER A 1 42 ? 0.796   -7.939  -5.239  1.00 0.63  ? 133 SER A O    1 
ATOM   611  C  CB   . SER A 1 42 ? 0.335   -5.746  -6.776  1.00 0.44  ? 133 SER A CB   1 
ATOM   612  O  OG   . SER A 1 42 ? -0.631  -5.743  -7.818  1.00 1.31  ? 133 SER A OG   1 
ATOM   613  H  H    . SER A 1 42 ? 0.670   -4.082  -4.806  1.00 0.31  ? 133 SER A H    1 
ATOM   614  H  HA   . SER A 1 42 ? -1.439  -5.970  -5.591  1.00 0.39  ? 133 SER A HA   1 
ATOM   615  H  HB2  . SER A 1 42 ? 0.898   -4.827  -6.813  1.00 1.09  ? 133 SER A HB2  1 
ATOM   616  H  HB3  . SER A 1 42 ? 1.009   -6.583  -6.897  1.00 1.01  ? 133 SER A HB3  1 
ATOM   617  H  HG   . SER A 1 42 ? -0.195  -6.023  -8.628  1.00 1.71  ? 133 SER A HG   1 
ATOM   618  N  N    . CYS A 1 43 ? -0.115  -7.164  -3.398  1.00 0.32  ? 134 CYS A N    1 
ATOM   619  C  CA   . CYS A 1 43 ? 0.371   -8.329  -2.609  1.00 0.37  ? 134 CYS A CA   1 
ATOM   620  C  C    . CYS A 1 43 ? -0.621  -8.631  -1.484  1.00 0.36  ? 134 CYS A C    1 
ATOM   621  O  O    . CYS A 1 43 ? -0.894  -9.774  -1.176  1.00 0.46  ? 134 CYS A O    1 
ATOM   622  C  CB   . CYS A 1 43 ? 1.740   -8.004  -2.008  1.00 0.44  ? 134 CYS A CB   1 
ATOM   623  S  SG   . CYS A 1 43 ? 3.035   -8.796  -2.993  1.00 1.13  ? 134 CYS A SG   1 
ATOM   624  H  H    . CYS A 1 43 ? -0.637  -6.461  -2.959  1.00 0.36  ? 134 CYS A H    1 
ATOM   625  H  HA   . CYS A 1 43 ? 0.457   -9.190  -3.255  1.00 0.45  ? 134 CYS A HA   1 
ATOM   626  H  HB2  . CYS A 1 43 ? 1.889   -6.934  -2.011  1.00 0.78  ? 134 CYS A HB2  1 
ATOM   627  H  HB3  . CYS A 1 43 ? 1.783   -8.370  -0.994  1.00 0.73  ? 134 CYS A HB3  1 
ATOM   628  H  HG   . CYS A 1 43 ? 2.860   -9.740  -3.007  1.00 1.55  ? 134 CYS A HG   1 
ATOM   629  N  N    . CYS A 1 44 ? -1.160  -7.615  -0.865  1.00 0.33  ? 135 CYS A N    1 
ATOM   630  C  CA   . CYS A 1 44 ? -2.130  -7.850  0.242   1.00 0.40  ? 135 CYS A CA   1 
ATOM   631  C  C    . CYS A 1 44 ? -3.348  -6.937  0.072   1.00 0.42  ? 135 CYS A C    1 
ATOM   632  O  O    . CYS A 1 44 ? -4.257  -6.948  0.878   1.00 0.53  ? 135 CYS A O    1 
ATOM   633  C  CB   . CYS A 1 44 ? -1.452  -7.551  1.583   1.00 0.48  ? 135 CYS A CB   1 
ATOM   634  S  SG   . CYS A 1 44 ? -1.190  -5.766  1.748   1.00 0.51  ? 135 CYS A SG   1 
ATOM   635  H  H    . CYS A 1 44 ? -0.924  -6.700  -1.125  1.00 0.33  ? 135 CYS A H    1 
ATOM   636  H  HA   . CYS A 1 44 ? -2.450  -8.881  0.226   1.00 0.45  ? 135 CYS A HA   1 
ATOM   637  H  HB2  . CYS A 1 44 ? -2.082  -7.898  2.389   1.00 0.60  ? 135 CYS A HB2  1 
ATOM   638  H  HB3  . CYS A 1 44 ? -0.500  -8.059  1.626   1.00 0.48  ? 135 CYS A HB3  1 
ATOM   639  N  N    . GLU A 1 45 ? -3.379  -6.144  -0.965  1.00 0.37  ? 136 GLU A N    1 
ATOM   640  C  CA   . GLU A 1 45 ? -4.542  -5.235  -1.170  1.00 0.42  ? 136 GLU A CA   1 
ATOM   641  C  C    . GLU A 1 45 ? -4.507  -4.127  -0.117  1.00 0.44  ? 136 GLU A C    1 
ATOM   642  O  O    . GLU A 1 45 ? -5.199  -4.182  0.881   1.00 0.71  ? 136 GLU A O    1 
ATOM   643  C  CB   . GLU A 1 45 ? -5.842  -6.030  -1.035  1.00 0.51  ? 136 GLU A CB   1 
ATOM   644  C  CG   . GLU A 1 45 ? -5.715  -7.350  -1.795  1.00 0.67  ? 136 GLU A CG   1 
ATOM   645  C  CD   . GLU A 1 45 ? -7.074  -8.051  -1.834  1.00 1.35  ? 136 GLU A CD   1 
ATOM   646  O  OE1  . GLU A 1 45 ? -7.827  -7.893  -0.886  1.00 2.06  ? 136 GLU A OE1  1 
ATOM   647  O  OE2  . GLU A 1 45 ? -7.339  -8.733  -2.809  1.00 2.00  ? 136 GLU A OE2  1 
ATOM   648  H  H    . GLU A 1 45 ? -2.636  -6.142  -1.606  1.00 0.35  ? 136 GLU A H    1 
ATOM   649  H  HA   . GLU A 1 45 ? -4.488  -4.796  -2.156  1.00 0.43  ? 136 GLU A HA   1 
ATOM   650  H  HB2  . GLU A 1 45 ? -6.033  -6.231  0.009   1.00 0.57  ? 136 GLU A HB2  1 
ATOM   651  H  HB3  . GLU A 1 45 ? -6.659  -5.457  -1.447  1.00 0.65  ? 136 GLU A HB3  1 
ATOM   652  H  HG2  . GLU A 1 45 ? -5.382  -7.154  -2.804  1.00 1.08  ? 136 GLU A HG2  1 
ATOM   653  H  HG3  . GLU A 1 45 ? -4.999  -7.986  -1.296  1.00 1.14  ? 136 GLU A HG3  1 
ATOM   654  N  N    . MET A 1 46 ? -3.702  -3.123  -0.328  1.00 0.35  ? 137 MET A N    1 
ATOM   655  C  CA   . MET A 1 46 ? -3.615  -2.014  0.660   1.00 0.37  ? 137 MET A CA   1 
ATOM   656  C  C    . MET A 1 46 ? -3.576  -0.674  -0.078  1.00 0.44  ? 137 MET A C    1 
ATOM   657  O  O    . MET A 1 46 ? -2.639  -0.374  -0.790  1.00 0.97  ? 137 MET A O    1 
ATOM   658  C  CB   . MET A 1 46 ? -2.340  -2.175  1.490   1.00 0.35  ? 137 MET A CB   1 
ATOM   659  C  CG   . MET A 1 46 ? -2.561  -1.602  2.891   1.00 0.41  ? 137 MET A CG   1 
ATOM   660  S  SD   . MET A 1 46 ? -2.133  -2.854  4.127   1.00 1.13  ? 137 MET A SD   1 
ATOM   661  C  CE   . MET A 1 46 ? -1.596  -1.717  5.428   1.00 0.63  ? 137 MET A CE   1 
ATOM   662  H  H    . MET A 1 46 ? -3.151  -3.103  -1.139  1.00 0.50  ? 137 MET A H    1 
ATOM   663  H  HA   . MET A 1 46 ? -4.476  -2.043  1.313   1.00 0.41  ? 137 MET A HA   1 
ATOM   664  H  HB2  . MET A 1 46 ? -2.090  -3.223  1.564   1.00 0.37  ? 137 MET A HB2  1 
ATOM   665  H  HB3  . MET A 1 46 ? -1.530  -1.645  1.011   1.00 0.40  ? 137 MET A HB3  1 
ATOM   666  H  HG2  . MET A 1 46 ? -1.935  -0.732  3.028   1.00 0.74  ? 137 MET A HG2  1 
ATOM   667  H  HG3  . MET A 1 46 ? -3.598  -1.323  3.006   1.00 0.75  ? 137 MET A HG3  1 
ATOM   668  H  HE1  . MET A 1 46 ? -2.322  -0.926  5.539   1.00 1.10  ? 137 MET A HE1  1 
ATOM   669  H  HE2  . MET A 1 46 ? -1.508  -2.256  6.361   1.00 1.15  ? 137 MET A HE2  1 
ATOM   670  H  HE3  . MET A 1 46 ? -0.640  -1.291  5.159   1.00 1.22  ? 137 MET A HE3  1 
ATOM   671  N  N    . ASN A 1 47 ? -4.587  0.135   0.085   1.00 0.33  ? 138 ASN A N    1 
ATOM   672  C  CA   . ASN A 1 47 ? -4.603  1.453   -0.609  1.00 0.31  ? 138 ASN A CA   1 
ATOM   673  C  C    . ASN A 1 47 ? -3.939  2.506   0.281   1.00 0.27  ? 138 ASN A C    1 
ATOM   674  O  O    . ASN A 1 47 ? -4.263  2.643   1.445   1.00 0.36  ? 138 ASN A O    1 
ATOM   675  C  CB   . ASN A 1 47 ? -6.050  1.864   -0.891  1.00 0.43  ? 138 ASN A CB   1 
ATOM   676  C  CG   . ASN A 1 47 ? -6.630  0.968   -1.988  1.00 0.55  ? 138 ASN A CG   1 
ATOM   677  O  OD1  . ASN A 1 47 ? -5.956  0.647   -2.945  1.00 1.13  ? 138 ASN A OD1  1 
ATOM   678  N  ND2  . ASN A 1 47 ? -7.861  0.548   -1.886  1.00 1.19  ? 138 ASN A ND2  1 
ATOM   679  H  H    . ASN A 1 47 ? -5.334  -0.123  0.665   1.00 0.71  ? 138 ASN A H    1 
ATOM   680  H  HA   . ASN A 1 47 ? -4.062  1.376   -1.540  1.00 0.28  ? 138 ASN A HA   1 
ATOM   681  H  HB2  . ASN A 1 47 ? -6.636  1.758   0.010   1.00 0.53  ? 138 ASN A HB2  1 
ATOM   682  H  HB3  . ASN A 1 47 ? -6.075  2.892   -1.219  1.00 0.52  ? 138 ASN A HB3  1 
ATOM   683  H  HD21 . ASN A 1 47 ? -8.405  0.807   -1.113  1.00 1.84  ? 138 ASN A HD21 1 
ATOM   684  H  HD22 . ASN A 1 47 ? -8.242  -0.027  -2.582  1.00 1.28  ? 138 ASN A HD22 1 
ATOM   685  N  N    . VAL A 1 48 ? -3.009  3.250   -0.253  1.00 0.24  ? 139 VAL A N    1 
ATOM   686  C  CA   . VAL A 1 48 ? -2.325  4.290   0.567   1.00 0.23  ? 139 VAL A CA   1 
ATOM   687  C  C    . VAL A 1 48 ? -2.005  5.505   -0.307  1.00 0.21  ? 139 VAL A C    1 
ATOM   688  O  O    . VAL A 1 48 ? -2.333  5.546   -1.476  1.00 0.28  ? 139 VAL A O    1 
ATOM   689  C  CB   . VAL A 1 48 ? -1.026  3.715   1.134   1.00 0.26  ? 139 VAL A CB   1 
ATOM   690  C  CG1  . VAL A 1 48 ? -1.353  2.699   2.231   1.00 0.44  ? 139 VAL A CG1  1 
ATOM   691  C  CG2  . VAL A 1 48 ? -0.244  3.024   0.016   1.00 0.40  ? 139 VAL A CG2  1 
ATOM   692  H  H    . VAL A 1 48 ? -2.759  3.124   -1.193  1.00 0.30  ? 139 VAL A H    1 
ATOM   693  H  HA   . VAL A 1 48 ? -2.971  4.589   1.378   1.00 0.28  ? 139 VAL A HA   1 
ATOM   694  H  HB   . VAL A 1 48 ? -0.432  4.515   1.552   1.00 0.29  ? 139 VAL A HB   1 
ATOM   695  H  HG11 . VAL A 1 48 ? -2.384  2.813   2.531   1.00 1.14  ? 139 VAL A HG11 1 
ATOM   696  H  HG12 . VAL A 1 48 ? -1.197  1.699   1.852   1.00 1.07  ? 139 VAL A HG12 1 
ATOM   697  H  HG13 . VAL A 1 48 ? -0.709  2.866   3.080   1.00 1.11  ? 139 VAL A HG13 1 
ATOM   698  H  HG21 . VAL A 1 48 ? -0.516  3.456   -0.935  1.00 1.05  ? 139 VAL A HG21 1 
ATOM   699  H  HG22 . VAL A 1 48 ? 0.816   3.157   0.182   1.00 1.10  ? 139 VAL A HG22 1 
ATOM   700  H  HG23 . VAL A 1 48 ? -0.476  1.969   0.012   1.00 1.10  ? 139 VAL A HG23 1 
ATOM   701  N  N    . HIS A 1 49 ? -1.367  6.496   0.255   1.00 0.21  ? 140 HIS A N    1 
ATOM   702  C  CA   . HIS A 1 49 ? -1.023  7.711   -0.537  1.00 0.21  ? 140 HIS A CA   1 
ATOM   703  C  C    . HIS A 1 49 ? 0.345   7.523   -1.193  1.00 0.22  ? 140 HIS A C    1 
ATOM   704  O  O    . HIS A 1 49 ? 0.998   6.515   -1.011  1.00 0.32  ? 140 HIS A O    1 
ATOM   705  C  CB   . HIS A 1 49 ? -0.973  8.927   0.390   1.00 0.23  ? 140 HIS A CB   1 
ATOM   706  C  CG   . HIS A 1 49 ? -2.367  9.432   0.638   1.00 0.20  ? 140 HIS A CG   1 
ATOM   707  N  ND1  . HIS A 1 49 ? -3.041  9.187   1.824   1.00 0.21  ? 140 HIS A ND1  1 
ATOM   708  C  CD2  . HIS A 1 49 ? -3.225  10.174  -0.135  1.00 0.24  ? 140 HIS A CD2  1 
ATOM   709  C  CE1  . HIS A 1 49 ? -4.250  9.770   1.730   1.00 0.24  ? 140 HIS A CE1  1 
ATOM   710  N  NE2  . HIS A 1 49 ? -4.414  10.385  0.556   1.00 0.24  ? 140 HIS A NE2  1 
ATOM   711  H  H    . HIS A 1 49 ? -1.113  6.441   1.200   1.00 0.27  ? 140 HIS A H    1 
ATOM   712  H  HA   . HIS A 1 49 ? -1.772  7.870   -1.300  1.00 0.22  ? 140 HIS A HA   1 
ATOM   713  H  HB2  . HIS A 1 49 ? -0.520  8.644   1.330   1.00 0.24  ? 140 HIS A HB2  1 
ATOM   714  H  HB3  . HIS A 1 49 ? -0.385  9.706   -0.071  1.00 0.28  ? 140 HIS A HB3  1 
ATOM   715  H  HD2  . HIS A 1 49 ? -3.011  10.537  -1.130  1.00 0.29  ? 140 HIS A HD2  1 
ATOM   716  H  HE1  . HIS A 1 49 ? -4.999  9.742   2.508   1.00 0.28  ? 140 HIS A HE1  1 
ATOM   717  N  N    . ARG A 1 50 ? 0.787   8.490   -1.951  1.00 0.24  ? 141 ARG A N    1 
ATOM   718  C  CA   . ARG A 1 50 ? 2.116   8.370   -2.610  1.00 0.28  ? 141 ARG A CA   1 
ATOM   719  C  C    . ARG A 1 50 ? 3.205   8.797   -1.625  1.00 0.28  ? 141 ARG A C    1 
ATOM   720  O  O    . ARG A 1 50 ? 4.370   8.503   -1.803  1.00 0.36  ? 141 ARG A O    1 
ATOM   721  C  CB   . ARG A 1 50 ? 2.159   9.276   -3.844  1.00 0.36  ? 141 ARG A CB   1 
ATOM   722  C  CG   . ARG A 1 50 ? 2.062   8.422   -5.109  1.00 1.05  ? 141 ARG A CG   1 
ATOM   723  C  CD   . ARG A 1 50 ? 2.540   9.237   -6.312  1.00 0.96  ? 141 ARG A CD   1 
ATOM   724  N  NE   . ARG A 1 50 ? 4.021   9.395   -6.248  1.00 1.65  ? 141 ARG A NE   1 
ATOM   725  C  CZ   . ARG A 1 50 ? 4.697   9.652   -7.334  1.00 2.04  ? 141 ARG A CZ   1 
ATOM   726  N  NH1  . ARG A 1 50 ? 4.732   10.868  -7.808  1.00 2.65  ? 141 ARG A NH1  1 
ATOM   727  N  NH2  . ARG A 1 50 ? 5.338   8.694   -7.946  1.00 2.61  ? 141 ARG A NH2  1 
ATOM   728  H  H    . ARG A 1 50 ? 0.246   9.297   -2.080  1.00 0.28  ? 141 ARG A H    1 
ATOM   729  H  HA   . ARG A 1 50 ? 2.280   7.345   -2.909  1.00 0.31  ? 141 ARG A HA   1 
ATOM   730  H  HB2  . ARG A 1 50 ? 1.328   9.967   -3.810  1.00 0.85  ? 141 ARG A HB2  1 
ATOM   731  H  HB3  . ARG A 1 50 ? 3.087   9.827   -3.854  1.00 0.82  ? 141 ARG A HB3  1 
ATOM   732  H  HG2  . ARG A 1 50 ? 2.682   7.543   -4.998  1.00 1.74  ? 141 ARG A HG2  1 
ATOM   733  H  HG3  . ARG A 1 50 ? 1.037   8.122   -5.264  1.00 1.77  ? 141 ARG A HG3  1 
ATOM   734  H  HD2  . ARG A 1 50 ? 2.273   8.723   -7.224  1.00 1.39  ? 141 ARG A HD2  1 
ATOM   735  H  HD3  . ARG A 1 50 ? 2.074   10.210  -6.296  1.00 1.29  ? 141 ARG A HD3  1 
ATOM   736  H  HE   . ARG A 1 50 ? 4.486   9.306   -5.390  1.00 2.28  ? 141 ARG A HE   1 
ATOM   737  H  HH11 . ARG A 1 50 ? 4.240   11.602  -7.339  1.00 2.91  ? 141 ARG A HH11 1 
ATOM   738  H  HH12 . ARG A 1 50 ? 5.249   11.066  -8.640  1.00 3.21  ? 141 ARG A HH12 1 
ATOM   739  H  HH21 . ARG A 1 50 ? 5.311   7.764   -7.582  1.00 2.84  ? 141 ARG A HH21 1 
ATOM   740  H  HH22 . ARG A 1 50 ? 5.856   8.891   -8.778  1.00 3.18  ? 141 ARG A HH22 1 
ATOM   741  N  N    . ARG A 1 51 ? 2.831   9.489   -0.583  1.00 0.27  ? 142 ARG A N    1 
ATOM   742  C  CA   . ARG A 1 51 ? 3.839   9.936   0.419   1.00 0.29  ? 142 ARG A CA   1 
ATOM   743  C  C    . ARG A 1 51 ? 3.585   9.221   1.748   1.00 0.23  ? 142 ARG A C    1 
ATOM   744  O  O    . ARG A 1 51 ? 4.220   9.501   2.745   1.00 0.23  ? 142 ARG A O    1 
ATOM   745  C  CB   . ARG A 1 51 ? 3.723   11.449  0.621   1.00 0.38  ? 142 ARG A CB   1 
ATOM   746  C  CG   . ARG A 1 51 ? 2.252   11.862  0.547   1.00 1.37  ? 142 ARG A CG   1 
ATOM   747  C  CD   . ARG A 1 51 ? 2.136   13.377  0.727   1.00 1.69  ? 142 ARG A CD   1 
ATOM   748  N  NE   . ARG A 1 51 ? 2.720   13.770  2.040   1.00 2.46  ? 142 ARG A NE   1 
ATOM   749  C  CZ   . ARG A 1 51 ? 2.772   15.029  2.381   1.00 2.96  ? 142 ARG A CZ   1 
ATOM   750  N  NH1  . ARG A 1 51 ? 1.839   15.851  1.984   1.00 3.60  ? 142 ARG A NH1  1 
ATOM   751  N  NH2  . ARG A 1 51 ? 3.757   15.466  3.117   1.00 3.33  ? 142 ARG A NH2  1 
ATOM   752  H  H    . ARG A 1 51 ? 1.885   9.714   -0.459  1.00 0.32  ? 142 ARG A H    1 
ATOM   753  H  HA   . ARG A 1 51 ? 4.830   9.695   0.064   1.00 0.33  ? 142 ARG A HA   1 
ATOM   754  H  HB2  . ARG A 1 51 ? 4.125   11.714  1.588   1.00 0.95  ? 142 ARG A HB2  1 
ATOM   755  H  HB3  . ARG A 1 51 ? 4.277   11.959  -0.152  1.00 1.10  ? 142 ARG A HB3  1 
ATOM   756  H  HG2  . ARG A 1 51 ? 1.846   11.582  -0.414  1.00 1.97  ? 142 ARG A HG2  1 
ATOM   757  H  HG3  . ARG A 1 51 ? 1.698   11.367  1.331   1.00 1.94  ? 142 ARG A HG3  1 
ATOM   758  H  HD2  . ARG A 1 51 ? 2.672   13.875  -0.068  1.00 1.89  ? 142 ARG A HD2  1 
ATOM   759  H  HD3  . ARG A 1 51 ? 1.096   13.666  0.695   1.00 2.12  ? 142 ARG A HD3  1 
ATOM   760  H  HE   . ARG A 1 51 ? 3.064   13.083  2.648   1.00 3.00  ? 142 ARG A HE   1 
ATOM   761  H  HH11 . ARG A 1 51 ? 1.086   15.516  1.419   1.00 3.83  ? 142 ARG A HH11 1 
ATOM   762  H  HH12 . ARG A 1 51 ? 1.879   16.815  2.244   1.00 4.14  ? 142 ARG A HH12 1 
ATOM   763  H  HH21 . ARG A 1 51 ? 4.472   14.836  3.422   1.00 3.36  ? 142 ARG A HH21 1 
ATOM   764  H  HH22 . ARG A 1 51 ? 3.797   16.431  3.377   1.00 3.91  ? 142 ARG A HH22 1 
ATOM   765  N  N    . CYS A 1 52 ? 2.660   8.299   1.771   1.00 0.24  ? 143 CYS A N    1 
ATOM   766  C  CA   . CYS A 1 52 ? 2.367   7.568   3.035   1.00 0.23  ? 143 CYS A CA   1 
ATOM   767  C  C    . CYS A 1 52 ? 3.174   6.269   3.071   1.00 0.22  ? 143 CYS A C    1 
ATOM   768  O  O    . CYS A 1 52 ? 3.393   5.692   4.118   1.00 0.27  ? 143 CYS A O    1 
ATOM   769  C  CB   . CYS A 1 52 ? 0.873   7.241   3.101   1.00 0.29  ? 143 CYS A CB   1 
ATOM   770  S  SG   . CYS A 1 52 ? -0.024  8.652   3.794   1.00 0.47  ? 143 CYS A SG   1 
ATOM   771  H  H    . CYS A 1 52 ? 2.158   8.087   0.957   1.00 0.28  ? 143 CYS A H    1 
ATOM   772  H  HA   . CYS A 1 52 ? 2.638   8.184   3.879   1.00 0.25  ? 143 CYS A HA   1 
ATOM   773  H  HB2  . CYS A 1 52 ? 0.506   7.035   2.106   1.00 0.54  ? 143 CYS A HB2  1 
ATOM   774  H  HB3  . CYS A 1 52 ? 0.721   6.375   3.728   1.00 0.53  ? 143 CYS A HB3  1 
ATOM   775  N  N    . VAL A 1 53 ? 3.618   5.803   1.935   1.00 0.25  ? 144 VAL A N    1 
ATOM   776  C  CA   . VAL A 1 53 ? 4.411   4.542   1.907   1.00 0.32  ? 144 VAL A CA   1 
ATOM   777  C  C    . VAL A 1 53 ? 5.727   4.752   2.657   1.00 0.31  ? 144 VAL A C    1 
ATOM   778  O  O    . VAL A 1 53 ? 6.194   3.883   3.366   1.00 0.36  ? 144 VAL A O    1 
ATOM   779  C  CB   . VAL A 1 53 ? 4.707   4.159   0.456   1.00 0.40  ? 144 VAL A CB   1 
ATOM   780  C  CG1  . VAL A 1 53 ? 5.493   2.847   0.424   1.00 0.52  ? 144 VAL A CG1  1 
ATOM   781  C  CG2  . VAL A 1 53 ? 3.389   3.981   -0.301  1.00 0.50  ? 144 VAL A CG2  1 
ATOM   782  H  H    . VAL A 1 53 ? 3.430   6.284   1.102   1.00 0.28  ? 144 VAL A H    1 
ATOM   783  H  HA   . VAL A 1 53 ? 3.848   3.752   2.380   1.00 0.38  ? 144 VAL A HA   1 
ATOM   784  H  HB   . VAL A 1 53 ? 5.290   4.939   -0.012  1.00 0.44  ? 144 VAL A HB   1 
ATOM   785  H  HG11 . VAL A 1 53 ? 5.279   2.277   1.316   1.00 1.16  ? 144 VAL A HG11 1 
ATOM   786  H  HG12 . VAL A 1 53 ? 5.206   2.276   -0.446  1.00 1.04  ? 144 VAL A HG12 1 
ATOM   787  H  HG13 . VAL A 1 53 ? 6.551   3.062   0.380   1.00 1.14  ? 144 VAL A HG13 1 
ATOM   788  H  HG21 . VAL A 1 53 ? 2.651   4.661   0.096   1.00 1.20  ? 144 VAL A HG21 1 
ATOM   789  H  HG22 . VAL A 1 53 ? 3.544   4.190   -1.349  1.00 1.10  ? 144 VAL A HG22 1 
ATOM   790  H  HG23 . VAL A 1 53 ? 3.041   2.964   -0.184  1.00 1.01  ? 144 VAL A HG23 1 
ATOM   791  N  N    . ARG A 1 54 ? 6.329   5.901   2.510   1.00 0.32  ? 145 ARG A N    1 
ATOM   792  C  CA   . ARG A 1 54 ? 7.614   6.165   3.217   1.00 0.38  ? 145 ARG A CA   1 
ATOM   793  C  C    . ARG A 1 54 ? 7.370   6.169   4.727   1.00 0.36  ? 145 ARG A C    1 
ATOM   794  O  O    . ARG A 1 54 ? 8.295   6.156   5.515   1.00 0.43  ? 145 ARG A O    1 
ATOM   795  C  CB   . ARG A 1 54 ? 8.162   7.527   2.785   1.00 0.48  ? 145 ARG A CB   1 
ATOM   796  C  CG   . ARG A 1 54 ? 9.666   7.414   2.523   1.00 1.07  ? 145 ARG A CG   1 
ATOM   797  C  CD   . ARG A 1 54 ? 10.143  8.644   1.750   1.00 1.60  ? 145 ARG A CD   1 
ATOM   798  N  NE   . ARG A 1 54 ? 11.391  8.310   1.008   1.00 2.48  ? 145 ARG A NE   1 
ATOM   799  C  CZ   . ARG A 1 54 ? 12.356  9.184   0.926   1.00 3.06  ? 145 ARG A CZ   1 
ATOM   800  N  NH1  . ARG A 1 54 ? 12.078  10.450  0.764   1.00 3.73  ? 145 ARG A NH1  1 
ATOM   801  N  NH2  . ARG A 1 54 ? 13.598  8.795   1.007   1.00 3.49  ? 145 ARG A NH2  1 
ATOM   802  H  H    . ARG A 1 54 ? 5.935   6.589   1.934   1.00 0.34  ? 145 ARG A H    1 
ATOM   803  H  HA   . ARG A 1 54 ? 8.328   5.394   2.968   1.00 0.44  ? 145 ARG A HA   1 
ATOM   804  H  HB2  . ARG A 1 54 ? 7.661   7.847   1.882   1.00 0.85  ? 145 ARG A HB2  1 
ATOM   805  H  HB3  . ARG A 1 54 ? 7.988   8.250   3.567   1.00 0.86  ? 145 ARG A HB3  1 
ATOM   806  H  HG2  . ARG A 1 54 ? 10.191  7.353   3.465   1.00 1.63  ? 145 ARG A HG2  1 
ATOM   807  H  HG3  . ARG A 1 54 ? 9.864   6.526   1.942   1.00 1.71  ? 145 ARG A HG3  1 
ATOM   808  H  HD2  . ARG A 1 54 ? 9.379   8.949   1.050   1.00 2.02  ? 145 ARG A HD2  1 
ATOM   809  H  HD3  . ARG A 1 54 ? 10.340  9.450   2.441   1.00 1.99  ? 145 ARG A HD3  1 
ATOM   810  H  HE   . ARG A 1 54 ? 11.488  7.433   0.580   1.00 3.01  ? 145 ARG A HE   1 
ATOM   811  H  HH11 . ARG A 1 54 ? 11.125  10.748  0.701   1.00 3.92  ? 145 ARG A HH11 1 
ATOM   812  H  HH12 . ARG A 1 54 ? 12.817  11.120  0.701   1.00 4.33  ? 145 ARG A HH12 1 
ATOM   813  H  HH21 . ARG A 1 54 ? 13.812  7.826   1.131   1.00 3.51  ? 145 ARG A HH21 1 
ATOM   814  H  HH22 . ARG A 1 54 ? 14.338  9.465   0.945   1.00 4.13  ? 145 ARG A HH22 1 
ATOM   815  N  N    . SER A 1 55 ? 6.132   6.189   5.137   1.00 0.34  ? 146 SER A N    1 
ATOM   816  C  CA   . SER A 1 55 ? 5.829   6.194   6.596   1.00 0.39  ? 146 SER A CA   1 
ATOM   817  C  C    . SER A 1 55 ? 5.589   4.759   7.072   1.00 0.40  ? 146 SER A C    1 
ATOM   818  O  O    . SER A 1 55 ? 5.838   4.425   8.213   1.00 0.54  ? 146 SER A O    1 
ATOM   819  C  CB   . SER A 1 55 ? 4.576   7.031   6.854   1.00 0.48  ? 146 SER A CB   1 
ATOM   820  O  OG   . SER A 1 55 ? 4.613   8.195   6.036   1.00 0.55  ? 146 SER A OG   1 
ATOM   821  H  H    . SER A 1 55 ? 5.400   6.200   4.486   1.00 0.33  ? 146 SER A H    1 
ATOM   822  H  HA   . SER A 1 55 ? 6.663   6.617   7.136   1.00 0.43  ? 146 SER A HA   1 
ATOM   823  H  HB2  . SER A 1 55 ? 3.699   6.455   6.611   1.00 0.51  ? 146 SER A HB2  1 
ATOM   824  H  HB3  . SER A 1 55 ? 4.542   7.314   7.898   1.00 0.55  ? 146 SER A HB3  1 
ATOM   825  H  HG   . SER A 1 55 ? 4.586   8.962   6.611   1.00 0.93  ? 146 SER A HG   1 
ATOM   826  N  N    . VAL A 1 56 ? 5.106   3.909   6.208   1.00 0.36  ? 147 VAL A N    1 
ATOM   827  C  CA   . VAL A 1 56 ? 4.849   2.498   6.613   1.00 0.41  ? 147 VAL A CA   1 
ATOM   828  C  C    . VAL A 1 56 ? 6.163   1.708   6.568   1.00 0.42  ? 147 VAL A C    1 
ATOM   829  O  O    . VAL A 1 56 ? 6.962   1.894   5.672   1.00 0.42  ? 147 VAL A O    1 
ATOM   830  C  CB   . VAL A 1 56 ? 3.843   1.866   5.650   1.00 0.44  ? 147 VAL A CB   1 
ATOM   831  C  CG1  . VAL A 1 56 ? 3.346   0.541   6.227   1.00 0.61  ? 147 VAL A CG1  1 
ATOM   832  C  CG2  . VAL A 1 56 ? 2.658   2.815   5.458   1.00 0.54  ? 147 VAL A CG2  1 
ATOM   833  H  H    . VAL A 1 56 ? 4.910   4.199   5.292   1.00 0.38  ? 147 VAL A H    1 
ATOM   834  H  HA   . VAL A 1 56 ? 4.448   2.483   7.615   1.00 0.51  ? 147 VAL A HA   1 
ATOM   835  H  HB   . VAL A 1 56 ? 4.322   1.687   4.698   1.00 0.46  ? 147 VAL A HB   1 
ATOM   836  H  HG11 . VAL A 1 56 ? 4.189   -0.106  6.421   1.00 1.26  ? 147 VAL A HG11 1 
ATOM   837  H  HG12 . VAL A 1 56 ? 2.815   0.725   7.148   1.00 1.19  ? 147 VAL A HG12 1 
ATOM   838  H  HG13 . VAL A 1 56 ? 2.683   0.066   5.518   1.00 1.17  ? 147 VAL A HG13 1 
ATOM   839  H  HG21 . VAL A 1 56 ? 2.901   3.783   5.869   1.00 1.15  ? 147 VAL A HG21 1 
ATOM   840  H  HG22 . VAL A 1 56 ? 2.443   2.915   4.404   1.00 1.08  ? 147 VAL A HG22 1 
ATOM   841  H  HG23 . VAL A 1 56 ? 1.792   2.416   5.965   1.00 1.15  ? 147 VAL A HG23 1 
ATOM   842  N  N    . PRO A 1 57 ? 6.347   0.847   7.539   1.00 0.54  ? 148 PRO A N    1 
ATOM   843  C  CA   . PRO A 1 57 ? 7.555   0.007   7.640   1.00 0.63  ? 148 PRO A CA   1 
ATOM   844  C  C    . PRO A 1 57 ? 7.451   -1.209  6.711   1.00 0.63  ? 148 PRO A C    1 
ATOM   845  O  O    . PRO A 1 57 ? 7.827   -2.306  7.071   1.00 1.01  ? 148 PRO A O    1 
ATOM   846  C  CB   . PRO A 1 57 ? 7.560   -0.436  9.105   1.00 0.80  ? 148 PRO A CB   1 
ATOM   847  C  CG   . PRO A 1 57 ? 6.098   -0.320  9.600   1.00 0.83  ? 148 PRO A CG   1 
ATOM   848  C  CD   . PRO A 1 57 ? 5.375   0.633   8.630   1.00 0.67  ? 148 PRO A CD   1 
ATOM   849  H  HA   . PRO A 1 57 ? 8.441   0.582   7.425   1.00 0.65  ? 148 PRO A HA   1 
ATOM   850  H  HB2  . PRO A 1 57 ? 7.901   -1.460  9.180   1.00 0.87  ? 148 PRO A HB2  1 
ATOM   851  H  HB3  . PRO A 1 57 ? 8.194   0.212   9.688   1.00 0.87  ? 148 PRO A HB3  1 
ATOM   852  H  HG2  . PRO A 1 57 ? 5.626   -1.293  9.588   1.00 0.89  ? 148 PRO A HG2  1 
ATOM   853  H  HG3  . PRO A 1 57 ? 6.076   0.090   10.599  1.00 0.95  ? 148 PRO A HG3  1 
ATOM   854  H  HD2  . PRO A 1 57 ? 4.472   0.173   8.253   1.00 0.68  ? 148 PRO A HD2  1 
ATOM   855  H  HD3  . PRO A 1 57 ? 5.150   1.570   9.117   1.00 0.69  ? 148 PRO A HD3  1 
ATOM   856  N  N    . SER A 1 58 ? 6.943   -1.026  5.522   1.00 0.65  ? 149 SER A N    1 
ATOM   857  C  CA   . SER A 1 58 ? 6.819   -2.176  4.582   1.00 0.68  ? 149 SER A CA   1 
ATOM   858  C  C    . SER A 1 58 ? 6.274   -3.393  5.332   1.00 0.72  ? 149 SER A C    1 
ATOM   859  O  O    . SER A 1 58 ? 6.995   -4.324  5.631   1.00 0.94  ? 149 SER A O    1 
ATOM   860  C  CB   . SER A 1 58 ? 8.191   -2.508  3.998   1.00 0.76  ? 149 SER A CB   1 
ATOM   861  O  OG   . SER A 1 58 ? 9.202   -2.009  4.864   1.00 1.49  ? 149 SER A OG   1 
ATOM   862  H  H    . SER A 1 58 ? 6.645   -0.137  5.247   1.00 0.95  ? 149 SER A H    1 
ATOM   863  H  HA   . SER A 1 58 ? 6.142   -1.914  3.781   1.00 0.69  ? 149 SER A HA   1 
ATOM   864  H  HB2  . SER A 1 58 ? 8.298   -3.577  3.909   1.00 1.35  ? 149 SER A HB2  1 
ATOM   865  H  HB3  . SER A 1 58 ? 8.285   -2.056  3.020   1.00 1.26  ? 149 SER A HB3  1 
ATOM   866  H  HG   . SER A 1 58 ? 10.035  -2.420  4.617   1.00 1.91  ? 149 SER A HG   1 
ATOM   867  N  N    . LEU A 1 59 ? 5.006   -3.394  5.640   1.00 0.75  ? 150 LEU A N    1 
ATOM   868  C  CA   . LEU A 1 59 ? 4.416   -4.551  6.370   1.00 0.86  ? 150 LEU A CA   1 
ATOM   869  C  C    . LEU A 1 59 ? 3.655   -5.442  5.386   1.00 0.71  ? 150 LEU A C    1 
ATOM   870  O  O    . LEU A 1 59 ? 2.485   -5.720  5.563   1.00 0.85  ? 150 LEU A O    1 
ATOM   871  C  CB   . LEU A 1 59 ? 3.454   -4.038  7.444   1.00 1.08  ? 150 LEU A CB   1 
ATOM   872  C  CG   . LEU A 1 59 ? 3.941   -4.485  8.822   1.00 1.77  ? 150 LEU A CG   1 
ATOM   873  C  CD1  . LEU A 1 59 ? 4.357   -3.260  9.639   1.00 2.54  ? 150 LEU A CD1  1 
ATOM   874  C  CD2  . LEU A 1 59 ? 2.811   -5.220  9.548   1.00 2.19  ? 150 LEU A CD2  1 
ATOM   875  H  H    . LEU A 1 59 ? 4.441   -2.633  5.390   1.00 0.85  ? 150 LEU A H    1 
ATOM   876  H  HA   . LEU A 1 59 ? 5.205   -5.122  6.837   1.00 0.99  ? 150 LEU A HA   1 
ATOM   877  H  HB2  . LEU A 1 59 ? 3.415   -2.959  7.407   1.00 1.60  ? 150 LEU A HB2  1 
ATOM   878  H  HB3  . LEU A 1 59 ? 2.468   -4.440  7.265   1.00 1.27  ? 150 LEU A HB3  1 
ATOM   879  H  HG   . LEU A 1 59 ? 4.788   -5.146  8.708   1.00 2.27  ? 150 LEU A HG   1 
ATOM   880  H  HD11 . LEU A 1 59 ? 4.160   -2.364  9.069   1.00 2.93  ? 150 LEU A HD11 1 
ATOM   881  H  HD12 . LEU A 1 59 ? 3.793   -3.233  10.559  1.00 2.90  ? 150 LEU A HD12 1 
ATOM   882  H  HD13 . LEU A 1 59 ? 5.412   -3.320  9.864   1.00 3.05  ? 150 LEU A HD13 1 
ATOM   883  H  HD21 . LEU A 1 59 ? 2.331   -5.905  8.864   1.00 2.55  ? 150 LEU A HD21 1 
ATOM   884  H  HD22 . LEU A 1 59 ? 3.217   -5.771  10.383  1.00 2.60  ? 150 LEU A HD22 1 
ATOM   885  H  HD23 . LEU A 1 59 ? 2.088   -4.503  9.906   1.00 2.58  ? 150 LEU A HD23 1 
ATOM   886  N  N    . CYS A 1 60 ? 4.308   -5.890  4.349   1.00 0.58  ? 151 CYS A N    1 
ATOM   887  C  CA   . CYS A 1 60 ? 3.621   -6.761  3.355   1.00 0.52  ? 151 CYS A CA   1 
ATOM   888  C  C    . CYS A 1 60 ? 4.137   -8.195  3.489   1.00 0.65  ? 151 CYS A C    1 
ATOM   889  O  O    . CYS A 1 60 ? 5.301   -8.423  3.755   1.00 0.96  ? 151 CYS A O    1 
ATOM   890  C  CB   . CYS A 1 60 ? 3.905   -6.246  1.943   1.00 0.49  ? 151 CYS A CB   1 
ATOM   891  S  SG   . CYS A 1 60 ? 2.604   -6.814  0.821   1.00 0.50  ? 151 CYS A SG   1 
ATOM   892  H  H    . CYS A 1 60 ? 5.250   -5.653  4.224   1.00 0.65  ? 151 CYS A H    1 
ATOM   893  H  HA   . CYS A 1 60 ? 2.556   -6.744  3.538   1.00 0.63  ? 151 CYS A HA   1 
ATOM   894  H  HB2  . CYS A 1 60 ? 3.928   -5.166  1.952   1.00 0.57  ? 151 CYS A HB2  1 
ATOM   895  H  HB3  . CYS A 1 60 ? 4.860   -6.624  1.608   1.00 0.59  ? 151 CYS A HB3  1 
ATOM   896  N  N    . GLY A 1 61 ? 3.282   -9.164  3.307   1.00 0.98  ? 152 GLY A N    1 
ATOM   897  C  CA   . GLY A 1 61 ? 3.725   -10.581 3.424   1.00 1.19  ? 152 GLY A CA   1 
ATOM   898  C  C    . GLY A 1 61 ? 4.202   -10.852 4.852   1.00 1.33  ? 152 GLY A C    1 
ATOM   899  O  O    . GLY A 1 61 ? 4.822   -11.859 5.129   1.00 1.95  ? 152 GLY A O    1 
ATOM   900  H  H    . GLY A 1 61 ? 2.348   -8.958  3.093   1.00 1.31  ? 152 GLY A H    1 
ATOM   901  H  HA2  . GLY A 1 61 ? 2.900   -11.237 3.187   1.00 1.52  ? 152 GLY A HA2  1 
ATOM   902  H  HA3  . GLY A 1 61 ? 4.538   -10.763 2.738   1.00 1.48  ? 152 GLY A HA3  1 
ATOM   903  N  N    . VAL A 1 62 ? 3.916   -9.962  5.762   1.00 1.59  ? 153 VAL A N    1 
ATOM   904  C  CA   . VAL A 1 62 ? 4.353   -10.170 7.172   1.00 2.19  ? 153 VAL A CA   1 
ATOM   905  C  C    . VAL A 1 62 ? 3.135   -10.114 8.095   1.00 2.85  ? 153 VAL A C    1 
ATOM   906  O  O    . VAL A 1 62 ? 3.211   -9.633  9.209   1.00 3.53  ? 153 VAL A O    1 
ATOM   907  C  CB   . VAL A 1 62 ? 5.343   -9.073  7.566   1.00 2.79  ? 153 VAL A CB   1 
ATOM   908  C  CG1  . VAL A 1 62 ? 4.633   -7.718  7.563   1.00 3.33  ? 153 VAL A CG1  1 
ATOM   909  C  CG2  . VAL A 1 62 ? 5.887   -9.360  8.966   1.00 3.35  ? 153 VAL A CG2  1 
ATOM   910  H  H    . VAL A 1 62 ? 3.414   -9.155  5.518   1.00 1.87  ? 153 VAL A H    1 
ATOM   911  H  HA   . VAL A 1 62 ? 4.828   -11.134 7.262   1.00 2.30  ? 153 VAL A HA   1 
ATOM   912  H  HB   . VAL A 1 62 ? 6.158   -9.054  6.857   1.00 3.15  ? 153 VAL A HB   1 
ATOM   913  H  HG11 . VAL A 1 62 ? 4.059   -7.615  6.655   1.00 3.64  ? 153 VAL A HG11 1 
ATOM   914  H  HG12 . VAL A 1 62 ? 3.975   -7.655  8.416   1.00 3.71  ? 153 VAL A HG12 1 
ATOM   915  H  HG13 . VAL A 1 62 ? 5.368   -6.927  7.617   1.00 3.63  ? 153 VAL A HG13 1 
ATOM   916  H  HG21 . VAL A 1 62 ? 5.664   -10.381 9.238   1.00 3.62  ? 153 VAL A HG21 1 
ATOM   917  H  HG22 . VAL A 1 62 ? 6.957   -9.210  8.975   1.00 3.67  ? 153 VAL A HG22 1 
ATOM   918  H  HG23 . VAL A 1 62 ? 5.425   -8.691  9.677   1.00 3.80  ? 153 VAL A HG23 1 
ATOM   919  N  N    . ASP A 1 63 ? 2.013   -10.602 7.643   1.00 3.09  ? 154 ASP A N    1 
ATOM   920  C  CA   . ASP A 1 63 ? 0.792   -10.577 8.496   1.00 4.06  ? 154 ASP A CA   1 
ATOM   921  C  C    . ASP A 1 63 ? 1.089   -11.267 9.829   1.00 4.29  ? 154 ASP A C    1 
ATOM   922  O  O    . ASP A 1 63 ? 1.517   -10.645 10.780  1.00 4.57  ? 154 ASP A O    1 
ATOM   923  C  CB   . ASP A 1 63 ? -0.344  -11.312 7.782   1.00 4.69  ? 154 ASP A CB   1 
ATOM   924  C  CG   . ASP A 1 63 ? -0.780  -10.510 6.555   1.00 5.36  ? 154 ASP A CG   1 
ATOM   925  O  OD1  . ASP A 1 63 ? -1.412  -9.484  6.736   1.00 5.82  ? 154 ASP A OD1  1 
ATOM   926  O  OD2  . ASP A 1 63 ? -0.473  -10.937 5.453   1.00 5.75  ? 154 ASP A OD2  1 
ATOM   927  H  H    . ASP A 1 63 ? 1.975   -10.985 6.742   1.00 2.89  ? 154 ASP A H    1 
ATOM   928  H  HA   . ASP A 1 63 ? 0.500   -9.553  8.678   1.00 4.55  ? 154 ASP A HA   1 
ATOM   929  H  HB2  . ASP A 1 63 ? -0.002  -12.289 7.472   1.00 4.70  ? 154 ASP A HB2  1 
ATOM   930  H  HB3  . ASP A 1 63 ? -1.181  -11.420 8.455   1.00 5.09  ? 154 ASP A HB3  1 
ATOM   931  N  N    . HIS A 1 64 ? 0.866   -12.551 9.904   1.00 4.57  ? 155 HIS A N    1 
ATOM   932  C  CA   . HIS A 1 64 ? 1.135   -13.283 11.175  1.00 5.05  ? 155 HIS A CA   1 
ATOM   933  C  C    . HIS A 1 64 ? 0.428   -14.639 11.142  1.00 5.17  ? 155 HIS A C    1 
ATOM   934  O  O    . HIS A 1 64 ? -0.086  -15.058 10.123  1.00 5.46  ? 155 HIS A O    1 
ATOM   935  C  CB   . HIS A 1 64 ? 0.612   -12.463 12.357  1.00 5.77  ? 155 HIS A CB   1 
ATOM   936  C  CG   . HIS A 1 64 ? -0.696  -11.823 11.983  1.00 6.49  ? 155 HIS A CG   1 
ATOM   937  N  ND1  . HIS A 1 64 ? -1.807  -12.569 11.620  1.00 6.95  ? 155 HIS A ND1  1 
ATOM   938  C  CD2  . HIS A 1 64 ? -1.088  -10.510 11.911  1.00 7.18  ? 155 HIS A CD2  1 
ATOM   939  C  CE1  . HIS A 1 64 ? -2.804  -11.707 11.348  1.00 7.80  ? 155 HIS A CE1  1 
ATOM   940  N  NE2  . HIS A 1 64 ? -2.418  -10.437 11.510  1.00 7.98  ? 155 HIS A NE2  1 
ATOM   941  H  H    . HIS A 1 64 ? 0.521   -13.035 9.125   1.00 4.72  ? 155 HIS A H    1 
ATOM   942  H  HA   . HIS A 1 64 ? 2.199   -13.434 11.285  1.00 5.22  ? 155 HIS A HA   1 
ATOM   943  H  HB2  . HIS A 1 64 ? 0.466   -13.112 13.207  1.00 6.07  ? 155 HIS A HB2  1 
ATOM   944  H  HB3  . HIS A 1 64 ? 1.329   -11.696 12.608  1.00 5.85  ? 155 HIS A HB3  1 
ATOM   945  H  HD1  . HIS A 1 64 ? -1.857  -13.547 11.570  1.00 6.87  ? 155 HIS A HD1  1 
ATOM   946  H  HD2  . HIS A 1 64 ? -0.458  -9.659  12.132  1.00 7.30  ? 155 HIS A HD2  1 
ATOM   947  H  HE1  . HIS A 1 64 ? -3.794  -12.005 11.038  1.00 8.45  ? 155 HIS A HE1  1 
ATOM   948  N  N    . THR A 1 65 ? 0.395   -15.328 12.249  1.00 5.37  ? 156 THR A N    1 
ATOM   949  C  CA   . THR A 1 65 ? -0.280  -16.657 12.281  1.00 5.86  ? 156 THR A CA   1 
ATOM   950  C  C    . THR A 1 65 ? -1.322  -16.670 13.401  1.00 5.87  ? 156 THR A C    1 
ATOM   951  O  O    . THR A 1 65 ? -1.048  -16.289 14.522  1.00 5.97  ? 156 THR A O    1 
ATOM   952  C  CB   . THR A 1 65 ? 0.760   -17.751 12.534  1.00 6.36  ? 156 THR A CB   1 
ATOM   953  O  OG1  . THR A 1 65 ? 1.115   -17.756 13.909  1.00 6.28  ? 156 THR A OG1  1 
ATOM   954  C  CG2  . THR A 1 65 ? 2.002   -17.484 11.683  1.00 6.77  ? 156 THR A CG2  1 
ATOM   955  H  H    . THR A 1 65 ? 0.814   -14.973 13.060  1.00 5.47  ? 156 THR A H    1 
ATOM   956  H  HA   . THR A 1 65 ? -0.768  -16.835 11.334  1.00 6.24  ? 156 THR A HA   1 
ATOM   957  H  HB   . THR A 1 65 ? 0.345   -18.711 12.265  1.00 6.84  ? 156 THR A HB   1 
ATOM   958  H  HG1  . THR A 1 65 ? 1.062   -16.852 14.232  1.00 6.67  ? 156 THR A HG1  1 
ATOM   959  H  HG21 . THR A 1 65 ? 1.721   -17.430 10.642  1.00 6.99  ? 156 THR A HG21 1 
ATOM   960  H  HG22 . THR A 1 65 ? 2.449   -16.547 11.985  1.00 7.06  ? 156 THR A HG22 1 
ATOM   961  H  HG23 . THR A 1 65 ? 2.713   -18.283 11.823  1.00 6.87  ? 156 THR A HG23 1 
ATOM   962  N  N    . GLU A 1 66 ? -2.517  -17.105 13.107  1.00 6.11  ? 157 GLU A N    1 
ATOM   963  C  CA   . GLU A 1 66 ? -3.575  -17.139 14.155  1.00 6.42  ? 157 GLU A CA   1 
ATOM   964  C  C    . GLU A 1 66 ? -3.003  -17.737 15.442  1.00 6.81  ? 157 GLU A C    1 
ATOM   965  O  O    . GLU A 1 66 ? -1.901  -18.248 15.464  1.00 7.25  ? 157 GLU A O    1 
ATOM   966  C  CB   . GLU A 1 66 ? -4.746  -17.997 13.669  1.00 6.78  ? 157 GLU A CB   1 
ATOM   967  C  CG   . GLU A 1 66 ? -5.548  -17.219 12.624  1.00 6.84  ? 157 GLU A CG   1 
ATOM   968  C  CD   . GLU A 1 66 ? -6.170  -15.982 13.275  1.00 7.41  ? 157 GLU A CD   1 
ATOM   969  O  OE1  . GLU A 1 66 ? -6.005  -15.823 14.473  1.00 7.63  ? 157 GLU A OE1  1 
ATOM   970  O  OE2  . GLU A 1 66 ? -6.800  -15.216 12.564  1.00 7.89  ? 157 GLU A OE2  1 
ATOM   971  H  H    . GLU A 1 66 ? -2.718  -17.406 12.197  1.00 6.31  ? 157 GLU A H    1 
ATOM   972  H  HA   . GLU A 1 66 ? -3.922  -16.136 14.349  1.00 6.48  ? 157 GLU A HA   1 
ATOM   973  H  HB2  . GLU A 1 66 ? -4.366  -18.908 13.229  1.00 6.95  ? 157 GLU A HB2  1 
ATOM   974  H  HB3  . GLU A 1 66 ? -5.386  -18.240 14.504  1.00 7.14  ? 157 GLU A HB3  1 
ATOM   975  H  HG2  . GLU A 1 66 ? -4.891  -16.913 11.822  1.00 6.78  ? 157 GLU A HG2  1 
ATOM   976  H  HG3  . GLU A 1 66 ? -6.331  -17.848 12.229  1.00 6.90  ? 157 GLU A HG3  1 
ATOM   977  N  N    . ARG A 1 67 ? -3.743  -17.676 16.516  1.00 6.95  ? 158 ARG A N    1 
ATOM   978  C  CA   . ARG A 1 67 ? -3.241  -18.238 17.801  1.00 7.56  ? 158 ARG A CA   1 
ATOM   979  C  C    . ARG A 1 67 ? -3.971  -19.550 18.099  1.00 7.81  ? 158 ARG A C    1 
ATOM   980  O  O    . ARG A 1 67 ? -4.581  -19.708 19.137  1.00 8.47  ? 158 ARG A O    1 
ATOM   981  C  CB   . ARG A 1 67 ? -3.496  -17.246 18.942  1.00 7.92  ? 158 ARG A CB   1 
ATOM   982  C  CG   . ARG A 1 67 ? -3.422  -15.809 18.424  1.00 7.91  ? 158 ARG A CG   1 
ATOM   983  C  CD   . ARG A 1 67 ? -1.960  -15.391 18.333  1.00 8.69  ? 158 ARG A CD   1 
ATOM   984  N  NE   . ARG A 1 67 ? -1.809  -14.327 17.301  1.00 8.96  ? 158 ARG A NE   1 
ATOM   985  C  CZ   . ARG A 1 67 ? -2.027  -13.078 17.613  1.00 9.60  ? 158 ARG A CZ   1 
ATOM   986  N  NH1  . ARG A 1 67 ? -3.178  -12.721 18.111  1.00 9.99  ? 158 ARG A NH1  1 
ATOM   987  N  NH2  . ARG A 1 67 ? -1.092  -12.187 17.426  1.00 10.06 ? 158 ARG A NH2  1 
ATOM   988  H  H    . ARG A 1 67 ? -4.629  -17.259 16.477  1.00 6.83  ? 158 ARG A H    1 
ATOM   989  H  HA   . ARG A 1 67 ? -2.180  -18.427 17.719  1.00 7.88  ? 158 ARG A HA   1 
ATOM   990  H  HB2  . ARG A 1 67 ? -4.471  -17.421 19.359  1.00 7.90  ? 158 ARG A HB2  1 
ATOM   991  H  HB3  . ARG A 1 67 ? -2.750  -17.386 19.710  1.00 8.48  ? 158 ARG A HB3  1 
ATOM   992  H  HG2  . ARG A 1 67 ? -3.880  -15.745 17.450  1.00 7.90  ? 158 ARG A HG2  1 
ATOM   993  H  HG3  . ARG A 1 67 ? -3.939  -15.153 19.109  1.00 7.66  ? 158 ARG A HG3  1 
ATOM   994  H  HD2  . ARG A 1 67 ? -1.638  -15.015 19.292  1.00 8.96  ? 158 ARG A HD2  1 
ATOM   995  H  HD3  . ARG A 1 67 ? -1.362  -16.248 18.061  1.00 9.02  ? 158 ARG A HD3  1 
ATOM   996  H  HE   . ARG A 1 67 ? -1.547  -14.565 16.386  1.00 8.84  ? 158 ARG A HE   1 
ATOM   997  H  HH11 . ARG A 1 67 ? -3.895  -13.404 18.254  1.00 9.81  ? 158 ARG A HH11 1 
ATOM   998  H  HH12 . ARG A 1 67 ? -3.345  -11.764 18.351  1.00 10.60 ? 158 ARG A HH12 1 
ATOM   999  H  HH21 . ARG A 1 67 ? -0.210  -12.460 17.044  1.00 9.94  ? 158 ARG A HH21 1 
ATOM   1000 H  HH22 . ARG A 1 67 ? -1.259  -11.230 17.665  1.00 10.67 ? 158 ARG A HH22 1 
ATOM   1001 N  N    . ARG A 1 68 ? -3.912  -20.492 17.198  1.00 7.53  ? 159 ARG A N    1 
ATOM   1002 C  CA   . ARG A 1 68 ? -4.604  -21.790 17.433  1.00 8.08  ? 159 ARG A CA   1 
ATOM   1003 C  C    . ARG A 1 68 ? -3.571  -22.917 17.487  1.00 8.33  ? 159 ARG A C    1 
ATOM   1004 O  O    . ARG A 1 68 ? -2.469  -22.707 17.006  1.00 8.40  ? 159 ARG A O    1 
ATOM   1005 C  CB   . ARG A 1 68 ? -5.591  -22.057 16.295  1.00 8.11  ? 159 ARG A CB   1 
ATOM   1006 C  CG   . ARG A 1 68 ? -6.274  -20.749 15.893  1.00 7.86  ? 159 ARG A CG   1 
ATOM   1007 C  CD   . ARG A 1 68 ? -6.978  -20.144 17.109  1.00 8.35  ? 159 ARG A CD   1 
ATOM   1008 N  NE   . ARG A 1 68 ? -8.454  -20.219 16.916  1.00 8.80  ? 159 ARG A NE   1 
ATOM   1009 C  CZ   . ARG A 1 68 ? -9.224  -20.578 17.908  1.00 9.47  ? 159 ARG A CZ   1 
ATOM   1010 N  NH1  . ARG A 1 68 ? -8.870  -20.315 19.136  1.00 9.69  ? 159 ARG A NH1  1 
ATOM   1011 N  NH2  . ARG A 1 68 ? -10.347 -21.198 17.671  1.00 10.15 ? 159 ARG A NH2  1 
ATOM   1012 H  H    . ARG A 1 68 ? -3.415  -20.345 16.366  1.00 7.16  ? 159 ARG A H    1 
ATOM   1013 H  HA   . ARG A 1 68 ? -5.138  -21.749 18.371  1.00 8.58  ? 159 ARG A HA   1 
ATOM   1014 H  HB2  . ARG A 1 68 ? -5.059  -22.463 15.446  1.00 8.36  ? 159 ARG A HB2  1 
ATOM   1015 H  HB3  . ARG A 1 68 ? -6.338  -22.764 16.624  1.00 8.38  ? 159 ARG A HB3  1 
ATOM   1016 H  HG2  . ARG A 1 68 ? -5.533  -20.055 15.523  1.00 7.75  ? 159 ARG A HG2  1 
ATOM   1017 H  HG3  . ARG A 1 68 ? -7.001  -20.945 15.119  1.00 7.77  ? 159 ARG A HG3  1 
ATOM   1018 H  HD2  . ARG A 1 68 ? -6.703  -20.696 17.996  1.00 8.50  ? 159 ARG A HD2  1 
ATOM   1019 H  HD3  . ARG A 1 68 ? -6.682  -19.112 17.220  1.00 8.52  ? 159 ARG A HD3  1 
ATOM   1020 H  HE   . ARG A 1 68 ? -8.847  -20.000 16.047  1.00 8.77  ? 159 ARG A HE   1 
ATOM   1021 H  HH11 . ARG A 1 68 ? -8.010  -19.839 19.318  1.00 9.35  ? 159 ARG A HH11 1 
ATOM   1022 H  HH12 . ARG A 1 68 ? -9.460  -20.589 19.896  1.00 10.32 ? 159 ARG A HH12 1 
ATOM   1023 H  HH21 . ARG A 1 68 ? -10.618 -21.400 16.730  1.00 10.17 ? 159 ARG A HH21 1 
ATOM   1024 H  HH22 . ARG A 1 68 ? -10.937 -21.472 18.430  1.00 10.76 ? 159 ARG A HH22 1 
HETATM 1025 ZN ZN   . ZN  B 2 .  ? 0.901   -5.273  0.927   1.00 0.45  ? 1   ZN  A ZN   1 
HETATM 1026 ZN ZN   . ZN  C 2 .  ? -2.260  8.261   3.421   1.00 0.29  ? 2   ZN  A ZN   1 
# 
